data_4R47
# 
_entry.id   4R47 
# 
_audit_conform.dict_name       mmcif_pdbx.dic 
_audit_conform.dict_version    5.379 
_audit_conform.dict_location   http://mmcif.pdb.org/dictionaries/ascii/mmcif_pdbx.dic 
# 
loop_
_database_2.database_id 
_database_2.database_code 
_database_2.pdbx_database_accession 
_database_2.pdbx_DOI 
PDB   4R47         pdb_00004r47 10.2210/pdb4r47/pdb 
NDB   NA3147       ?            ?                   
RCSB  RCSB086877   ?            ?                   
WWPDB D_1000086877 ?            ?                   
# 
loop_
_pdbx_database_related.db_name 
_pdbx_database_related.db_id 
_pdbx_database_related.details 
_pdbx_database_related.content_type 
PDB 4R44 'Racemic crystal structure of a tetramolecular DNA G-quadruplex'     unspecified 
PDB 4R45 'Racemic crystal structure of a bimolecular DNA G-quadruplex (P-1)'  unspecified 
PDB 4R48 'Racemic crystal structure of a calcium-bound DNA four-way junction' unspecified 
PDB 4R49 'Racemic crystal structure of a calcium-bound B-DNA duplex'          unspecified 
PDB 4R4A 'Racemic crystal structure of a cobalt-bound B-DNA duplex'           unspecified 
PDB 4R4D 'Racemic crystal structure of a magnesium-bound B-DNA duplex'        unspecified 
# 
_pdbx_database_status.status_code                     REL 
_pdbx_database_status.entry_id                        4R47 
_pdbx_database_status.recvd_initial_deposition_date   2014-08-19 
_pdbx_database_status.deposit_site                    RCSB 
_pdbx_database_status.process_site                    RCSB 
_pdbx_database_status.status_code_sf                  REL 
_pdbx_database_status.status_code_mr                  ? 
_pdbx_database_status.SG_entry                        ? 
_pdbx_database_status.status_code_cs                  ? 
_pdbx_database_status.methods_development_category    ? 
_pdbx_database_status.pdb_format_compatible           Y 
_pdbx_database_status.status_code_nmr_data            ? 
# 
loop_
_audit_author.name 
_audit_author.pdbx_ordinal 
'Mandal, P.K.'  1 
'Collie, G.W.'  2 
'Kauffmann, B.' 3 
'Huc, I.'       4 
# 
_citation.id                        primary 
_citation.title                     'Racemic DNA crystallography.' 
_citation.journal_abbrev            Angew.Chem.Int.Ed.Engl. 
_citation.journal_volume            53 
_citation.page_first                14424 
_citation.page_last                 14427 
_citation.year                      2014 
_citation.journal_id_ASTM           ? 
_citation.country                   GE 
_citation.journal_id_ISSN           1433-7851 
_citation.journal_id_CSD            9999 
_citation.book_publisher            ? 
_citation.pdbx_database_id_PubMed   25358289 
_citation.pdbx_database_id_DOI      10.1002/anie.201409014 
# 
loop_
_citation_author.citation_id 
_citation_author.name 
_citation_author.ordinal 
_citation_author.identifier_ORCID 
primary 'Mandal, P.K.'  1 ? 
primary 'Collie, G.W.'  2 ? 
primary 'Kauffmann, B.' 3 ? 
primary 'Huc, I.'       4 ? 
# 
_cell.entry_id           4R47 
_cell.length_a           28.500 
_cell.length_b           47.300 
_cell.length_c           46.800 
_cell.angle_alpha        90.00 
_cell.angle_beta         97.02 
_cell.angle_gamma        90.00 
_cell.Z_PDB              8 
_cell.pdbx_unique_axis   ? 
_cell.length_a_esd       ? 
_cell.length_b_esd       ? 
_cell.length_c_esd       ? 
_cell.angle_alpha_esd    ? 
_cell.angle_beta_esd     ? 
_cell.angle_gamma_esd    ? 
# 
_symmetry.entry_id                         4R47 
_symmetry.space_group_name_H-M             'P 1 21/n 1' 
_symmetry.pdbx_full_space_group_name_H-M   ? 
_symmetry.cell_setting                     ? 
_symmetry.Int_Tables_number                14 
_symmetry.space_group_name_Hall            ? 
# 
loop_
_entity.id 
_entity.type 
_entity.src_method 
_entity.pdbx_description 
_entity.formula_weight 
_entity.pdbx_number_of_molecules 
_entity.pdbx_ec 
_entity.pdbx_mutation 
_entity.pdbx_fragment 
_entity.details 
1 polymer     syn "5'-D(*GP*GP*GP*GP*TP*TP*TP*TP*GP*GP*GP*G)-3'" 3805.460 2   ? ? ? 'Bimolecular G-Quadruplex' 
2 non-polymer syn 'POTASSIUM ION'                                39.098   5   ? ? ? ?                          
3 non-polymer syn 'MAGNESIUM ION'                                24.305   3   ? ? ? ?                          
4 water       nat water                                          18.015   151 ? ? ? ?                          
# 
_entity_poly.entity_id                      1 
_entity_poly.type                           polydeoxyribonucleotide 
_entity_poly.nstd_linkage                   no 
_entity_poly.nstd_monomer                   no 
_entity_poly.pdbx_seq_one_letter_code       '(DG)(DG)(DG)(DG)(DT)(DT)(DT)(DT)(DG)(DG)(DG)(DG)' 
_entity_poly.pdbx_seq_one_letter_code_can   GGGGTTTTGGGG 
_entity_poly.pdbx_strand_id                 A,B 
_entity_poly.pdbx_target_identifier         ? 
# 
loop_
_entity_poly_seq.entity_id 
_entity_poly_seq.num 
_entity_poly_seq.mon_id 
_entity_poly_seq.hetero 
1 1  DG n 
1 2  DG n 
1 3  DG n 
1 4  DG n 
1 5  DT n 
1 6  DT n 
1 7  DT n 
1 8  DT n 
1 9  DG n 
1 10 DG n 
1 11 DG n 
1 12 DG n 
# 
_pdbx_entity_src_syn.entity_id              1 
_pdbx_entity_src_syn.pdbx_src_id            1 
_pdbx_entity_src_syn.pdbx_alt_source_flag   sample 
_pdbx_entity_src_syn.pdbx_beg_seq_num       ? 
_pdbx_entity_src_syn.pdbx_end_seq_num       ? 
_pdbx_entity_src_syn.organism_scientific    'synthetic construct' 
_pdbx_entity_src_syn.organism_common_name   ? 
_pdbx_entity_src_syn.ncbi_taxonomy_id       32630 
_pdbx_entity_src_syn.details                ? 
# 
_struct_ref.id                         1 
_struct_ref.db_name                    PDB 
_struct_ref.db_code                    4R47 
_struct_ref.pdbx_db_accession          4R47 
_struct_ref.entity_id                  1 
_struct_ref.pdbx_align_begin           1 
_struct_ref.pdbx_seq_one_letter_code   GGGGTTTTGGGG 
_struct_ref.pdbx_db_isoform            ? 
# 
loop_
_struct_ref_seq.align_id 
_struct_ref_seq.ref_id 
_struct_ref_seq.pdbx_PDB_id_code 
_struct_ref_seq.pdbx_strand_id 
_struct_ref_seq.seq_align_beg 
_struct_ref_seq.pdbx_seq_align_beg_ins_code 
_struct_ref_seq.seq_align_end 
_struct_ref_seq.pdbx_seq_align_end_ins_code 
_struct_ref_seq.pdbx_db_accession 
_struct_ref_seq.db_align_beg 
_struct_ref_seq.pdbx_db_align_beg_ins_code 
_struct_ref_seq.db_align_end 
_struct_ref_seq.pdbx_db_align_end_ins_code 
_struct_ref_seq.pdbx_auth_seq_align_beg 
_struct_ref_seq.pdbx_auth_seq_align_end 
1 1 4R47 A 1 ? 12 ? 4R47 1001 ? 1012 ? 1001 1012 
2 1 4R47 B 1 ? 12 ? 4R47 2001 ? 2012 ? 2001 2012 
# 
loop_
_chem_comp.id 
_chem_comp.type 
_chem_comp.mon_nstd_flag 
_chem_comp.name 
_chem_comp.pdbx_synonyms 
_chem_comp.formula 
_chem_comp.formula_weight 
DG  'DNA linking' y "2'-DEOXYGUANOSINE-5'-MONOPHOSPHATE" ? 'C10 H14 N5 O7 P' 347.221 
DT  'DNA linking' y "THYMIDINE-5'-MONOPHOSPHATE"         ? 'C10 H15 N2 O8 P' 322.208 
HOH non-polymer   . WATER                                ? 'H2 O'            18.015  
K   non-polymer   . 'POTASSIUM ION'                      ? 'K 1'             39.098  
MG  non-polymer   . 'MAGNESIUM ION'                      ? 'Mg 2'            24.305  
# 
_exptl.entry_id          4R47 
_exptl.method            'X-RAY DIFFRACTION' 
_exptl.crystals_number   1 
# 
_exptl_crystal.id                    1 
_exptl_crystal.density_meas          ? 
_exptl_crystal.density_Matthews      2.06 
_exptl_crystal.density_percent_sol   40.20 
_exptl_crystal.description           ? 
_exptl_crystal.F_000                 ? 
_exptl_crystal.preparation           ? 
# 
_exptl_crystal_grow.crystal_id      1 
_exptl_crystal_grow.method          'VAPOR DIFFUSION, HANGING DROP' 
_exptl_crystal_grow.temp            285 
_exptl_crystal_grow.temp_details    ? 
_exptl_crystal_grow.pH              6.6 
_exptl_crystal_grow.pdbx_pH_range   ? 
_exptl_crystal_grow.pdbx_details    
;1 mM DNA, 50 mM potassium cacodylate, 40 mM potassium chloride, 75 mM magnesium chloride hexahydrate, 2.5 mM spermine, 5% v/v MPD, pH 6.6, VAPOR DIFFUSION, HANGING DROP, temperature 285K
;
# 
_diffrn.id                     1 
_diffrn.ambient_temp           100 
_diffrn.ambient_temp_details   ? 
_diffrn.crystal_id             1 
# 
_diffrn_detector.diffrn_id              1 
_diffrn_detector.detector               PIXEL 
_diffrn_detector.type                   'DECTRIS PILATUS 200K' 
_diffrn_detector.pdbx_collection_date   2013-11-13 
_diffrn_detector.details                ? 
# 
_diffrn_radiation.diffrn_id                        1 
_diffrn_radiation.wavelength_id                    1 
_diffrn_radiation.pdbx_monochromatic_or_laue_m_l   M 
_diffrn_radiation.monochromator                    graphite 
_diffrn_radiation.pdbx_diffrn_protocol             'SINGLE WAVELENGTH' 
_diffrn_radiation.pdbx_scattering_type             x-ray 
# 
_diffrn_radiation_wavelength.id           1 
_diffrn_radiation_wavelength.wavelength   1.5418 
_diffrn_radiation_wavelength.wt           1.0 
# 
_diffrn_source.diffrn_id                   1 
_diffrn_source.source                      'ROTATING ANODE' 
_diffrn_source.type                        RIGAKU 
_diffrn_source.pdbx_synchrotron_site       ? 
_diffrn_source.pdbx_synchrotron_beamline   ? 
_diffrn_source.pdbx_wavelength             ? 
_diffrn_source.pdbx_wavelength_list        1.5418 
# 
_reflns.pdbx_diffrn_id               1 
_reflns.pdbx_ordinal                 1 
_reflns.entry_id                     4R47 
_reflns.observed_criterion_sigma_I   2.0 
_reflns.observed_criterion_sigma_F   2.0 
_reflns.d_resolution_low             24.28 
_reflns.d_resolution_high            1.85 
_reflns.number_obs                   9676 
_reflns.number_all                   10338 
_reflns.percent_possible_obs         93.6 
_reflns.pdbx_Rmerge_I_obs            0.0736 
_reflns.pdbx_Rsym_value              ? 
_reflns.pdbx_netI_over_sigmaI        10.25 
_reflns.B_iso_Wilson_estimate        ? 
_reflns.pdbx_redundancy              1.9 
_reflns.R_free_details               ? 
_reflns.pdbx_chi_squared             ? 
_reflns.pdbx_scaling_rejects         ? 
# 
_reflns_shell.pdbx_diffrn_id         1 
_reflns_shell.pdbx_ordinal           1 
_reflns_shell.d_res_high             1.85 
_reflns_shell.d_res_low              1.91 
_reflns_shell.percent_possible_all   96.52 
_reflns_shell.Rmerge_I_obs           0.1591 
_reflns_shell.pdbx_Rsym_value        ? 
_reflns_shell.meanI_over_sigI_obs    3.47 
_reflns_shell.pdbx_redundancy        1.9 
_reflns_shell.percent_possible_obs   ? 
_reflns_shell.number_unique_all      ? 
_reflns_shell.number_measured_all    ? 
_reflns_shell.number_measured_obs    ? 
_reflns_shell.number_unique_obs      ? 
_reflns_shell.pdbx_chi_squared       ? 
# 
_refine.pdbx_refine_id                           'X-RAY DIFFRACTION' 
_refine.entry_id                                 4R47 
_refine.pdbx_diffrn_id                           1 
_refine.pdbx_TLS_residual_ADP_flag               ? 
_refine.ls_number_reflns_obs                     9376 
_refine.ls_number_reflns_all                     9840 
_refine.pdbx_ls_sigma_I                          ? 
_refine.pdbx_ls_sigma_F                          . 
_refine.pdbx_data_cutoff_high_absF               ? 
_refine.pdbx_data_cutoff_low_absF                ? 
_refine.pdbx_data_cutoff_high_rms_absF           ? 
_refine.ls_d_res_low                             24.28 
_refine.ls_d_res_high                            1.85 
_refine.ls_percent_reflns_obs                    95.77 
_refine.ls_R_factor_obs                          0.28373 
_refine.ls_R_factor_all                          ? 
_refine.ls_R_factor_R_work                       0.28262 
_refine.ls_R_factor_R_free                       0.30361 
_refine.ls_R_factor_R_free_error                 ? 
_refine.ls_R_factor_R_free_error_details         ? 
_refine.ls_percent_reflns_R_free                 5.3 
_refine.ls_number_reflns_R_free                  522 
_refine.ls_number_parameters                     ? 
_refine.ls_number_restraints                     ? 
_refine.occupancy_min                            ? 
_refine.occupancy_max                            ? 
_refine.correlation_coeff_Fo_to_Fc               0.915 
_refine.correlation_coeff_Fo_to_Fc_free          0.897 
_refine.B_iso_mean                               12.361 
_refine.aniso_B[1][1]                            -0.33 
_refine.aniso_B[2][2]                            0.27 
_refine.aniso_B[3][3]                            0.10 
_refine.aniso_B[1][2]                            0.00 
_refine.aniso_B[1][3]                            -0.17 
_refine.aniso_B[2][3]                            0.00 
_refine.solvent_model_details                    MASK 
_refine.solvent_model_param_ksol                 ? 
_refine.solvent_model_param_bsol                 ? 
_refine.pdbx_solvent_vdw_probe_radii             1.20 
_refine.pdbx_solvent_ion_probe_radii             0.80 
_refine.pdbx_solvent_shrinkage_radii             0.80 
_refine.pdbx_ls_cross_valid_method               THROUGHOUT 
_refine.details                                  'HYDROGENS HAVE BEEN ADDED IN THE RIDING POSITIONS' 
_refine.pdbx_starting_model                      'PDB ENTRY 1JRN' 
_refine.pdbx_method_to_determine_struct          'MOLECULAR REPLACEMENT' 
_refine.pdbx_isotropic_thermal_model             ? 
_refine.pdbx_stereochemistry_target_values       'MAXIMUM LIKELIHOOD' 
_refine.pdbx_stereochem_target_val_spec_case     ? 
_refine.pdbx_R_Free_selection_details            RANDOM 
_refine.pdbx_overall_ESU_R                       0.171 
_refine.pdbx_overall_ESU_R_Free                  0.155 
_refine.overall_SU_ML                            0.076 
_refine.pdbx_overall_phase_error                 ? 
_refine.overall_SU_B                             2.511 
_refine.overall_SU_R_Cruickshank_DPI             ? 
_refine.pdbx_overall_SU_R_free_Cruickshank_DPI   ? 
_refine.pdbx_overall_SU_R_Blow_DPI               ? 
_refine.pdbx_overall_SU_R_free_Blow_DPI          ? 
_refine.ls_redundancy_reflns_obs                 ? 
_refine.overall_SU_R_free                        ? 
_refine.ls_wR_factor_R_free                      ? 
_refine.ls_wR_factor_R_work                      ? 
_refine.overall_FOM_free_R_set                   ? 
_refine.overall_FOM_work_R_set                   ? 
# 
_refine_hist.pdbx_refine_id                   'X-RAY DIFFRACTION' 
_refine_hist.cycle_id                         LAST 
_refine_hist.pdbx_number_atoms_protein        0 
_refine_hist.pdbx_number_atoms_nucleic_acid   506 
_refine_hist.pdbx_number_atoms_ligand         8 
_refine_hist.number_atoms_solvent             151 
_refine_hist.number_atoms_total               665 
_refine_hist.d_res_high                       1.85 
_refine_hist.d_res_low                        24.28 
# 
loop_
_refine_ls_restr.type 
_refine_ls_restr.dev_ideal 
_refine_ls_restr.dev_ideal_target 
_refine_ls_restr.weight 
_refine_ls_restr.number 
_refine_ls_restr.pdbx_refine_id 
_refine_ls_restr.pdbx_restraint_function 
r_bond_refined_d             0.009 0.011 ? 568 'X-RAY DIFFRACTION' ? 
r_bond_other_d               ?     ?     ? ?   'X-RAY DIFFRACTION' ? 
r_angle_refined_deg          1.525 1.136 ? 880 'X-RAY DIFFRACTION' ? 
r_angle_other_deg            ?     ?     ? ?   'X-RAY DIFFRACTION' ? 
r_dihedral_angle_1_deg       ?     ?     ? ?   'X-RAY DIFFRACTION' ? 
r_dihedral_angle_2_deg       ?     ?     ? ?   'X-RAY DIFFRACTION' ? 
r_dihedral_angle_3_deg       ?     ?     ? ?   'X-RAY DIFFRACTION' ? 
r_dihedral_angle_4_deg       ?     ?     ? ?   'X-RAY DIFFRACTION' ? 
r_chiral_restr               0.096 0.200 ? 72  'X-RAY DIFFRACTION' ? 
r_gen_planes_refined         0.018 0.020 ? 272 'X-RAY DIFFRACTION' ? 
r_gen_planes_other           0.002 0.020 ? 108 'X-RAY DIFFRACTION' ? 
r_nbd_refined                ?     ?     ? ?   'X-RAY DIFFRACTION' ? 
r_nbd_other                  ?     ?     ? ?   'X-RAY DIFFRACTION' ? 
r_nbtor_refined              ?     ?     ? ?   'X-RAY DIFFRACTION' ? 
r_nbtor_other                ?     ?     ? ?   'X-RAY DIFFRACTION' ? 
r_xyhbond_nbd_refined        ?     ?     ? ?   'X-RAY DIFFRACTION' ? 
r_xyhbond_nbd_other          ?     ?     ? ?   'X-RAY DIFFRACTION' ? 
r_metal_ion_refined          ?     ?     ? ?   'X-RAY DIFFRACTION' ? 
r_metal_ion_other            ?     ?     ? ?   'X-RAY DIFFRACTION' ? 
r_symmetry_vdw_refined       ?     ?     ? ?   'X-RAY DIFFRACTION' ? 
r_symmetry_vdw_other         ?     ?     ? ?   'X-RAY DIFFRACTION' ? 
r_symmetry_hbond_refined     ?     ?     ? ?   'X-RAY DIFFRACTION' ? 
r_symmetry_hbond_other       ?     ?     ? ?   'X-RAY DIFFRACTION' ? 
r_symmetry_metal_ion_refined ?     ?     ? ?   'X-RAY DIFFRACTION' ? 
r_symmetry_metal_ion_other   ?     ?     ? ?   'X-RAY DIFFRACTION' ? 
r_mcbond_it                  ?     ?     ? ?   'X-RAY DIFFRACTION' ? 
r_mcbond_other               ?     ?     ? ?   'X-RAY DIFFRACTION' ? 
r_mcangle_it                 ?     ?     ? ?   'X-RAY DIFFRACTION' ? 
r_mcangle_other              ?     ?     ? ?   'X-RAY DIFFRACTION' ? 
r_scbond_it                  0.922 0.932 ? 568 'X-RAY DIFFRACTION' ? 
r_scbond_other               ?     ?     ? ?   'X-RAY DIFFRACTION' ? 
r_scangle_it                 ?     ?     ? ?   'X-RAY DIFFRACTION' ? 
r_scangle_other              ?     ?     ? ?   'X-RAY DIFFRACTION' ? 
r_long_range_B_refined       ?     ?     ? ?   'X-RAY DIFFRACTION' ? 
r_long_range_B_other         ?     ?     ? ?   'X-RAY DIFFRACTION' ? 
r_rigid_bond_restr           ?     ?     ? ?   'X-RAY DIFFRACTION' ? 
r_sphericity_free            ?     ?     ? ?   'X-RAY DIFFRACTION' ? 
r_sphericity_bonded          ?     ?     ? ?   'X-RAY DIFFRACTION' ? 
# 
_refine_ls_shell.pdbx_refine_id                   'X-RAY DIFFRACTION' 
_refine_ls_shell.pdbx_total_number_of_bins_used   20 
_refine_ls_shell.d_res_high                       1.850 
_refine_ls_shell.d_res_low                        1.898 
_refine_ls_shell.number_reflns_R_work             721 
_refine_ls_shell.R_factor_R_work                  0.325 
_refine_ls_shell.percent_reflns_obs               98.07 
_refine_ls_shell.R_factor_R_free                  0.273 
_refine_ls_shell.R_factor_R_free_error            ? 
_refine_ls_shell.percent_reflns_R_free            ? 
_refine_ls_shell.number_reflns_R_free             41 
_refine_ls_shell.number_reflns_all                ? 
_refine_ls_shell.R_factor_all                     ? 
_refine_ls_shell.redundancy_reflns_obs            ? 
_refine_ls_shell.number_reflns_obs                ? 
# 
_struct.entry_id                  4R47 
_struct.title                     'Racemic crystal structure of a bimolecular DNA G-quadruplex (P21/n)' 
_struct.pdbx_model_details        ? 
_struct.pdbx_CASP_flag            ? 
_struct.pdbx_model_type_details   ? 
# 
_struct_keywords.entry_id        4R47 
_struct_keywords.pdbx_keywords   DNA 
_struct_keywords.text            'racemic DNA, racemates, DNA' 
# 
loop_
_struct_asym.id 
_struct_asym.pdbx_blank_PDB_chainid_flag 
_struct_asym.pdbx_modified 
_struct_asym.entity_id 
_struct_asym.details 
A N N 1 ? 
B N N 1 ? 
C N N 2 ? 
D N N 2 ? 
E N N 2 ? 
F N N 2 ? 
G N N 3 ? 
H N N 3 ? 
I N N 2 ? 
J N N 3 ? 
K N N 4 ? 
L N N 4 ? 
# 
_struct_biol.id        1 
_struct_biol.details   ? 
# 
loop_
_struct_conn.id 
_struct_conn.conn_type_id 
_struct_conn.pdbx_leaving_atom_flag 
_struct_conn.pdbx_PDB_id 
_struct_conn.ptnr1_label_asym_id 
_struct_conn.ptnr1_label_comp_id 
_struct_conn.ptnr1_label_seq_id 
_struct_conn.ptnr1_label_atom_id 
_struct_conn.pdbx_ptnr1_label_alt_id 
_struct_conn.pdbx_ptnr1_PDB_ins_code 
_struct_conn.pdbx_ptnr1_standard_comp_id 
_struct_conn.ptnr1_symmetry 
_struct_conn.ptnr2_label_asym_id 
_struct_conn.ptnr2_label_comp_id 
_struct_conn.ptnr2_label_seq_id 
_struct_conn.ptnr2_label_atom_id 
_struct_conn.pdbx_ptnr2_label_alt_id 
_struct_conn.pdbx_ptnr2_PDB_ins_code 
_struct_conn.ptnr1_auth_asym_id 
_struct_conn.ptnr1_auth_comp_id 
_struct_conn.ptnr1_auth_seq_id 
_struct_conn.ptnr2_auth_asym_id 
_struct_conn.ptnr2_auth_comp_id 
_struct_conn.ptnr2_auth_seq_id 
_struct_conn.ptnr2_symmetry 
_struct_conn.pdbx_ptnr3_label_atom_id 
_struct_conn.pdbx_ptnr3_label_seq_id 
_struct_conn.pdbx_ptnr3_label_comp_id 
_struct_conn.pdbx_ptnr3_label_asym_id 
_struct_conn.pdbx_ptnr3_label_alt_id 
_struct_conn.pdbx_ptnr3_PDB_ins_code 
_struct_conn.details 
_struct_conn.pdbx_dist_value 
_struct_conn.pdbx_value_order 
_struct_conn.pdbx_role 
metalc1  metalc ? ? A DG 1  O6 ? ? ? 1_555 C K   .  K  ? ? A DG 1001 A K   1101 1_555 ? ? ? ? ? ? ?               2.718 ? ? 
metalc2  metalc ? ? A DG 1  O6 ? ? ? 1_555 I K   .  K  ? ? A DG 1001 B K   2101 1_555 ? ? ? ? ? ? ?               3.031 ? ? 
metalc3  metalc ? ? A DG 2  O6 ? ? ? 1_555 C K   .  K  ? ? A DG 1002 A K   1101 1_555 ? ? ? ? ? ? ?               2.895 ? ? 
metalc4  metalc ? ? A DG 2  O6 ? ? ? 1_555 E K   .  K  ? ? A DG 1002 A K   1103 1_555 ? ? ? ? ? ? ?               2.612 ? ? 
metalc5  metalc ? ? A DG 3  O6 ? ? ? 1_555 D K   .  K  ? ? A DG 1003 A K   1102 1_555 ? ? ? ? ? ? ?               2.907 ? ? 
metalc6  metalc ? ? A DG 3  O6 ? ? ? 1_555 E K   .  K  ? ? A DG 1003 A K   1103 1_555 ? ? ? ? ? ? ?               2.813 ? ? 
metalc7  metalc ? ? A DG 4  O6 ? ? ? 1_555 D K   .  K  ? ? A DG 1004 A K   1102 1_555 ? ? ? ? ? ? ?               2.796 ? ? 
metalc8  metalc ? ? A DG 4  O6 ? ? ? 1_555 F K   .  K  ? ? A DG 1004 A K   1104 1_555 ? ? ? ? ? ? ?               3.101 ? ? 
metalc9  metalc ? ? A DT 5  O2 ? ? ? 1_555 F K   .  K  ? ? A DT 1005 A K   1104 1_555 ? ? ? ? ? ? ?               2.800 ? ? 
metalc10 metalc ? ? A DT 7  O2 ? ? ? 1_555 F K   .  K  ? ? A DT 1007 A K   1104 1_555 ? ? ? ? ? ? ?               2.716 ? ? 
metalc11 metalc ? ? A DG 9  O6 ? ? ? 1_555 D K   .  K  ? ? A DG 1009 A K   1102 1_555 ? ? ? ? ? ? ?               2.799 ? ? 
metalc12 metalc ? ? A DG 9  O6 ? ? ? 1_555 F K   .  K  ? ? A DG 1009 A K   1104 1_555 ? ? ? ? ? ? ?               3.039 ? ? 
metalc13 metalc ? ? A DG 10 O6 ? ? ? 1_555 D K   .  K  ? ? A DG 1010 A K   1102 1_555 ? ? ? ? ? ? ?               2.839 ? ? 
metalc14 metalc ? ? A DG 10 O6 ? ? ? 1_555 E K   .  K  ? ? A DG 1010 A K   1103 1_555 ? ? ? ? ? ? ?               2.847 ? ? 
metalc15 metalc ? ? A DG 11 O6 ? ? ? 1_555 C K   .  K  ? ? A DG 1011 A K   1101 1_555 ? ? ? ? ? ? ?               2.807 ? ? 
metalc16 metalc ? ? A DG 11 O6 ? ? ? 1_555 E K   .  K  ? ? A DG 1011 A K   1103 1_555 ? ? ? ? ? ? ?               2.880 ? ? 
metalc17 metalc ? ? A DG 12 O6 ? ? ? 1_555 C K   .  K  ? ? A DG 1012 A K   1101 1_555 ? ? ? ? ? ? ?               2.731 ? ? 
metalc18 metalc ? ? A DG 12 O6 ? ? ? 1_555 I K   .  K  ? ? A DG 1012 B K   2101 1_555 ? ? ? ? ? ? ?               2.839 ? ? 
metalc19 metalc ? ? C K  .  K  ? ? ? 1_555 B DG  3  O6 ? ? A K  1101 B DG  2003 1_555 ? ? ? ? ? ? ?               2.814 ? ? 
metalc20 metalc ? ? C K  .  K  ? ? ? 1_555 B DG  4  O6 ? ? A K  1101 B DG  2004 1_555 ? ? ? ? ? ? ?               2.819 ? ? 
metalc21 metalc ? ? C K  .  K  ? ? ? 1_555 B DG  9  O6 ? ? A K  1101 B DG  2009 1_555 ? ? ? ? ? ? ?               2.852 ? ? 
metalc22 metalc ? ? C K  .  K  ? ? ? 1_555 B DG  10 O6 ? ? A K  1101 B DG  2010 1_555 ? ? ? ? ? ? ?               2.736 ? ? 
metalc23 metalc ? ? D K  .  K  ? ? ? 1_555 B DG  1  O6 ? ? A K  1102 B DG  2001 1_555 ? ? ? ? ? ? ?               2.741 ? ? 
metalc24 metalc ? ? D K  .  K  ? ? ? 1_555 B DG  2  O6 ? ? A K  1102 B DG  2002 1_555 ? ? ? ? ? ? ?               2.910 ? ? 
metalc25 metalc ? ? D K  .  K  ? ? ? 1_555 B DG  11 O6 ? ? A K  1102 B DG  2011 1_555 ? ? ? ? ? ? ?               2.786 ? ? 
metalc26 metalc ? ? D K  .  K  ? ? ? 1_555 B DG  12 O6 ? ? A K  1102 B DG  2012 1_555 ? ? ? ? ? ? ?               2.786 ? ? 
metalc27 metalc ? ? E K  .  K  ? ? ? 1_555 B DG  2  O6 ? ? A K  1103 B DG  2002 1_555 ? ? ? ? ? ? ?               2.827 ? ? 
metalc28 metalc ? ? E K  .  K  ? ? ? 1_555 B DG  3  O6 ? ? A K  1103 B DG  2003 1_555 ? ? ? ? ? ? ?               2.806 ? ? 
metalc29 metalc ? ? E K  .  K  ? ? ? 1_555 B DG  10 O6 ? ? A K  1103 B DG  2010 1_555 ? ? ? ? ? ? ?               2.726 ? ? 
metalc30 metalc ? ? E K  .  K  ? ? ? 1_555 B DG  11 O6 ? ? A K  1103 B DG  2011 1_555 ? ? ? ? ? ? ?               2.950 ? ? 
metalc31 metalc ? ? F K  .  K  ? ? ? 1_555 K HOH .  O  ? ? A K  1104 A HOH 1208 1_555 ? ? ? ? ? ? ?               2.962 ? ? 
metalc32 metalc ? ? F K  .  K  ? ? ? 1_555 K HOH .  O  ? ? A K  1104 A HOH 1236 1_555 ? ? ? ? ? ? ?               2.635 ? ? 
metalc33 metalc ? ? F K  .  K  ? ? ? 1_555 B DG  1  O6 ? ? A K  1104 B DG  2001 1_555 ? ? ? ? ? ? ?               3.201 ? ? 
metalc34 metalc ? ? F K  .  K  ? ? ? 1_555 B DG  12 O6 ? ? A K  1104 B DG  2012 1_555 ? ? ? ? ? ? ?               2.874 ? ? 
metalc35 metalc ? ? G MG .  MG ? ? ? 1_555 K HOH .  O  ? ? A MG 1105 A HOH 1225 1_555 ? ? ? ? ? ? ?               2.226 ? ? 
metalc36 metalc ? ? G MG .  MG ? ? ? 1_555 K HOH .  O  ? ? A MG 1105 A HOH 1235 1_555 ? ? ? ? ? ? ?               2.312 ? ? 
metalc37 metalc ? ? G MG .  MG ? ? ? 1_555 K HOH .  O  ? ? A MG 1105 A HOH 1248 1_555 ? ? ? ? ? ? ?               2.355 ? ? 
metalc38 metalc ? ? H MG .  MG ? ? ? 1_555 K HOH .  O  ? ? A MG 1106 A HOH 1206 1_555 ? ? ? ? ? ? ?               1.947 ? ? 
metalc39 metalc ? ? H MG .  MG ? ? ? 1_555 K HOH .  O  ? ? A MG 1106 A HOH 1224 1_555 ? ? ? ? ? ? ?               2.458 ? ? 
metalc40 metalc ? ? H MG .  MG ? ? ? 1_555 K HOH .  O  ? ? A MG 1106 A HOH 1234 1_555 ? ? ? ? ? ? ?               2.409 ? ? 
metalc41 metalc ? ? B DG 4  O6 ? ? ? 1_555 I K   .  K  ? ? B DG 2004 B K   2101 1_555 ? ? ? ? ? ? ?               2.932 ? ? 
metalc42 metalc ? ? B DT 5  O2 ? ? ? 1_555 I K   .  K  ? ? B DT 2005 B K   2101 1_555 ? ? ? ? ? ? ?               3.008 ? ? 
metalc43 metalc ? ? B DT 7  O2 ? ? ? 1_555 I K   .  K  ? ? B DT 2007 B K   2101 1_555 ? ? ? ? ? ? ?               2.662 ? ? 
metalc44 metalc ? ? B DG 9  O6 ? ? ? 1_555 I K   .  K  ? ? B DG 2009 B K   2101 1_555 ? ? ? ? ? ? ?               2.793 ? ? 
metalc45 metalc ? ? I K  .  K  ? ? ? 1_555 L HOH .  O  ? ? B K  2101 B HOH 2222 1_555 ? ? ? ? ? ? ?               2.846 ? ? 
metalc46 metalc ? ? I K  .  K  ? ? ? 1_555 L HOH .  O  ? ? B K  2101 B HOH 2242 1_555 ? ? ? ? ? ? ?               2.913 ? ? 
metalc47 metalc ? ? J MG .  MG ? ? ? 1_555 L HOH .  O  ? ? B MG 2102 B HOH 2210 1_555 ? ? ? ? ? ? ?               2.271 ? ? 
metalc48 metalc ? ? J MG .  MG ? ? ? 1_555 L HOH .  O  ? ? B MG 2102 B HOH 2236 1_555 ? ? ? ? ? ? ?               2.505 ? ? 
metalc49 metalc ? ? J MG .  MG ? ? ? 1_555 L HOH .  O  ? ? B MG 2102 B HOH 2243 1_555 ? ? ? ? ? ? ?               2.297 ? ? 
hydrog1  hydrog ? ? A DG 1  N7 ? ? ? 1_555 B DG  4  N2 ? ? A DG 1001 B DG  2004 1_555 ? ? ? ? ? ? TYPE_6_PAIR     ?     ? ? 
hydrog2  hydrog ? ? A DG 1  O6 ? ? ? 1_555 B DG  4  N1 ? ? A DG 1001 B DG  2004 1_555 ? ? ? ? ? ? TYPE_6_PAIR     ?     ? ? 
hydrog3  hydrog ? ? A DG 1  N1 ? ? ? 1_555 B DG  9  O6 ? ? A DG 1001 B DG  2009 1_555 ? ? ? ? ? ? TYPE_6_PAIR     ?     ? ? 
hydrog4  hydrog ? ? A DG 1  N2 ? ? ? 1_555 B DG  9  N7 ? ? A DG 1001 B DG  2009 1_555 ? ? ? ? ? ? TYPE_6_PAIR     ?     ? ? 
hydrog5  hydrog ? ? A DG 2  N1 ? ? ? 1_555 B DG  3  O6 ? ? A DG 1002 B DG  2003 1_555 ? ? ? ? ? ? TYPE_6_PAIR     ?     ? ? 
hydrog6  hydrog ? ? A DG 2  N2 ? ? ? 1_555 B DG  3  N7 ? ? A DG 1002 B DG  2003 1_555 ? ? ? ? ? ? TYPE_6_PAIR     ?     ? ? 
hydrog7  hydrog ? ? A DG 2  N7 ? ? ? 1_555 B DG  10 N2 ? ? A DG 1002 B DG  2010 1_555 ? ? ? ? ? ? TYPE_6_PAIR     ?     ? ? 
hydrog8  hydrog ? ? A DG 2  O6 ? ? ? 1_555 B DG  10 N1 ? ? A DG 1002 B DG  2010 1_555 ? ? ? ? ? ? TYPE_6_PAIR     ?     ? ? 
hydrog9  hydrog ? ? A DG 3  N7 ? ? ? 1_555 B DG  2  N2 ? ? A DG 1003 B DG  2002 1_555 ? ? ? ? ? ? TYPE_6_PAIR     ?     ? ? 
hydrog10 hydrog ? ? A DG 3  O6 ? ? ? 1_555 B DG  2  N1 ? ? A DG 1003 B DG  2002 1_555 ? ? ? ? ? ? TYPE_6_PAIR     ?     ? ? 
hydrog11 hydrog ? ? A DG 3  N1 ? ? ? 1_555 B DG  11 O6 ? ? A DG 1003 B DG  2011 1_555 ? ? ? ? ? ? TYPE_6_PAIR     ?     ? ? 
hydrog12 hydrog ? ? A DG 3  N2 ? ? ? 1_555 B DG  11 N7 ? ? A DG 1003 B DG  2011 1_555 ? ? ? ? ? ? TYPE_6_PAIR     ?     ? ? 
hydrog13 hydrog ? ? A DG 4  N1 ? ? ? 1_555 B DG  1  O6 ? ? A DG 1004 B DG  2001 1_555 ? ? ? ? ? ? TYPE_6_PAIR     ?     ? ? 
hydrog14 hydrog ? ? A DG 4  N2 ? ? ? 1_555 B DG  1  N7 ? ? A DG 1004 B DG  2001 1_555 ? ? ? ? ? ? TYPE_6_PAIR     ?     ? ? 
hydrog15 hydrog ? ? A DG 4  N7 ? ? ? 1_555 B DG  12 N2 ? ? A DG 1004 B DG  2012 1_555 ? ? ? ? ? ? TYPE_6_PAIR     ?     ? ? 
hydrog16 hydrog ? ? A DG 4  O6 ? ? ? 1_555 B DG  12 N1 ? ? A DG 1004 B DG  2012 1_555 ? ? ? ? ? ? TYPE_6_PAIR     ?     ? ? 
hydrog17 hydrog ? ? A DT 5  O2 ? ? ? 1_555 A DT  7  N3 ? ? A DT 1005 A DT  1007 1_555 ? ? ? ? ? ? 'DT-DT MISPAIR' ?     ? ? 
hydrog18 hydrog ? ? A DG 9  N7 ? ? ? 1_555 B DG  1  N2 ? ? A DG 1009 B DG  2001 1_555 ? ? ? ? ? ? TYPE_6_PAIR     ?     ? ? 
hydrog19 hydrog ? ? A DG 9  O6 ? ? ? 1_555 B DG  1  N1 ? ? A DG 1009 B DG  2001 1_555 ? ? ? ? ? ? TYPE_6_PAIR     ?     ? ? 
hydrog20 hydrog ? ? A DG 9  N1 ? ? ? 1_555 B DG  12 O6 ? ? A DG 1009 B DG  2012 1_555 ? ? ? ? ? ? TYPE_6_PAIR     ?     ? ? 
hydrog21 hydrog ? ? A DG 9  N2 ? ? ? 1_555 B DG  12 N7 ? ? A DG 1009 B DG  2012 1_555 ? ? ? ? ? ? TYPE_6_PAIR     ?     ? ? 
hydrog22 hydrog ? ? A DG 10 N1 ? ? ? 1_555 B DG  2  O6 ? ? A DG 1010 B DG  2002 1_555 ? ? ? ? ? ? TYPE_6_PAIR     ?     ? ? 
hydrog23 hydrog ? ? A DG 10 N2 ? ? ? 1_555 B DG  2  N7 ? ? A DG 1010 B DG  2002 1_555 ? ? ? ? ? ? TYPE_6_PAIR     ?     ? ? 
hydrog24 hydrog ? ? A DG 10 N7 ? ? ? 1_555 B DG  11 N2 ? ? A DG 1010 B DG  2011 1_555 ? ? ? ? ? ? TYPE_6_PAIR     ?     ? ? 
hydrog25 hydrog ? ? A DG 10 O6 ? ? ? 1_555 B DG  11 N1 ? ? A DG 1010 B DG  2011 1_555 ? ? ? ? ? ? TYPE_6_PAIR     ?     ? ? 
hydrog26 hydrog ? ? A DG 11 N7 ? ? ? 1_555 B DG  3  N2 ? ? A DG 1011 B DG  2003 1_555 ? ? ? ? ? ? TYPE_6_PAIR     ?     ? ? 
hydrog27 hydrog ? ? A DG 11 O6 ? ? ? 1_555 B DG  3  N1 ? ? A DG 1011 B DG  2003 1_555 ? ? ? ? ? ? TYPE_6_PAIR     ?     ? ? 
hydrog28 hydrog ? ? A DG 11 N1 ? ? ? 1_555 B DG  10 O6 ? ? A DG 1011 B DG  2010 1_555 ? ? ? ? ? ? TYPE_6_PAIR     ?     ? ? 
hydrog29 hydrog ? ? A DG 11 N2 ? ? ? 1_555 B DG  10 N7 ? ? A DG 1011 B DG  2010 1_555 ? ? ? ? ? ? TYPE_6_PAIR     ?     ? ? 
hydrog30 hydrog ? ? A DG 12 N1 ? ? ? 1_555 B DG  4  O6 ? ? A DG 1012 B DG  2004 1_555 ? ? ? ? ? ? TYPE_6_PAIR     ?     ? ? 
hydrog31 hydrog ? ? A DG 12 N2 ? ? ? 1_555 B DG  4  N7 ? ? A DG 1012 B DG  2004 1_555 ? ? ? ? ? ? TYPE_6_PAIR     ?     ? ? 
hydrog32 hydrog ? ? A DG 12 N7 ? ? ? 1_555 B DG  9  N2 ? ? A DG 1012 B DG  2009 1_555 ? ? ? ? ? ? TYPE_6_PAIR     ?     ? ? 
hydrog33 hydrog ? ? A DG 12 O6 ? ? ? 1_555 B DG  9  N1 ? ? A DG 1012 B DG  2009 1_555 ? ? ? ? ? ? TYPE_6_PAIR     ?     ? ? 
hydrog34 hydrog ? ? B DT 5  O2 ? ? ? 1_555 B DT  7  N3 ? ? B DT 2005 B DT  2007 1_555 ? ? ? ? ? ? 'DT-DT MISPAIR' ?     ? ? 
# 
loop_
_struct_conn_type.id 
_struct_conn_type.criteria 
_struct_conn_type.reference 
metalc ? ? 
hydrog ? ? 
# 
_atom_sites.entry_id                    4R47 
_atom_sites.fract_transf_matrix[1][1]   -0.01481723 
_atom_sites.fract_transf_matrix[1][2]   -0.01836002 
_atom_sites.fract_transf_matrix[1][3]   -0.02632865 
_atom_sites.fract_transf_matrix[2][1]   -0.01213690 
_atom_sites.fract_transf_matrix[2][2]   -0.01023072 
_atom_sites.fract_transf_matrix[2][3]   0.01396468 
_atom_sites.fract_transf_matrix[3][1]   -0.01613304 
_atom_sites.fract_transf_matrix[3][2]   0.01368401 
_atom_sites.fract_transf_matrix[3][3]   -0.00399635 
_atom_sites.fract_transf_vector[1]      0.340783 
_atom_sites.fract_transf_vector[2]      -0.263277 
_atom_sites.fract_transf_vector[3]      0.016858 
# 
loop_
_atom_type.symbol 
C  
K  
MG 
N  
O  
P  
# 
loop_
_atom_site.group_PDB 
_atom_site.id 
_atom_site.type_symbol 
_atom_site.label_atom_id 
_atom_site.label_alt_id 
_atom_site.label_comp_id 
_atom_site.label_asym_id 
_atom_site.label_entity_id 
_atom_site.label_seq_id 
_atom_site.pdbx_PDB_ins_code 
_atom_site.Cartn_x 
_atom_site.Cartn_y 
_atom_site.Cartn_z 
_atom_site.occupancy 
_atom_site.B_iso_or_equiv 
_atom_site.pdbx_formal_charge 
_atom_site.auth_seq_id 
_atom_site.auth_comp_id 
_atom_site.auth_asym_id 
_atom_site.auth_atom_id 
_atom_site.pdbx_PDB_model_num 
ATOM   1   O  "O5'" . DG  A 1 1  ? -9.148  2.472   -2.604  1.00 6.27  ? 1001 DG  A "O5'" 1 
ATOM   2   C  "C5'" . DG  A 1 1  ? -9.873  3.319   -3.533  1.00 6.17  ? 1001 DG  A "C5'" 1 
ATOM   3   C  "C4'" . DG  A 1 1  ? -9.056  3.529   -4.794  1.00 6.02  ? 1001 DG  A "C4'" 1 
ATOM   4   O  "O4'" . DG  A 1 1  ? -7.829  4.234   -4.515  1.00 5.71  ? 1001 DG  A "O4'" 1 
ATOM   5   C  "C3'" . DG  A 1 1  ? -8.650  2.252   -5.548  1.00 6.21  ? 1001 DG  A "C3'" 1 
ATOM   6   O  "O3'" . DG  A 1 1  ? -8.746  2.564   -6.952  1.00 6.37  ? 1001 DG  A "O3'" 1 
ATOM   7   C  "C2'" . DG  A 1 1  ? -7.190  2.052   -5.160  1.00 5.61  ? 1001 DG  A "C2'" 1 
ATOM   8   C  "C1'" . DG  A 1 1  ? -6.712  3.484   -5.022  1.00 5.58  ? 1001 DG  A "C1'" 1 
ATOM   9   N  N9    . DG  A 1 1  ? -5.569  3.714   -4.134  1.00 5.20  ? 1001 DG  A N9    1 
ATOM   10  C  C8    . DG  A 1 1  ? -4.409  4.362   -4.488  1.00 5.31  ? 1001 DG  A C8    1 
ATOM   11  N  N7    . DG  A 1 1  ? -3.580  4.511   -3.490  1.00 5.24  ? 1001 DG  A N7    1 
ATOM   12  C  C5    . DG  A 1 1  ? -4.243  3.954   -2.405  1.00 5.03  ? 1001 DG  A C5    1 
ATOM   13  C  C6    . DG  A 1 1  ? -3.837  3.827   -1.053  1.00 5.02  ? 1001 DG  A C6    1 
ATOM   14  O  O6    . DG  A 1 1  ? -2.777  4.204   -0.527  1.00 4.77  ? 1001 DG  A O6    1 
ATOM   15  N  N1    . DG  A 1 1  ? -4.799  3.167   -0.285  1.00 4.92  ? 1001 DG  A N1    1 
ATOM   16  C  C2    . DG  A 1 1  ? -6.025  2.748   -0.752  1.00 5.02  ? 1001 DG  A C2    1 
ATOM   17  N  N2    . DG  A 1 1  ? -6.829  2.149   0.144   1.00 4.88  ? 1001 DG  A N2    1 
ATOM   18  N  N3    . DG  A 1 1  ? -6.418  2.874   -2.014  1.00 4.91  ? 1001 DG  A N3    1 
ATOM   19  C  C4    . DG  A 1 1  ? -5.482  3.476   -2.780  1.00 5.19  ? 1001 DG  A C4    1 
ATOM   20  P  P     . DG  A 1 2  ? -8.387  1.494   -8.028  1.00 6.71  ? 1002 DG  A P     1 
ATOM   21  O  OP1   . DG  A 1 2  ? -9.042  1.881   -9.327  1.00 6.68  ? 1002 DG  A OP1   1 
ATOM   22  O  OP2   . DG  A 1 2  ? -8.584  0.131   -7.451  1.00 7.07  ? 1002 DG  A OP2   1 
ATOM   23  O  "O5'" . DG  A 1 2  ? -6.813  1.612   -8.238  1.00 6.85  ? 1002 DG  A "O5'" 1 
ATOM   24  C  "C5'" . DG  A 1 2  ? -6.170  2.823   -8.687  1.00 7.13  ? 1002 DG  A "C5'" 1 
ATOM   25  C  "C4'" . DG  A 1 2  ? -4.664  2.640   -8.602  1.00 7.21  ? 1002 DG  A "C4'" 1 
ATOM   26  O  "O4'" . DG  A 1 2  ? -4.217  2.681   -7.217  1.00 6.37  ? 1002 DG  A "O4'" 1 
ATOM   27  C  "C3'" . DG  A 1 2  ? -4.110  1.328   -9.186  1.00 7.46  ? 1002 DG  A "C3'" 1 
ATOM   28  O  "O3'" . DG  A 1 2  ? -2.973  1.728   -9.975  1.00 9.24  ? 1002 DG  A "O3'" 1 
ATOM   29  C  "C2'" . DG  A 1 2  ? -3.664  0.563   -7.950  1.00 6.91  ? 1002 DG  A "C2'" 1 
ATOM   30  C  "C1'" . DG  A 1 2  ? -3.203  1.699   -7.065  1.00 6.24  ? 1002 DG  A "C1'" 1 
ATOM   31  N  N9    . DG  A 1 2  ? -3.044  1.403   -5.639  1.00 5.57  ? 1002 DG  A N9    1 
ATOM   32  C  C8    . DG  A 1 2  ? -3.927  0.723   -4.833  1.00 5.17  ? 1002 DG  A C8    1 
ATOM   33  N  N7    . DG  A 1 2  ? -3.553  0.689   -3.581  1.00 5.16  ? 1002 DG  A N7    1 
ATOM   34  C  C5    . DG  A 1 2  ? -2.365  1.407   -3.552  1.00 4.85  ? 1002 DG  A C5    1 
ATOM   35  C  C6    . DG  A 1 2  ? -1.493  1.693   -2.469  1.00 4.80  ? 1002 DG  A C6    1 
ATOM   36  O  O6    . DG  A 1 2  ? -1.586  1.324   -1.290  1.00 4.62  ? 1002 DG  A O6    1 
ATOM   37  N  N1    . DG  A 1 2  ? -0.365  2.398   -2.891  1.00 4.54  ? 1002 DG  A N1    1 
ATOM   38  C  C2    . DG  A 1 2  ? -0.149  2.845   -4.176  1.00 4.82  ? 1002 DG  A C2    1 
ATOM   39  N  N2    . DG  A 1 2  ? 0.999   3.528   -4.389  1.00 4.86  ? 1002 DG  A N2    1 
ATOM   40  N  N3    . DG  A 1 2  ? -0.974  2.608   -5.189  1.00 4.77  ? 1002 DG  A N3    1 
ATOM   41  C  C4    . DG  A 1 2  ? -2.046  1.876   -4.810  1.00 5.12  ? 1002 DG  A C4    1 
ATOM   42  P  P     . DG  A 1 3  ? -2.216  0.722   -10.998 1.00 11.32 ? 1003 DG  A P     1 
ATOM   43  O  OP1   . DG  A 1 3  ? -2.532  1.074   -12.404 1.00 11.16 ? 1003 DG  A OP1   1 
ATOM   44  O  OP2   . DG  A 1 3  ? -2.462  -0.701  -10.619 1.00 11.49 ? 1003 DG  A OP2   1 
ATOM   45  O  "O5'" . DG  A 1 3  ? -0.706  1.163   -10.782 1.00 10.55 ? 1003 DG  A "O5'" 1 
ATOM   46  C  "C5'" . DG  A 1 3  ? -0.045  1.087   -9.490  1.00 9.02  ? 1003 DG  A "C5'" 1 
ATOM   47  C  "C4'" . DG  A 1 3  ? 1.419   1.419   -9.693  1.00 7.84  ? 1003 DG  A "C4'" 1 
ATOM   48  O  "O4'" . DG  A 1 3  ? 2.000   1.817   -8.434  1.00 7.25  ? 1003 DG  A "O4'" 1 
ATOM   49  C  "C3'" . DG  A 1 3  ? 2.286   0.263   -10.205 1.00 7.58  ? 1003 DG  A "C3'" 1 
ATOM   50  O  "O3'" . DG  A 1 3  ? 3.310   0.847   -11.040 1.00 7.51  ? 1003 DG  A "O3'" 1 
ATOM   51  C  "C2'" . DG  A 1 3  ? 2.829   -0.336  -8.917  1.00 6.97  ? 1003 DG  A "C2'" 1 
ATOM   52  C  "C1'" . DG  A 1 3  ? 3.015   0.896   -8.040  1.00 6.54  ? 1003 DG  A "C1'" 1 
ATOM   53  N  N9    . DG  A 1 3  ? 2.932   0.706   -6.588  1.00 5.81  ? 1003 DG  A N9    1 
ATOM   54  C  C8    . DG  A 1 3  ? 3.893   1.077   -5.671  1.00 5.69  ? 1003 DG  A C8    1 
ATOM   55  N  N7    . DG  A 1 3  ? 3.558   0.802   -4.435  1.00 5.48  ? 1003 DG  A N7    1 
ATOM   56  C  C5    . DG  A 1 3  ? 2.341   0.142   -4.546  1.00 5.25  ? 1003 DG  A C5    1 
ATOM   57  C  C6    . DG  A 1 3  ? 1.488   -0.399  -3.536  1.00 5.21  ? 1003 DG  A C6    1 
ATOM   58  O  O6    . DG  A 1 3  ? 1.662   -0.429  -2.305  1.00 5.09  ? 1003 DG  A O6    1 
ATOM   59  N  N1    . DG  A 1 3  ? 0.333   -0.948  -4.083  1.00 4.87  ? 1003 DG  A N1    1 
ATOM   60  C  C2    . DG  A 1 3  ? 0.017   -0.960  -5.419  1.00 5.03  ? 1003 DG  A C2    1 
ATOM   61  N  N2    . DG  A 1 3  ? -1.153  -1.531  -5.736  1.00 4.85  ? 1003 DG  A N2    1 
ATOM   62  N  N3    . DG  A 1 3  ? 0.780   -0.426  -6.372  1.00 5.23  ? 1003 DG  A N3    1 
ATOM   63  C  C4    . DG  A 1 3  ? 1.927   0.092   -5.866  1.00 5.45  ? 1003 DG  A C4    1 
ATOM   64  P  P     . DG  A 1 4  ? 4.249   -0.052  -11.956 1.00 8.30  ? 1004 DG  A P     1 
ATOM   65  O  OP1   . DG  A 1 4  ? 4.875   0.856   -12.983 1.00 7.54  ? 1004 DG  A OP1   1 
ATOM   66  O  OP2   . DG  A 1 4  ? 3.506   -1.285  -12.314 1.00 8.30  ? 1004 DG  A OP2   1 
ATOM   67  O  "O5'" . DG  A 1 4  ? 5.376   -0.578  -10.955 1.00 8.39  ? 1004 DG  A "O5'" 1 
ATOM   68  C  "C5'" . DG  A 1 4  ? 6.404   0.330   -10.498 1.00 9.65  ? 1004 DG  A "C5'" 1 
ATOM   69  C  "C4'" . DG  A 1 4  ? 7.211   -0.289  -9.379  1.00 10.79 ? 1004 DG  A "C4'" 1 
ATOM   70  O  "O4'" . DG  A 1 4  ? 6.352   -0.526  -8.226  1.00 10.01 ? 1004 DG  A "O4'" 1 
ATOM   71  C  "C3'" . DG  A 1 4  ? 7.863   -1.638  -9.712  1.00 12.10 ? 1004 DG  A "C3'" 1 
ATOM   72  O  "O3'" . DG  A 1 4  ? 9.189   -1.590  -9.165  1.00 15.80 ? 1004 DG  A "O3'" 1 
ATOM   73  C  "C2'" . DG  A 1 4  ? 6.966   -2.636  -8.996  1.00 10.87 ? 1004 DG  A "C2'" 1 
ATOM   74  C  "C1'" . DG  A 1 4  ? 6.618   -1.831  -7.759  1.00 9.67  ? 1004 DG  A "C1'" 1 
ATOM   75  N  N9    . DG  A 1 4  ? 5.483   -2.295  -6.963  1.00 8.28  ? 1004 DG  A N9    1 
ATOM   76  C  C8    . DG  A 1 4  ? 4.318   -2.892  -7.380  1.00 8.02  ? 1004 DG  A C8    1 
ATOM   77  N  N7    . DG  A 1 4  ? 3.532   -3.227  -6.389  1.00 8.01  ? 1004 DG  A N7    1 
ATOM   78  C  C5    . DG  A 1 4  ? 4.216   -2.816  -5.256  1.00 7.96  ? 1004 DG  A C5    1 
ATOM   79  C  C6    . DG  A 1 4  ? 3.871   -2.922  -3.891  1.00 8.24  ? 1004 DG  A C6    1 
ATOM   80  O  O6    . DG  A 1 4  ? 2.840   -3.409  -3.388  1.00 8.35  ? 1004 DG  A O6    1 
ATOM   81  N  N1    . DG  A 1 4  ? 4.868   -2.396  -3.067  1.00 7.92  ? 1004 DG  A N1    1 
ATOM   82  C  C2    . DG  A 1 4  ? 6.045   -1.828  -3.510  1.00 8.23  ? 1004 DG  A C2    1 
ATOM   83  N  N2    . DG  A 1 4  ? 6.885   -1.347  -2.566  1.00 8.15  ? 1004 DG  A N2    1 
ATOM   84  N  N3    . DG  A 1 4  ? 6.379   -1.736  -4.785  1.00 7.95  ? 1004 DG  A N3    1 
ATOM   85  C  C4    . DG  A 1 4  ? 5.419   -2.230  -5.596  1.00 8.27  ? 1004 DG  A C4    1 
ATOM   86  P  P     . DT  A 1 5  ? 10.193  -2.830  -9.284  1.00 20.41 ? 1005 DT  A P     1 
ATOM   87  O  OP1   . DT  A 1 5  ? 11.574  -2.293  -9.151  1.00 22.03 ? 1005 DT  A OP1   1 
ATOM   88  O  OP2   . DT  A 1 5  ? 9.807   -3.662  -10.429 1.00 16.54 ? 1005 DT  A OP2   1 
ATOM   89  O  "O5'" . DT  A 1 5  ? 9.823   -3.690  -8.001  1.00 18.35 ? 1005 DT  A "O5'" 1 
ATOM   90  C  "C5'" . DT  A 1 5  ? 10.206  -3.258  -6.711  1.00 17.97 ? 1005 DT  A "C5'" 1 
ATOM   91  C  "C4'" . DT  A 1 5  ? 9.516   -4.108  -5.675  1.00 16.44 ? 1005 DT  A "C4'" 1 
ATOM   92  O  "O4'" . DT  A 1 5  ? 8.102   -4.149  -5.913  1.00 15.61 ? 1005 DT  A "O4'" 1 
ATOM   93  C  "C3'" . DT  A 1 5  ? 9.938   -5.578  -5.645  1.00 16.61 ? 1005 DT  A "C3'" 1 
ATOM   94  O  "O3'" . DT  A 1 5  ? 11.029  -5.683  -4.720  1.00 16.73 ? 1005 DT  A "O3'" 1 
ATOM   95  C  "C2'" . DT  A 1 5  ? 8.689   -6.287  -5.124  1.00 15.63 ? 1005 DT  A "C2'" 1 
ATOM   96  C  "C1'" . DT  A 1 5  ? 7.595   -5.216  -5.123  1.00 14.72 ? 1005 DT  A "C1'" 1 
ATOM   97  N  N1    . DT  A 1 5  ? 6.345   -5.662  -5.740  1.00 14.82 ? 1005 DT  A N1    1 
ATOM   98  C  C2    . DT  A 1 5  ? 5.239   -5.918  -4.958  1.00 14.70 ? 1005 DT  A C2    1 
ATOM   99  O  O2    . DT  A 1 5  ? 5.229   -5.770  -3.747  1.00 14.59 ? 1005 DT  A O2    1 
ATOM   100 N  N3    . DT  A 1 5  ? 4.142   -6.371  -5.651  1.00 16.08 ? 1005 DT  A N3    1 
ATOM   101 C  C4    . DT  A 1 5  ? 4.037   -6.553  -7.020  1.00 16.48 ? 1005 DT  A C4    1 
ATOM   102 O  O4    . DT  A 1 5  ? 2.975   -6.923  -7.509  1.00 18.69 ? 1005 DT  A O4    1 
ATOM   103 C  C5    . DT  A 1 5  ? 5.239   -6.280  -7.774  1.00 17.30 ? 1005 DT  A C5    1 
ATOM   104 C  C7    . DT  A 1 5  ? 5.224   -6.467  -9.261  1.00 16.02 ? 1005 DT  A C7    1 
ATOM   105 C  C6    . DT  A 1 5  ? 6.324   -5.870  -7.103  1.00 15.51 ? 1005 DT  A C6    1 
ATOM   106 P  P     . DT  A 1 6  ? 11.831  -7.098  -4.534  1.00 18.26 ? 1006 DT  A P     1 
ATOM   107 O  OP1   . DT  A 1 6  ? 13.116  -6.778  -3.883  1.00 19.27 ? 1006 DT  A OP1   1 
ATOM   108 O  OP2   . DT  A 1 6  ? 11.758  -7.879  -5.774  1.00 17.67 ? 1006 DT  A OP2   1 
ATOM   109 O  "O5'" . DT  A 1 6  ? 10.883  -7.915  -3.538  1.00 14.99 ? 1006 DT  A "O5'" 1 
ATOM   110 C  "C5'" . DT  A 1 6  ? 10.702  -7.431  -2.201  1.00 12.66 ? 1006 DT  A "C5'" 1 
ATOM   111 C  "C4'" . DT  A 1 6  ? 9.700   -8.284  -1.457  1.00 11.45 ? 1006 DT  A "C4'" 1 
ATOM   112 O  "O4'" . DT  A 1 6  ? 8.459   -8.318  -2.201  1.00 10.83 ? 1006 DT  A "O4'" 1 
ATOM   113 C  "C3'" . DT  A 1 6  ? 10.115  -9.746  -1.253  1.00 11.04 ? 1006 DT  A "C3'" 1 
ATOM   114 O  "O3'" . DT  A 1 6  ? 9.553   -10.240 -0.026  1.00 10.58 ? 1006 DT  A "O3'" 1 
ATOM   115 C  "C2'" . DT  A 1 6  ? 9.373   -10.459 -2.377  1.00 10.60 ? 1006 DT  A "C2'" 1 
ATOM   116 C  "C1'" . DT  A 1 6  ? 8.071   -9.664  -2.417  1.00 10.23 ? 1006 DT  A "C1'" 1 
ATOM   117 N  N1    . DT  A 1 6  ? 7.284   -9.712  -3.664  1.00 10.21 ? 1006 DT  A N1    1 
ATOM   118 C  C2    . DT  A 1 6  ? 5.912   -9.674  -3.548  1.00 10.85 ? 1006 DT  A C2    1 
ATOM   119 O  O2    . DT  A 1 6  ? 5.336   -9.644  -2.466  1.00 11.49 ? 1006 DT  A O2    1 
ATOM   120 N  N3    . DT  A 1 6  ? 5.235   -9.675  -4.745  1.00 10.83 ? 1006 DT  A N3    1 
ATOM   121 C  C4    . DT  A 1 6  ? 5.791   -9.674  -6.019  1.00 11.03 ? 1006 DT  A C4    1 
ATOM   122 O  O4    . DT  A 1 6  ? 5.061   -9.713  -7.005  1.00 10.36 ? 1006 DT  A O4    1 
ATOM   123 C  C5    . DT  A 1 6  ? 7.237   -9.676  -6.063  1.00 10.53 ? 1006 DT  A C5    1 
ATOM   124 C  C7    . DT  A 1 6  ? 7.928   -9.699  -7.393  1.00 10.19 ? 1006 DT  A C7    1 
ATOM   125 C  C6    . DT  A 1 6  ? 7.902   -9.678  -4.899  1.00 10.48 ? 1006 DT  A C6    1 
ATOM   126 P  P     . DT  A 1 7  ? 10.140  -9.806  1.431   1.00 12.26 ? 1007 DT  A P     1 
ATOM   127 O  OP1   . DT  A 1 7  ? 11.139  -8.769  1.249   1.00 11.82 ? 1007 DT  A OP1   1 
ATOM   128 O  OP2   . DT  A 1 7  ? 10.543  -11.060 2.137   1.00 11.36 ? 1007 DT  A OP2   1 
ATOM   129 O  "O5'" . DT  A 1 7  ? 8.831   -9.233  2.134   1.00 10.89 ? 1007 DT  A "O5'" 1 
ATOM   130 C  "C5'" . DT  A 1 7  ? 8.697   -9.029  3.553   1.00 11.04 ? 1007 DT  A "C5'" 1 
ATOM   131 C  "C4'" . DT  A 1 7  ? 7.287   -8.567  3.874   1.00 11.17 ? 1007 DT  A "C4'" 1 
ATOM   132 O  "O4'" . DT  A 1 7  ? 7.118   -7.243  3.314   1.00 11.06 ? 1007 DT  A "O4'" 1 
ATOM   133 C  "C3'" . DT  A 1 7  ? 6.163   -9.407  3.255   1.00 11.05 ? 1007 DT  A "C3'" 1 
ATOM   134 O  "O3'" . DT  A 1 7  ? 4.947   -9.300  3.999   1.00 11.13 ? 1007 DT  A "O3'" 1 
ATOM   135 C  "C2'" . DT  A 1 7  ? 5.983   -8.770  1.889   1.00 10.47 ? 1007 DT  A "C2'" 1 
ATOM   136 C  "C1'" . DT  A 1 7  ? 6.266   -7.292  2.173   1.00 10.04 ? 1007 DT  A "C1'" 1 
ATOM   137 N  N1    . DT  A 1 7  ? 6.937   -6.577  1.064   1.00 9.32  ? 1007 DT  A N1    1 
ATOM   138 C  C2    . DT  A 1 7  ? 6.242   -6.409  -0.117  1.00 8.87  ? 1007 DT  A C2    1 
ATOM   139 O  O2    . DT  A 1 7  ? 5.121   -6.848  -0.298  1.00 8.27  ? 1007 DT  A O2    1 
ATOM   140 N  N3    . DT  A 1 7  ? 6.921   -5.709  -1.087  1.00 9.03  ? 1007 DT  A N3    1 
ATOM   141 C  C4    . DT  A 1 7  ? 8.190   -5.169  -0.993  1.00 9.22  ? 1007 DT  A C4    1 
ATOM   142 O  O4    . DT  A 1 7  ? 8.665   -4.555  -1.950  1.00 8.94  ? 1007 DT  A O4    1 
ATOM   143 C  C5    . DT  A 1 7  ? 8.826   -5.315  0.301   1.00 9.24  ? 1007 DT  A C5    1 
ATOM   144 C  C7    . DT  A 1 7  ? 10.204  -4.761  0.501   1.00 9.14  ? 1007 DT  A C7    1 
ATOM   145 C  C6    . DT  A 1 7  ? 8.189   -6.030  1.239   1.00 9.38  ? 1007 DT  A C6    1 
ATOM   146 P  P     . DT  A 1 8  ? 4.060   -10.584 4.332   1.00 12.99 ? 1008 DT  A P     1 
ATOM   147 O  OP1   . DT  A 1 8  ? 3.276   -10.301 5.558   1.00 13.82 ? 1008 DT  A OP1   1 
ATOM   148 O  OP2   . DT  A 1 8  ? 4.917   -11.800 4.271   1.00 12.80 ? 1008 DT  A OP2   1 
ATOM   149 O  "O5'" . DT  A 1 8  ? 3.066   -10.702 3.104   1.00 11.35 ? 1008 DT  A "O5'" 1 
ATOM   150 C  "C5'" . DT  A 1 8  ? 2.059   -9.716  2.810   1.00 10.75 ? 1008 DT  A "C5'" 1 
ATOM   151 C  "C4'" . DT  A 1 8  ? 1.202   -10.205 1.662   1.00 9.80  ? 1008 DT  A "C4'" 1 
ATOM   152 O  "O4'" . DT  A 1 8  ? 2.033   -10.441 0.498   1.00 9.27  ? 1008 DT  A "O4'" 1 
ATOM   153 C  "C3'" . DT  A 1 8  ? 0.440   -11.509 1.896   1.00 9.49  ? 1008 DT  A "C3'" 1 
ATOM   154 O  "O3'" . DT  A 1 8  ? -0.832  -11.364 1.236   1.00 9.41  ? 1008 DT  A "O3'" 1 
ATOM   155 C  "C2'" . DT  A 1 8  ? 1.308   -12.558 1.208   1.00 9.62  ? 1008 DT  A "C2'" 1 
ATOM   156 C  "C1'" . DT  A 1 8  ? 1.872   -11.780 0.025   1.00 8.95  ? 1008 DT  A "C1'" 1 
ATOM   157 N  N1    . DT  A 1 8  ? 3.176   -12.181 -0.540  1.00 8.35  ? 1008 DT  A N1    1 
ATOM   158 C  C2    . DT  A 1 8  ? 3.273   -12.346 -1.906  1.00 8.69  ? 1008 DT  A C2    1 
ATOM   159 O  O2    . DT  A 1 8  ? 2.306   -12.292 -2.664  1.00 8.97  ? 1008 DT  A O2    1 
ATOM   160 N  N3    . DT  A 1 8  ? 4.551   -12.575 -2.363  1.00 8.28  ? 1008 DT  A N3    1 
ATOM   161 C  C4    . DT  A 1 8  ? 5.716   -12.619 -1.610  1.00 7.88  ? 1008 DT  A C4    1 
ATOM   162 O  O4    . DT  A 1 8  ? 6.803   -12.789 -2.165  1.00 6.95  ? 1008 DT  A O4    1 
ATOM   163 C  C5    . DT  A 1 8  ? 5.536   -12.423 -0.190  1.00 7.84  ? 1008 DT  A C5    1 
ATOM   164 C  C7    . DT  A 1 8  ? 6.737   -12.473 0.704   1.00 7.85  ? 1008 DT  A C7    1 
ATOM   165 C  C6    . DT  A 1 8  ? 4.299   -12.178 0.262   1.00 8.16  ? 1008 DT  A C6    1 
ATOM   166 P  P     . DG  A 1 9  ? -2.094  -12.217 1.719   1.00 10.36 ? 1009 DG  A P     1 
ATOM   167 O  OP1   . DG  A 1 9  ? -1.640  -13.615 1.970   1.00 9.87  ? 1009 DG  A OP1   1 
ATOM   168 O  OP2   . DG  A 1 9  ? -3.200  -11.957 0.781   1.00 10.22 ? 1009 DG  A OP2   1 
ATOM   169 O  "O5'" . DG  A 1 9  ? -2.313  -11.739 3.206   1.00 10.01 ? 1009 DG  A "O5'" 1 
ATOM   170 C  "C5'" . DG  A 1 9  ? -2.937  -10.490 3.478   1.00 10.72 ? 1009 DG  A "C5'" 1 
ATOM   171 C  "C4'" . DG  A 1 9  ? -2.461  -10.061 4.841   1.00 10.65 ? 1009 DG  A "C4'" 1 
ATOM   172 O  "O4'" . DG  A 1 9  ? -1.133  -9.514  4.680   1.00 10.11 ? 1009 DG  A "O4'" 1 
ATOM   173 C  "C3'" . DG  A 1 9  ? -3.298  -8.960  5.490   1.00 11.09 ? 1009 DG  A "C3'" 1 
ATOM   174 O  "O3'" . DG  A 1 9  ? -3.172  -9.167  6.904   1.00 13.60 ? 1009 DG  A "O3'" 1 
ATOM   175 C  "C2'" . DG  A 1 9  ? -2.582  -7.702  5.036   1.00 10.04 ? 1009 DG  A "C2'" 1 
ATOM   176 C  "C1'" . DG  A 1 9  ? -1.123  -8.159  5.066   1.00 9.31  ? 1009 DG  A "C1'" 1 
ATOM   177 N  N9    . DG  A 1 9  ? -0.212  -7.439  4.179   1.00 8.53  ? 1009 DG  A N9    1 
ATOM   178 C  C8    . DG  A 1 9  ? 0.956   -6.821  4.560   1.00 8.34  ? 1009 DG  A C8    1 
ATOM   179 N  N7    . DG  A 1 9  ? 1.568   -6.222  3.570   1.00 8.47  ? 1009 DG  A N7    1 
ATOM   180 C  C5    . DG  A 1 9  ? 0.754   -6.452  2.469   1.00 8.00  ? 1009 DG  A C5    1 
ATOM   181 C  C6    . DG  A 1 9  ? 0.872   -5.991  1.133   1.00 7.75  ? 1009 DG  A C6    1 
ATOM   182 O  O6    . DG  A 1 9  ? 1.780   -5.301  0.630   1.00 6.98  ? 1009 DG  A O6    1 
ATOM   183 N  N1    . DG  A 1 9  ? -0.226  -6.366  0.364   1.00 7.72  ? 1009 DG  A N1    1 
ATOM   184 C  C2    . DG  A 1 9  ? -1.266  -7.161  0.803   1.00 7.96  ? 1009 DG  A C2    1 
ATOM   185 N  N2    . DG  A 1 9  ? -2.195  -7.476  -0.111  1.00 7.66  ? 1009 DG  A N2    1 
ATOM   186 N  N3    . DG  A 1 9  ? -1.404  -7.570  2.056   1.00 7.87  ? 1009 DG  A N3    1 
ATOM   187 C  C4    . DG  A 1 9  ? -0.369  -7.177  2.833   1.00 8.41  ? 1009 DG  A C4    1 
ATOM   188 P  P     . DG  A 1 10 ? -3.891  -8.186  7.968   1.00 15.06 ? 1010 DG  A P     1 
ATOM   189 O  OP1   . DG  A 1 10 ? -3.855  -8.855  9.291   1.00 18.56 ? 1010 DG  A OP1   1 
ATOM   190 O  OP2   . DG  A 1 10 ? -5.133  -7.663  7.418   1.00 15.40 ? 1010 DG  A OP2   1 
ATOM   191 O  "O5'" . DG  A 1 10 ? -2.837  -7.003  8.112   1.00 14.36 ? 1010 DG  A "O5'" 1 
ATOM   192 C  "C5'" . DG  A 1 10 ? -1.558  -7.207  8.736   1.00 12.15 ? 1010 DG  A "C5'" 1 
ATOM   193 C  "C4'" . DG  A 1 10 ? -0.759  -5.928  8.652   1.00 11.92 ? 1010 DG  A "C4'" 1 
ATOM   194 O  "O4'" . DG  A 1 10 ? -0.420  -5.627  7.270   1.00 10.48 ? 1010 DG  A "O4'" 1 
ATOM   195 C  "C3'" . DG  A 1 10 ? -1.470  -4.679  9.192   1.00 11.96 ? 1010 DG  A "C3'" 1 
ATOM   196 O  "O3'" . DG  A 1 10 ? -0.511  -3.909  9.916   1.00 14.32 ? 1010 DG  A "O3'" 1 
ATOM   197 C  "C2'" . DG  A 1 10 ? -1.788  -3.885  7.939   1.00 10.86 ? 1010 DG  A "C2'" 1 
ATOM   198 C  "C1'" . DG  A 1 10 ? -0.578  -4.231  7.099   1.00 10.06 ? 1010 DG  A "C1'" 1 
ATOM   199 N  N9    . DG  A 1 10 ? -0.712  -3.956  5.675   1.00 8.75  ? 1010 DG  A N9    1 
ATOM   200 C  C8    . DG  A 1 10 ? -1.767  -4.276  4.860   1.00 8.29  ? 1010 DG  A C8    1 
ATOM   201 N  N7    . DG  A 1 10 ? -1.596  -3.888  3.625   1.00 8.21  ? 1010 DG  A N7    1 
ATOM   202 C  C5    . DG  A 1 10 ? -0.348  -3.281  3.625   1.00 7.92  ? 1010 DG  A C5    1 
ATOM   203 C  C6    . DG  A 1 10 ? 0.364   -2.653  2.577   1.00 7.83  ? 1010 DG  A C6    1 
ATOM   204 O  O6    . DG  A 1 10 ? 0.022   -2.507  1.398   1.00 7.30  ? 1010 DG  A O6    1 
ATOM   205 N  N1    . DG  A 1 10 ? 1.563   -2.101  3.028   1.00 7.50  ? 1010 DG  A N1    1 
ATOM   206 C  C2    . DG  A 1 10 ? 2.025   -2.174  4.325   1.00 8.02  ? 1010 DG  A C2    1 
ATOM   207 N  N2    . DG  A 1 10 ? 3.239   -1.648  4.562   1.00 7.53  ? 1010 DG  A N2    1 
ATOM   208 N  N3    . DG  A 1 10 ? 1.372   -2.774  5.305   1.00 8.19  ? 1010 DG  A N3    1 
ATOM   209 C  C4    . DG  A 1 10 ? 0.195   -3.285  4.891   1.00 8.22  ? 1010 DG  A C4    1 
ATOM   210 P  P     . DG  A 1 11 ? -0.985  -2.717  10.910  1.00 16.81 ? 1011 DG  A P     1 
ATOM   211 O  OP1   . DG  A 1 11 ? -0.988  -3.260  12.283  1.00 17.19 ? 1011 DG  A OP1   1 
ATOM   212 O  OP2   . DG  A 1 11 ? -2.217  -2.093  10.397  1.00 17.80 ? 1011 DG  A OP2   1 
ATOM   213 O  "O5'" . DG  A 1 11 ? 0.112   -1.606  10.676  1.00 16.15 ? 1011 DG  A "O5'" 1 
ATOM   214 C  "C5'" . DG  A 1 11 ? 0.710   -1.303  9.403   1.00 12.70 ? 1011 DG  A "C5'" 1 
ATOM   215 C  "C4'" . DG  A 1 11 ? 1.808   -0.315  9.724   1.00 11.26 ? 1011 DG  A "C4'" 1 
ATOM   216 O  "O4'" . DG  A 1 11 ? 2.540   0.119   8.554   1.00 10.22 ? 1011 DG  A "O4'" 1 
ATOM   217 C  "C3'" . DG  A 1 11 ? 1.278   0.963   10.362  1.00 10.99 ? 1011 DG  A "C3'" 1 
ATOM   218 O  "O3'" . DG  A 1 11 ? 2.277   1.447   11.274  1.00 11.46 ? 1011 DG  A "O3'" 1 
ATOM   219 C  "C2'" . DG  A 1 11 ? 1.104   1.881   9.165   1.00 10.11 ? 1011 DG  A "C2'" 1 
ATOM   220 C  "C1'" . DG  A 1 11 ? 2.307   1.519   8.327   1.00 9.21  ? 1011 DG  A "C1'" 1 
ATOM   221 N  N9    . DG  A 1 11 ? 2.186   1.715   6.884   1.00 8.32  ? 1011 DG  A N9    1 
ATOM   222 C  C8    . DG  A 1 11 ? 3.103   2.330   6.061   1.00 7.82  ? 1011 DG  A C8    1 
ATOM   223 N  N7    . DG  A 1 11 ? 2.786   2.258   4.796   1.00 7.44  ? 1011 DG  A N7    1 
ATOM   224 C  C5    . DG  A 1 11 ? 1.578   1.570   4.782   1.00 7.27  ? 1011 DG  A C5    1 
ATOM   225 C  C6    . DG  A 1 11 ? 0.737   1.203   3.692   1.00 7.17  ? 1011 DG  A C6    1 
ATOM   226 O  O6    . DG  A 1 11 ? 0.902   1.417   2.478   1.00 6.82  ? 1011 DG  A O6    1 
ATOM   227 N  N1    . DG  A 1 11 ? -0.397  0.518   4.128   1.00 6.85  ? 1011 DG  A N1    1 
ATOM   228 C  C2    . DG  A 1 11 ? -0.680  0.209   5.439   1.00 6.88  ? 1011 DG  A C2    1 
ATOM   229 N  N2    . DG  A 1 11 ? -1.823  -0.457  5.662   1.00 6.90  ? 1011 DG  A N2    1 
ATOM   230 N  N3    . DG  A 1 11 ? 0.106   0.529   6.461   1.00 7.26  ? 1011 DG  A N3    1 
ATOM   231 C  C4    . DG  A 1 11 ? 1.202   1.213   6.062   1.00 7.56  ? 1011 DG  A C4    1 
ATOM   232 P  P     . DG  A 1 12 ? 1.975   2.713   12.203  1.00 13.53 ? 1012 DG  A P     1 
ATOM   233 O  OP1   . DG  A 1 12 ? 2.980   2.642   13.305  1.00 14.52 ? 1012 DG  A OP1   1 
ATOM   234 O  OP2   . DG  A 1 12 ? 0.502   2.802   12.453  1.00 12.37 ? 1012 DG  A OP2   1 
ATOM   235 O  "O5'" . DG  A 1 12 ? 2.359   3.965   11.299  1.00 12.55 ? 1012 DG  A "O5'" 1 
ATOM   236 C  "C5'" . DG  A 1 12 ? 3.658   4.059   10.673  1.00 12.91 ? 1012 DG  A "C5'" 1 
ATOM   237 C  "C4'" . DG  A 1 12 ? 3.741   5.331   9.856   1.00 11.84 ? 1012 DG  A "C4'" 1 
ATOM   238 O  "O4'" . DG  A 1 12 ? 3.202   5.120   8.528   1.00 11.63 ? 1012 DG  A "O4'" 1 
ATOM   239 C  "C3'" . DG  A 1 12 ? 2.982   6.529   10.417  1.00 11.69 ? 1012 DG  A "C3'" 1 
ATOM   240 O  "O3'" . DG  A 1 12 ? 3.799   7.698   10.226  1.00 12.15 ? 1012 DG  A "O3'" 1 
ATOM   241 C  "C2'" . DG  A 1 12 ? 1.747   6.611   9.532   1.00 10.85 ? 1012 DG  A "C2'" 1 
ATOM   242 C  "C1'" . DG  A 1 12 ? 2.286   6.156   8.204   1.00 9.81  ? 1012 DG  A "C1'" 1 
ATOM   243 N  N9    . DG  A 1 12 ? 1.294   5.585   7.291   1.00 8.44  ? 1012 DG  A N9    1 
ATOM   244 C  C8    . DG  A 1 12 ? 0.214   4.796   7.616   1.00 8.06  ? 1012 DG  A C8    1 
ATOM   245 N  N7    . DG  A 1 12 ? -0.482  4.427   6.572   1.00 7.46  ? 1012 DG  A N7    1 
ATOM   246 C  C5    . DG  A 1 12 ? 0.242   4.918   5.488   1.00 7.26  ? 1012 DG  A C5    1 
ATOM   247 C  C6    . DG  A 1 12 ? 0.006   4.795   4.096   1.00 6.96  ? 1012 DG  A C6    1 
ATOM   248 O  O6    . DG  A 1 12 ? -0.897  4.152   3.514   1.00 6.55  ? 1012 DG  A O6    1 
ATOM   249 N  N1    . DG  A 1 12 ? 0.953   5.505   3.351   1.00 6.78  ? 1012 DG  A N1    1 
ATOM   250 C  C2    . DG  A 1 12 ? 2.027   6.191   3.884   1.00 6.92  ? 1012 DG  A C2    1 
ATOM   251 N  N2    . DG  A 1 12 ? 2.845   6.805   3.011   1.00 6.69  ? 1012 DG  A N2    1 
ATOM   252 N  N3    . DG  A 1 12 ? 2.279   6.270   5.178   1.00 6.97  ? 1012 DG  A N3    1 
ATOM   253 C  C4    . DG  A 1 12 ? 1.343   5.631   5.918   1.00 7.54  ? 1012 DG  A C4    1 
ATOM   254 O  "O5'" . DG  B 1 1  ? 7.114   -4.735  5.585   1.00 10.72 ? 2001 DG  B "O5'" 1 
ATOM   255 C  "C5'" . DG  B 1 1  ? 8.541   -4.900  5.806   1.00 9.72  ? 2001 DG  B "C5'" 1 
ATOM   256 C  "C4'" . DG  B 1 1  ? 9.358   -3.807  5.155   1.00 8.61  ? 2001 DG  B "C4'" 1 
ATOM   257 O  "O4'" . DG  B 1 1  ? 9.123   -3.774  3.720   1.00 8.54  ? 2001 DG  B "O4'" 1 
ATOM   258 C  "C3'" . DG  B 1 1  ? 9.091   -2.387  5.668   1.00 8.29  ? 2001 DG  B "C3'" 1 
ATOM   259 O  "O3'" . DG  B 1 1  ? 10.335  -1.686  5.770   1.00 8.10  ? 2001 DG  B "O3'" 1 
ATOM   260 C  "C2'" . DG  B 1 1  ? 8.221   -1.772  4.575   1.00 7.88  ? 2001 DG  B "C2'" 1 
ATOM   261 C  "C1'" . DG  B 1 1  ? 8.742   -2.448  3.321   1.00 7.95  ? 2001 DG  B "C1'" 1 
ATOM   262 N  N9    . DG  B 1 1  ? 7.783   -2.555  2.214   1.00 7.36  ? 2001 DG  B N9    1 
ATOM   263 C  C8    . DG  B 1 1  ? 7.942   -2.015  0.957   1.00 7.42  ? 2001 DG  B C8    1 
ATOM   264 N  N7    . DG  B 1 1  ? 6.942   -2.267  0.159   1.00 7.55  ? 2001 DG  B N7    1 
ATOM   265 C  C5    . DG  B 1 1  ? 6.053   -2.995  0.941   1.00 7.47  ? 2001 DG  B C5    1 
ATOM   266 C  C6    . DG  B 1 1  ? 4.782   -3.540  0.621   1.00 7.24  ? 2001 DG  B C6    1 
ATOM   267 O  O6    . DG  B 1 1  ? 4.211   -3.555  -0.472  1.00 7.11  ? 2001 DG  B O6    1 
ATOM   268 N  N1    . DG  B 1 1  ? 4.211   -4.191  1.714   1.00 7.42  ? 2001 DG  B N1    1 
ATOM   269 C  C2    . DG  B 1 1  ? 4.807   -4.335  2.945   1.00 7.70  ? 2001 DG  B C2    1 
ATOM   270 N  N2    . DG  B 1 1  ? 4.115   -5.023  3.866   1.00 8.31  ? 2001 DG  B N2    1 
ATOM   271 N  N3    . DG  B 1 1  ? 5.987   -3.827  3.256   1.00 7.49  ? 2001 DG  B N3    1 
ATOM   272 C  C4    . DG  B 1 1  ? 6.556   -3.181  2.212   1.00 7.36  ? 2001 DG  B C4    1 
ATOM   273 P  P     . DG  B 1 2  ? 10.418  -0.221  6.427   1.00 8.49  ? 2002 DG  B P     1 
ATOM   274 O  OP1   . DG  B 1 2  ? 11.821  0.089   6.678   1.00 7.91  ? 2002 DG  B OP1   1 
ATOM   275 O  OP2   . DG  B 1 2  ? 9.423   -0.140  7.513   1.00 7.48  ? 2002 DG  B OP2   1 
ATOM   276 O  "O5'" . DG  B 1 2  ? 9.981   0.736   5.213   1.00 8.56  ? 2002 DG  B "O5'" 1 
ATOM   277 C  "C5'" . DG  B 1 2  ? 10.814  0.941   4.053   1.00 7.88  ? 2002 DG  B "C5'" 1 
ATOM   278 C  "C4'" . DG  B 1 2  ? 10.069  1.724   2.991   1.00 7.63  ? 2002 DG  B "C4'" 1 
ATOM   279 O  "O4'" . DG  B 1 2  ? 8.934   0.977   2.475   1.00 7.58  ? 2002 DG  B "O4'" 1 
ATOM   280 C  "C3'" . DG  B 1 2  ? 9.518   3.093   3.419   1.00 7.84  ? 2002 DG  B "C3'" 1 
ATOM   281 O  "O3'" . DG  B 1 2  ? 9.867   4.013   2.371   1.00 8.17  ? 2002 DG  B "O3'" 1 
ATOM   282 C  "C2'" . DG  B 1 2  ? 8.010   2.892   3.414   1.00 7.45  ? 2002 DG  B "C2'" 1 
ATOM   283 C  "C1'" . DG  B 1 2  ? 7.865   1.894   2.274   1.00 7.14  ? 2002 DG  B "C1'" 1 
ATOM   284 N  N9    . DG  B 1 2  ? 6.621   1.131   2.229   1.00 6.81  ? 2002 DG  B N9    1 
ATOM   285 C  C8    . DG  B 1 2  ? 6.026   0.405   3.234   1.00 6.71  ? 2002 DG  B C8    1 
ATOM   286 N  N7    . DG  B 1 2  ? 4.894   -0.138  2.870   1.00 6.82  ? 2002 DG  B N7    1 
ATOM   287 C  C5    . DG  B 1 2  ? 4.780   0.178   1.520   1.00 6.56  ? 2002 DG  B C5    1 
ATOM   288 C  C6    . DG  B 1 2  ? 3.799   -0.207  0.555   1.00 6.20  ? 2002 DG  B C6    1 
ATOM   289 O  O6    . DG  B 1 2  ? 2.803   -0.928  0.708   1.00 5.93  ? 2002 DG  B O6    1 
ATOM   290 N  N1    . DG  B 1 2  ? 4.072   0.340   -0.698  1.00 6.27  ? 2002 DG  B N1    1 
ATOM   291 C  C2    . DG  B 1 2  ? 5.154   1.142   -0.990  1.00 6.37  ? 2002 DG  B C2    1 
ATOM   292 N  N2    . DG  B 1 2  ? 5.245   1.604   -2.249  1.00 6.16  ? 2002 DG  B N2    1 
ATOM   293 N  N3    . DG  B 1 2  ? 6.092   1.465   -0.114  1.00 6.60  ? 2002 DG  B N3    1 
ATOM   294 C  C4    . DG  B 1 2  ? 5.833   0.970   1.115   1.00 6.81  ? 2002 DG  B C4    1 
ATOM   295 P  P     . DG  B 1 3  ? 9.792   5.598   2.619   1.00 8.80  ? 2003 DG  B P     1 
ATOM   296 O  OP1   . DG  B 1 3  ? 11.171  6.089   2.854   1.00 9.51  ? 2003 DG  B OP1   1 
ATOM   297 O  OP2   . DG  B 1 3  ? 8.720   5.903   3.596   1.00 8.06  ? 2003 DG  B OP2   1 
ATOM   298 O  "O5'" . DG  B 1 3  ? 9.325   6.096   1.199   1.00 8.78  ? 2003 DG  B "O5'" 1 
ATOM   299 C  "C5'" . DG  B 1 3  ? 8.156   5.513   0.578   1.00 7.98  ? 2003 DG  B "C5'" 1 
ATOM   300 C  "C4'" . DG  B 1 3  ? 7.909   6.244   -0.721  1.00 7.32  ? 2003 DG  B "C4'" 1 
ATOM   301 O  "O4'" . DG  B 1 3  ? 6.911   5.544   -1.493  1.00 7.12  ? 2003 DG  B "O4'" 1 
ATOM   302 C  "C3'" . DG  B 1 3  ? 7.369   7.658   -0.535  1.00 7.16  ? 2003 DG  B "C3'" 1 
ATOM   303 O  "O3'" . DG  B 1 3  ? 7.857   8.413   -1.649  1.00 7.30  ? 2003 DG  B "O3'" 1 
ATOM   304 C  "C2'" . DG  B 1 3  ? 5.870   7.427   -0.533  1.00 7.11  ? 2003 DG  B "C2'" 1 
ATOM   305 C  "C1'" . DG  B 1 3  ? 5.747   6.359   -1.605  1.00 6.90  ? 2003 DG  B "C1'" 1 
ATOM   306 N  N9    . DG  B 1 3  ? 4.575   5.490   -1.556  1.00 6.36  ? 2003 DG  B N9    1 
ATOM   307 C  C8    . DG  B 1 3  ? 3.746   5.238   -2.622  1.00 6.07  ? 2003 DG  B C8    1 
ATOM   308 N  N7    . DG  B 1 3  ? 2.775   4.415   -2.335  1.00 5.91  ? 2003 DG  B N7    1 
ATOM   309 C  C5    . DG  B 1 3  ? 2.994   4.073   -1.007  1.00 5.95  ? 2003 DG  B C5    1 
ATOM   310 C  C6    . DG  B 1 3  ? 2.272   3.199   -0.163  1.00 5.65  ? 2003 DG  B C6    1 
ATOM   311 O  O6    . DG  B 1 3  ? 1.239   2.569   -0.416  1.00 5.38  ? 2003 DG  B O6    1 
ATOM   312 N  N1    . DG  B 1 3  ? 2.817   3.152   1.115   1.00 5.65  ? 2003 DG  B N1    1 
ATOM   313 C  C2    . DG  B 1 3  ? 3.939   3.848   1.523   1.00 5.85  ? 2003 DG  B C2    1 
ATOM   314 N  N2    . DG  B 1 3  ? 4.339   3.644   2.795   1.00 5.63  ? 2003 DG  B N2    1 
ATOM   315 N  N3    . DG  B 1 3  ? 4.634   4.655   0.733   1.00 5.74  ? 2003 DG  B N3    1 
ATOM   316 C  C4    . DG  B 1 3  ? 4.093   4.738   -0.503  1.00 6.04  ? 2003 DG  B C4    1 
ATOM   317 P  P     . DG  B 1 4  ? 7.720   10.016  -1.698  1.00 7.58  ? 2004 DG  B P     1 
ATOM   318 O  OP1   . DG  B 1 4  ? 8.737   10.505  -2.665  1.00 7.77  ? 2004 DG  B OP1   1 
ATOM   319 O  OP2   . DG  B 1 4  ? 7.680   10.535  -0.337  1.00 7.39  ? 2004 DG  B OP2   1 
ATOM   320 O  "O5'" . DG  B 1 4  ? 6.269   10.222  -2.354  1.00 6.80  ? 2004 DG  B "O5'" 1 
ATOM   321 C  "C5'" . DG  B 1 4  ? 6.025   9.882   -3.727  1.00 6.99  ? 2004 DG  B "C5'" 1 
ATOM   322 C  "C4'" . DG  B 1 4  ? 4.544   9.974   -4.029  1.00 6.84  ? 2004 DG  B "C4'" 1 
ATOM   323 O  "O4'" . DG  B 1 4  ? 3.865   8.892   -3.336  1.00 6.79  ? 2004 DG  B "O4'" 1 
ATOM   324 C  "C3'" . DG  B 1 4  ? 3.854   11.272  -3.585  1.00 7.47  ? 2004 DG  B "C3'" 1 
ATOM   325 O  "O3'" . DG  B 1 4  ? 2.988   11.634  -4.681  1.00 8.44  ? 2004 DG  B "O3'" 1 
ATOM   326 C  "C2'" . DG  B 1 4  ? 3.050   10.837  -2.367  1.00 6.85  ? 2004 DG  B "C2'" 1 
ATOM   327 C  "C1'" . DG  B 1 4  ? 2.695   9.430   -2.764  1.00 6.55  ? 2004 DG  B "C1'" 1 
ATOM   328 N  N9    . DG  B 1 4  ? 2.254   8.546   -1.697  1.00 6.11  ? 2004 DG  B N9    1 
ATOM   329 C  C8    . DG  B 1 4  ? 2.647   8.540   -0.378  1.00 6.07  ? 2004 DG  B C8    1 
ATOM   330 N  N7    . DG  B 1 4  ? 1.988   7.677   0.348   1.00 5.71  ? 2004 DG  B N7    1 
ATOM   331 C  C5    . DG  B 1 4  ? 1.117   7.070   -0.549  1.00 5.67  ? 2004 DG  B C5    1 
ATOM   332 C  C6    . DG  B 1 4  ? 0.143   6.063   -0.344  1.00 5.37  ? 2004 DG  B C6    1 
ATOM   333 O  O6    . DG  B 1 4  ? -0.124  5.455   0.695   1.00 5.01  ? 2004 DG  B O6    1 
ATOM   334 N  N1    . DG  B 1 4  ? -0.543  5.760   -1.521  1.00 5.23  ? 2004 DG  B N1    1 
ATOM   335 C  C2    . DG  B 1 4  ? -0.338  6.371   -2.733  1.00 5.53  ? 2004 DG  B C2    1 
ATOM   336 N  N2    . DG  B 1 4  ? -1.093  5.932   -3.759  1.00 5.32  ? 2004 DG  B N2    1 
ATOM   337 N  N3    . DG  B 1 4  ? 0.573   7.309   -2.940  1.00 5.64  ? 2004 DG  B N3    1 
ATOM   338 C  C4    . DG  B 1 4  ? 1.248   7.620   -1.807  1.00 5.96  ? 2004 DG  B C4    1 
ATOM   339 P  P     . DT  B 1 5  ? 1.994   12.900  -4.616  1.00 9.73  ? 2005 DT  B P     1 
ATOM   340 O  OP1   . DT  B 1 5  ? 1.591   13.213  -6.007  1.00 9.78  ? 2005 DT  B OP1   1 
ATOM   341 O  OP2   . DT  B 1 5  ? 2.486   13.936  -3.714  1.00 8.80  ? 2005 DT  B OP2   1 
ATOM   342 O  "O5'" . DT  B 1 5  ? 0.681   12.320  -3.909  1.00 9.51  ? 2005 DT  B "O5'" 1 
ATOM   343 C  "C5'" . DT  B 1 5  ? -0.150  11.391  -4.618  1.00 9.79  ? 2005 DT  B "C5'" 1 
ATOM   344 C  "C4'" . DT  B 1 5  ? -1.195  10.819  -3.685  1.00 9.47  ? 2005 DT  B "C4'" 1 
ATOM   345 O  "O4'" . DT  B 1 5  ? -0.575  10.231  -2.523  1.00 8.91  ? 2005 DT  B "O4'" 1 
ATOM   346 C  "C3'" . DT  B 1 5  ? -2.210  11.836  -3.150  1.00 10.10 ? 2005 DT  B "C3'" 1 
ATOM   347 O  "O3'" . DT  B 1 5  ? -3.376  11.664  -3.988  1.00 11.99 ? 2005 DT  B "O3'" 1 
ATOM   348 C  "C2'" . DT  B 1 5  ? -2.480  11.365  -1.724  1.00 9.26  ? 2005 DT  B "C2'" 1 
ATOM   349 C  "C1'" . DT  B 1 5  ? -1.578  10.141  -1.520  1.00 9.04  ? 2005 DT  B "C1'" 1 
ATOM   350 N  N1    . DT  B 1 5  ? -0.908  10.088  -0.204  1.00 8.94  ? 2005 DT  B N1    1 
ATOM   351 C  C2    . DT  B 1 5  ? -1.271  9.086   0.672   1.00 9.09  ? 2005 DT  B C2    1 
ATOM   352 O  O2    . DT  B 1 5  ? -2.088  8.221   0.393   1.00 8.54  ? 2005 DT  B O2    1 
ATOM   353 N  N3    . DT  B 1 5  ? -0.591  9.099   1.868   1.00 9.23  ? 2005 DT  B N3    1 
ATOM   354 C  C4    . DT  B 1 5  ? 0.373   10.009  2.273   1.00 9.46  ? 2005 DT  B C4    1 
ATOM   355 O  O4    . DT  B 1 5  ? 0.869   9.921   3.393   1.00 10.29 ? 2005 DT  B O4    1 
ATOM   356 C  C5    . DT  B 1 5  ? 0.690   11.041  1.315   1.00 9.27  ? 2005 DT  B C5    1 
ATOM   357 C  C7    . DT  B 1 5  ? 1.721   12.067  1.673   1.00 9.47  ? 2005 DT  B C7    1 
ATOM   358 C  C6    . DT  B 1 5  ? 0.037   11.037  0.147   1.00 9.11  ? 2005 DT  B C6    1 
ATOM   359 P  P     . DT  B 1 6  ? -4.686  12.663  -3.913  1.00 14.56 ? 2006 DT  B P     1 
ATOM   360 O  OP1   . DT  B 1 6  ? -5.425  12.476  -5.184  1.00 13.86 ? 2006 DT  B OP1   1 
ATOM   361 O  OP2   . DT  B 1 6  ? -4.278  14.004  -3.475  1.00 13.85 ? 2006 DT  B OP2   1 
ATOM   362 O  "O5'" . DT  B 1 6  ? -5.578  12.044  -2.742  1.00 12.16 ? 2006 DT  B "O5'" 1 
ATOM   363 C  "C5'" . DT  B 1 6  ? -6.113  10.717  -2.879  1.00 10.71 ? 2006 DT  B "C5'" 1 
ATOM   364 C  "C4'" . DT  B 1 6  ? -6.688  10.271  -1.555  1.00 9.78  ? 2006 DT  B "C4'" 1 
ATOM   365 O  "O4'" . DT  B 1 6  ? -5.609  10.218  -0.589  1.00 9.07  ? 2006 DT  B "O4'" 1 
ATOM   366 C  "C3'" . DT  B 1 6  ? -7.753  11.213  -0.961  1.00 9.86  ? 2006 DT  B "C3'" 1 
ATOM   367 O  "O3'" . DT  B 1 6  ? -8.795  10.468  -0.311  1.00 10.24 ? 2006 DT  B "O3'" 1 
ATOM   368 C  "C2'" . DT  B 1 6  ? -7.019  11.897  0.192   1.00 9.32  ? 2006 DT  B "C2'" 1 
ATOM   369 C  "C1'" . DT  B 1 6  ? -6.090  10.770  0.630   1.00 9.29  ? 2006 DT  B "C1'" 1 
ATOM   370 N  N1    . DT  B 1 6  ? -4.922  11.162  1.457   1.00 9.34  ? 2006 DT  B N1    1 
ATOM   371 C  C2    . DT  B 1 6  ? -4.574  10.381  2.538   1.00 9.22  ? 2006 DT  B C2    1 
ATOM   372 O  O2    . DT  B 1 6  ? -5.164  9.358   2.849   1.00 8.44  ? 2006 DT  B O2    1 
ATOM   373 N  N3    . DT  B 1 6  ? -3.489  10.843  3.249   1.00 10.08 ? 2006 DT  B N3    1 
ATOM   374 C  C4    . DT  B 1 6  ? -2.737  11.972  2.992   1.00 10.14 ? 2006 DT  B C4    1 
ATOM   375 O  O4    . DT  B 1 6  ? -1.789  12.253  3.730   1.00 10.75 ? 2006 DT  B O4    1 
ATOM   376 C  C5    . DT  B 1 6  ? -3.166  12.748  1.848   1.00 9.80  ? 2006 DT  B C5    1 
ATOM   377 C  C7    . DT  B 1 6  ? -2.405  13.983  1.476   1.00 10.16 ? 2006 DT  B C7    1 
ATOM   378 C  C6    . DT  B 1 6  ? -4.215  12.304  1.143   1.00 9.63  ? 2006 DT  B C6    1 
ATOM   379 P  P     . DT  B 1 7  ? -9.837  9.573   -1.148  1.00 10.15 ? 2007 DT  B P     1 
ATOM   380 O  OP1   . DT  B 1 7  ? -9.485  9.654   -2.581  1.00 10.74 ? 2007 DT  B OP1   1 
ATOM   381 O  OP2   . DT  B 1 7  ? -11.189 9.897   -0.680  1.00 10.27 ? 2007 DT  B OP2   1 
ATOM   382 O  "O5'" . DT  B 1 7  ? -9.435  8.083   -0.739  1.00 8.92  ? 2007 DT  B "O5'" 1 
ATOM   383 C  "C5'" . DT  B 1 7  ? -10.443 7.064   -0.663  1.00 8.30  ? 2007 DT  B "C5'" 1 
ATOM   384 C  "C4'" . DT  B 1 7  ? -9.927  5.850   0.073   1.00 7.68  ? 2007 DT  B "C4'" 1 
ATOM   385 O  "O4'" . DT  B 1 7  ? -8.762  5.338   -0.599  1.00 7.36  ? 2007 DT  B "O4'" 1 
ATOM   386 C  "C3'" . DT  B 1 7  ? -9.500  6.073   1.519   1.00 7.69  ? 2007 DT  B "C3'" 1 
ATOM   387 O  "O3'" . DT  B 1 7  ? -9.667  4.831   2.200   1.00 7.74  ? 2007 DT  B "O3'" 1 
ATOM   388 C  "C2'" . DT  B 1 7  ? -8.018  6.400   1.386   1.00 7.20  ? 2007 DT  B "C2'" 1 
ATOM   389 C  "C1'" . DT  B 1 7  ? -7.581  5.595   0.159   1.00 6.93  ? 2007 DT  B "C1'" 1 
ATOM   390 N  N1    . DT  B 1 7  ? -6.605  6.281   -0.744  1.00 6.69  ? 2007 DT  B N1    1 
ATOM   391 C  C2    . DT  B 1 7  ? -5.365  6.572   -0.233  1.00 6.53  ? 2007 DT  B C2    1 
ATOM   392 O  O2    . DT  B 1 7  ? -5.046  6.322   0.915   1.00 5.99  ? 2007 DT  B O2    1 
ATOM   393 N  N3    . DT  B 1 7  ? -4.519  7.211   -1.106  1.00 6.57  ? 2007 DT  B N3    1 
ATOM   394 C  C4    . DT  B 1 7  ? -4.761  7.525   -2.424  1.00 6.75  ? 2007 DT  B C4    1 
ATOM   395 O  O4    . DT  B 1 7  ? -3.884  8.077   -3.087  1.00 6.94  ? 2007 DT  B O4    1 
ATOM   396 C  C5    . DT  B 1 7  ? -6.078  7.171   -2.909  1.00 6.93  ? 2007 DT  B C5    1 
ATOM   397 C  C7    . DT  B 1 7  ? -6.438  7.473   -4.330  1.00 7.32  ? 2007 DT  B C7    1 
ATOM   398 C  C6    . DT  B 1 7  ? -6.923  6.570   -2.056  1.00 6.82  ? 2007 DT  B C6    1 
ATOM   399 P  P     . DT  B 1 8  ? -10.381 4.792   3.623   1.00 8.30  ? 2008 DT  B P     1 
ATOM   400 O  OP1   . DT  B 1 8  ? -10.804 3.416   3.905   1.00 8.31  ? 2008 DT  B OP1   1 
ATOM   401 O  OP2   . DT  B 1 8  ? -11.282 5.941   3.726   1.00 7.98  ? 2008 DT  B OP2   1 
ATOM   402 O  "O5'" . DT  B 1 8  ? -9.195  5.066   4.668   1.00 8.54  ? 2008 DT  B "O5'" 1 
ATOM   403 C  "C5'" . DT  B 1 8  ? -7.996  4.247   4.721   1.00 8.56  ? 2008 DT  B "C5'" 1 
ATOM   404 C  "C4'" . DT  B 1 8  ? -7.069  4.684   5.845   1.00 9.40  ? 2008 DT  B "C4'" 1 
ATOM   405 O  "O4'" . DT  B 1 8  ? -6.472  5.974   5.543   1.00 8.95  ? 2008 DT  B "O4'" 1 
ATOM   406 C  "C3'" . DT  B 1 8  ? -7.657  4.827   7.250   1.00 9.51  ? 2008 DT  B "C3'" 1 
ATOM   407 O  "O3'" . DT  B 1 8  ? -6.569  4.550   8.176   1.00 10.39 ? 2008 DT  B "O3'" 1 
ATOM   408 C  "C2'" . DT  B 1 8  ? -8.033  6.301   7.292   1.00 9.35  ? 2008 DT  B "C2'" 1 
ATOM   409 C  "C1'" . DT  B 1 8  ? -6.851  6.923   6.539   1.00 9.70  ? 2008 DT  B "C1'" 1 
ATOM   410 N  N1    . DT  B 1 8  ? -7.081  8.206   5.855   1.00 9.75  ? 2008 DT  B N1    1 
ATOM   411 C  C2    . DT  B 1 8  ? -6.269  9.290   6.137   1.00 10.08 ? 2008 DT  B C2    1 
ATOM   412 O  O2    . DT  B 1 8  ? -5.362  9.260   6.955   1.00 9.57  ? 2008 DT  B O2    1 
ATOM   413 N  N3    . DT  B 1 8  ? -6.533  10.409  5.385   1.00 10.39 ? 2008 DT  B N3    1 
ATOM   414 C  C4    . DT  B 1 8  ? -7.515  10.561  4.429   1.00 10.56 ? 2008 DT  B C4    1 
ATOM   415 O  O4    . DT  B 1 8  ? -7.640  11.633  3.852   1.00 11.33 ? 2008 DT  B O4    1 
ATOM   416 C  C5    . DT  B 1 8  ? -8.319  9.384   4.172   1.00 10.54 ? 2008 DT  B C5    1 
ATOM   417 C  C7    . DT  B 1 8  ? -9.396  9.449   3.129   1.00 10.78 ? 2008 DT  B C7    1 
ATOM   418 C  C6    . DT  B 1 8  ? -8.070  8.282   4.895   1.00 10.46 ? 2008 DT  B C6    1 
ATOM   419 P  P     . DG  B 1 9  ? -6.839  4.024   9.720   1.00 11.93 ? 2009 DG  B P     1 
ATOM   420 O  OP1   . DG  B 1 9  ? -7.812  4.919   10.383  1.00 11.64 ? 2009 DG  B OP1   1 
ATOM   421 O  OP2   . DG  B 1 9  ? -5.503  3.740   10.356  1.00 11.56 ? 2009 DG  B OP2   1 
ATOM   422 O  "O5'" . DG  B 1 9  ? -7.629  2.666   9.493   1.00 11.20 ? 2009 DG  B "O5'" 1 
ATOM   423 C  "C5'" . DG  B 1 9  ? -6.911  1.481   9.152   1.00 10.55 ? 2009 DG  B "C5'" 1 
ATOM   424 C  "C4'" . DG  B 1 9  ? -7.783  0.576   8.314   1.00 10.31 ? 2009 DG  B "C4'" 1 
ATOM   425 O  "O4'" . DG  B 1 9  ? -7.868  1.087   6.955   1.00 9.13  ? 2009 DG  B "O4'" 1 
ATOM   426 C  "C3'" . DG  B 1 9  ? -7.244  -0.850  8.203   1.00 10.83 ? 2009 DG  B "C3'" 1 
ATOM   427 O  "O3'" . DG  B 1 9  ? -8.388  -1.704  8.121   1.00 13.23 ? 2009 DG  B "O3'" 1 
ATOM   428 C  "C2'" . DG  B 1 9  ? -6.472  -0.819  6.895   1.00 9.57  ? 2009 DG  B "C2'" 1 
ATOM   429 C  "C1'" . DG  B 1 9  ? -7.323  0.117   6.044   1.00 8.92  ? 2009 DG  B "C1'" 1 
ATOM   430 N  N9    . DG  B 1 9  ? -6.621  0.817   4.950   1.00 7.85  ? 2009 DG  B N9    1 
ATOM   431 C  C8    . DG  B 1 9  ? -7.006  0.838   3.633   1.00 7.73  ? 2009 DG  B C8    1 
ATOM   432 N  N7    . DG  B 1 9  ? -6.174  1.488   2.862   1.00 7.14  ? 2009 DG  B N7    1 
ATOM   433 C  C5    . DG  B 1 9  ? -5.180  1.925   3.725   1.00 7.26  ? 2009 DG  B C5    1 
ATOM   434 C  C6    . DG  B 1 9  ? -4.030  2.715   3.470   1.00 7.37  ? 2009 DG  B C6    1 
ATOM   435 O  O6    . DG  B 1 9  ? -3.638  3.179   2.382   1.00 6.80  ? 2009 DG  B O6    1 
ATOM   436 N  N1    . DG  B 1 9  ? -3.325  2.990   4.646   1.00 6.92  ? 2009 DG  B N1    1 
ATOM   437 C  C2    . DG  B 1 9  ? -3.660  2.520   5.896   1.00 7.32  ? 2009 DG  B C2    1 
ATOM   438 N  N2    . DG  B 1 9  ? -2.813  2.837   6.913   1.00 7.22  ? 2009 DG  B N2    1 
ATOM   439 N  N3    . DG  B 1 9  ? -4.728  1.774   6.140   1.00 7.26  ? 2009 DG  B N3    1 
ATOM   440 C  C4    . DG  B 1 9  ? -5.444  1.526   5.019   1.00 7.42  ? 2009 DG  B C4    1 
ATOM   441 P  P     . DG  B 1 10 ? -8.244  -3.294  7.839   1.00 16.72 ? 2010 DG  B P     1 
ATOM   442 O  OP1   . DG  B 1 10 ? -9.541  -3.922  8.248   1.00 15.72 ? 2010 DG  B OP1   1 
ATOM   443 O  OP2   . DG  B 1 10 ? -6.929  -3.801  8.328   1.00 15.59 ? 2010 DG  B OP2   1 
ATOM   444 O  "O5'" . DG  B 1 10 ? -8.144  -3.437  6.247   1.00 13.51 ? 2010 DG  B "O5'" 1 
ATOM   445 C  "C5'" . DG  B 1 10 ? -9.303  -3.217  5.428   1.00 12.50 ? 2010 DG  B "C5'" 1 
ATOM   446 C  "C4'" . DG  B 1 10 ? -8.940  -3.208  3.962   1.00 11.95 ? 2010 DG  B "C4'" 1 
ATOM   447 O  "O4'" . DG  B 1 10 ? -7.891  -2.249  3.682   1.00 10.75 ? 2010 DG  B "O4'" 1 
ATOM   448 C  "C3'" . DG  B 1 10 ? -8.474  -4.546  3.371   1.00 12.08 ? 2010 DG  B "C3'" 1 
ATOM   449 O  "O3'" . DG  B 1 10 ? -9.161  -4.659  2.115   1.00 14.63 ? 2010 DG  B "O3'" 1 
ATOM   450 C  "C2'" . DG  B 1 10 ? -7.000  -4.308  3.081   1.00 11.15 ? 2010 DG  B "C2'" 1 
ATOM   451 C  "C1'" . DG  B 1 10 ? -7.006  -2.829  2.739   1.00 9.79  ? 2010 DG  B "C1'" 1 
ATOM   452 N  N9    . DG  B 1 10 ? -5.721  -2.130  2.811   1.00 8.61  ? 2010 DG  B N9    1 
ATOM   453 C  C8    . DG  B 1 10 ? -4.862  -2.008  3.880   1.00 8.14  ? 2010 DG  B C8    1 
ATOM   454 N  N7    . DG  B 1 10 ? -3.791  -1.310  3.600   1.00 7.77  ? 2010 DG  B N7    1 
ATOM   455 C  C5    . DG  B 1 10 ? -3.936  -0.983  2.255   1.00 7.13  ? 2010 DG  B C5    1 
ATOM   456 C  C6    . DG  B 1 10 ? -3.086  -0.227  1.386   1.00 7.03  ? 2010 DG  B C6    1 
ATOM   457 O  O6    . DG  B 1 10 ? -1.992  0.310   1.641   1.00 5.99  ? 2010 DG  B O6    1 
ATOM   458 N  N1    . DG  B 1 10 ? -3.647  -0.091  0.117   1.00 6.42  ? 2010 DG  B N1    1 
ATOM   459 C  C2    . DG  B 1 10 ? -4.844  -0.644  -0.281  1.00 7.01  ? 2010 DG  B C2    1 
ATOM   460 N  N2    . DG  B 1 10 ? -5.197  -0.450  -1.565  1.00 6.48  ? 2010 DG  B N2    1 
ATOM   461 N  N3    . DG  B 1 10 ? -5.642  -1.337  0.521   1.00 7.23  ? 2010 DG  B N3    1 
ATOM   462 C  C4    . DG  B 1 10 ? -5.131  -1.462  1.762   1.00 7.60  ? 2010 DG  B C4    1 
ATOM   463 P  P     . DG  B 1 11 ? -9.280  -6.052  1.354   1.00 16.74 ? 2011 DG  B P     1 
ATOM   464 O  OP1   . DG  B 1 11 ? -10.606 -6.635  1.641   1.00 18.72 ? 2011 DG  B OP1   1 
ATOM   465 O  OP2   . DG  B 1 11 ? -8.081  -6.863  1.616   1.00 18.91 ? 2011 DG  B OP2   1 
ATOM   466 O  "O5'" . DG  B 1 11 ? -9.213  -5.601  -0.152  1.00 17.13 ? 2011 DG  B "O5'" 1 
ATOM   467 C  "C5'" . DG  B 1 11 ? -7.985  -5.025  -0.605  1.00 14.28 ? 2011 DG  B "C5'" 1 
ATOM   468 C  "C4'" . DG  B 1 11 ? -7.894  -5.244  -2.089  1.00 13.51 ? 2011 DG  B "C4'" 1 
ATOM   469 O  "O4'" . DG  B 1 11 ? -6.941  -4.303  -2.612  1.00 12.70 ? 2011 DG  B "O4'" 1 
ATOM   470 C  "C3'" . DG  B 1 11 ? -7.414  -6.633  -2.518  1.00 12.97 ? 2011 DG  B "C3'" 1 
ATOM   471 O  "O3'" . DG  B 1 11 ? -8.164  -6.941  -3.704  1.00 14.84 ? 2011 DG  B "O3'" 1 
ATOM   472 C  "C2'" . DG  B 1 11 ? -5.939  -6.412  -2.802  1.00 11.94 ? 2011 DG  B "C2'" 1 
ATOM   473 C  "C1'" . DG  B 1 11 ? -5.945  -4.984  -3.334  1.00 11.13 ? 2011 DG  B "C1'" 1 
ATOM   474 N  N9    . DG  B 1 11 ? -4.714  -4.218  -3.188  1.00 9.30  ? 2011 DG  B N9    1 
ATOM   475 C  C8    . DG  B 1 11 ? -4.110  -3.489  -4.183  1.00 9.24  ? 2011 DG  B C8    1 
ATOM   476 N  N7    . DG  B 1 11 ? -3.022  -2.889  -3.790  1.00 8.47  ? 2011 DG  B N7    1 
ATOM   477 C  C5    . DG  B 1 11 ? -2.933  -3.191  -2.437  1.00 7.88  ? 2011 DG  B C5    1 
ATOM   478 C  C6    . DG  B 1 11 ? -1.969  -2.803  -1.476  1.00 7.27  ? 2011 DG  B C6    1 
ATOM   479 O  O6    . DG  B 1 11 ? -0.975  -2.094  -1.635  1.00 6.52  ? 2011 DG  B O6    1 
ATOM   480 N  N1    . DG  B 1 11 ? -2.261  -3.320  -0.216  1.00 7.15  ? 2011 DG  B N1    1 
ATOM   481 C  C2    . DG  B 1 11 ? -3.332  -4.133  0.076   1.00 7.35  ? 2011 DG  B C2    1 
ATOM   482 N  N2    . DG  B 1 11 ? -3.438  -4.541  1.358   1.00 6.97  ? 2011 DG  B N2    1 
ATOM   483 N  N3    . DG  B 1 11 ? -4.223  -4.528  -0.822  1.00 7.74  ? 2011 DG  B N3    1 
ATOM   484 C  C4    . DG  B 1 11 ? -3.981  -3.997  -2.044  1.00 8.53  ? 2011 DG  B C4    1 
ATOM   485 P  P     . DG  B 1 12 ? -8.102  -8.421  -4.375  1.00 15.52 ? 2012 DG  B P     1 
ATOM   486 O  OP1   . DG  B 1 12 ? -9.334  -8.570  -5.164  1.00 16.78 ? 2012 DG  B OP1   1 
ATOM   487 O  OP2   . DG  B 1 12 ? -7.742  -9.382  -3.342  1.00 16.01 ? 2012 DG  B OP2   1 
ATOM   488 O  "O5'" . DG  B 1 12 ? -6.870  -8.322  -5.384  1.00 16.38 ? 2012 DG  B "O5'" 1 
ATOM   489 C  "C5'" . DG  B 1 12 ? -6.925  -7.491  -6.549  1.00 16.19 ? 2012 DG  B "C5'" 1 
ATOM   490 C  "C4'" . DG  B 1 12 ? -5.546  -7.485  -7.162  1.00 17.35 ? 2012 DG  B "C4'" 1 
ATOM   491 O  "O4'" . DG  B 1 12 ? -4.728  -6.648  -6.304  1.00 14.18 ? 2012 DG  B "O4'" 1 
ATOM   492 C  "C3'" . DG  B 1 12 ? -4.874  -8.867  -7.168  1.00 17.82 ? 2012 DG  B "C3'" 1 
ATOM   493 O  "O3'" . DG  B 1 12 ? -4.545  -9.395  -8.456  1.00 25.24 ? 2012 DG  B "O3'" 1 
ATOM   494 C  "C2'" . DG  B 1 12 ? -3.480  -8.621  -6.634  1.00 17.03 ? 2012 DG  B "C2'" 1 
ATOM   495 C  "C1'" . DG  B 1 12 ? -3.411  -7.117  -6.413  1.00 14.11 ? 2012 DG  B "C1'" 1 
ATOM   496 N  N9    . DG  B 1 12 ? -2.703  -6.784  -5.188  1.00 12.15 ? 2012 DG  B N9    1 
ATOM   497 C  C8    . DG  B 1 12 ? -2.888  -7.285  -3.920  1.00 11.63 ? 2012 DG  B C8    1 
ATOM   498 N  N7    . DG  B 1 12 ? -2.041  -6.798  -3.053  1.00 10.59 ? 2012 DG  B N7    1 
ATOM   499 C  C5    . DG  B 1 12 ? -1.201  -5.993  -3.812  1.00 9.32  ? 2012 DG  B C5    1 
ATOM   500 C  C6    . DG  B 1 12 ? -0.097  -5.206  -3.426  1.00 8.67  ? 2012 DG  B C6    1 
ATOM   501 O  O6    . DG  B 1 12 ? 0.435   -5.128  -2.313  1.00 7.96  ? 2012 DG  B O6    1 
ATOM   502 N  N1    . DG  B 1 12 ? 0.479   -4.559  -4.518  1.00 8.69  ? 2012 DG  B N1    1 
ATOM   503 C  C2    . DG  B 1 12 ? -0.002  -4.606  -5.808  1.00 9.30  ? 2012 DG  B C2    1 
ATOM   504 N  N2    . DG  B 1 12 ? 0.652   -3.869  -6.723  1.00 9.00  ? 2012 DG  B N2    1 
ATOM   505 N  N3    . DG  B 1 12 ? -1.063  -5.298  -6.167  1.00 9.23  ? 2012 DG  B N3    1 
ATOM   506 C  C4    . DG  B 1 12 ? -1.598  -5.977  -5.131  1.00 10.36 ? 2012 DG  B C4    1 
HETATM 507 K  K     . K   C 2 .  ? -1.100  2.845   1.125   1.00 5.46  ? 1101 K   A K     1 
HETATM 508 K  K     . K   D 2 .  ? 1.568   -2.990  -0.934  1.00 6.09  ? 1102 K   A K     1 
HETATM 509 K  K     . K   E 2 .  ? 0.212   0.002   0.066   1.00 5.52  ? 1103 K   A K     1 
HETATM 510 K  K     . K   F 2 .  ? 3.097   -6.154  -1.972  1.00 12.51 ? 1104 K   A K     1 
HETATM 511 MG MG    . MG  G 3 .  ? -8.091  -9.311  4.999   0.50 37.38 ? 1105 MG  A MG    1 
HETATM 512 MG MG    . MG  H 3 .  ? -7.138  0.453   -13.177 1.00 28.91 ? 1106 MG  A MG    1 
HETATM 513 K  K     . K   I 2 .  ? -2.700  5.790   2.055   1.00 8.37  ? 2101 K   B K     1 
HETATM 514 MG MG    . MG  J 3 .  ? -14.957 6.383   1.458   1.00 27.86 ? 2102 MG  B MG    1 
HETATM 515 O  O     . HOH K 4 .  ? 4.833   -1.079  7.161   1.00 13.33 ? 1201 HOH A O     1 
HETATM 516 O  O     . HOH K 4 .  ? -3.176  -0.615  8.401   1.00 7.44  ? 1202 HOH A O     1 
HETATM 517 O  O     . HOH K 4 .  ? -4.443  -9.346  0.235   1.00 11.07 ? 1203 HOH A O     1 
HETATM 518 O  O     . HOH K 4 .  ? 2.815   -4.090  7.440   1.00 13.90 ? 1204 HOH A O     1 
HETATM 519 O  O     . HOH K 4 .  ? 7.669   -12.616 4.700   1.00 17.35 ? 1205 HOH A O     1 
HETATM 520 O  O     . HOH K 4 .  ? -7.973  1.607   -11.850 1.00 17.67 ? 1206 HOH A O     1 
HETATM 521 O  O     . HOH K 4 .  ? -8.438  -1.962  -9.209  1.00 14.42 ? 1207 HOH A O     1 
HETATM 522 O  O     . HOH K 4 .  ? 1.869   -7.384  -4.370  1.00 16.54 ? 1208 HOH A O     1 
HETATM 523 O  O     . HOH K 4 .  ? 2.494   -10.738 -4.752  1.00 19.98 ? 1209 HOH A O     1 
HETATM 524 O  O     . HOH K 4 .  ? -9.804  2.186   0.567   1.00 14.33 ? 1210 HOH A O     1 
HETATM 525 O  O     . HOH K 4 .  ? -1.548  -2.284  -8.696  1.00 13.75 ? 1211 HOH A O     1 
HETATM 526 O  O     . HOH K 4 .  ? -9.672  -0.194  -2.755  1.00 13.21 ? 1212 HOH A O     1 
HETATM 527 O  O     . HOH K 4 .  ? 5.084   8.893   2.929   1.00 9.76  ? 1213 HOH A O     1 
HETATM 528 O  O     . HOH K 4 .  ? -5.145  -3.373  -7.559  1.00 15.90 ? 1214 HOH A O     1 
HETATM 529 O  O     . HOH K 4 .  ? 9.655   -0.076  -2.988  1.00 24.05 ? 1215 HOH A O     1 
HETATM 530 O  O     . HOH K 4 .  ? -0.978  4.579   -7.424  1.00 15.24 ? 1216 HOH A O     1 
HETATM 531 O  O     . HOH K 4 .  ? 3.472   -3.401  -10.572 1.00 9.50  ? 1217 HOH A O     1 
HETATM 532 O  O     . HOH K 4 .  ? -9.623  4.168   -10.018 1.00 18.40 ? 1218 HOH A O     1 
HETATM 533 O  O     A HOH K 4 .  ? -1.533  7.364   8.693   0.50 4.79  ? 1219 HOH A O     1 
HETATM 534 O  O     B HOH K 4 .  ? -3.522  6.811   8.911   0.50 23.31 ? 1219 HOH A O     1 
HETATM 535 O  O     . HOH K 4 .  ? -1.068  3.852   10.679  1.00 16.46 ? 1220 HOH A O     1 
HETATM 536 O  O     . HOH K 4 .  ? 10.566  -2.656  -2.332  1.00 20.26 ? 1221 HOH A O     1 
HETATM 537 O  O     . HOH K 4 .  ? 4.287   -14.045 3.256   1.00 18.16 ? 1222 HOH A O     1 
HETATM 538 O  O     . HOH K 4 .  ? 2.015   4.329   -7.247  1.00 17.25 ? 1223 HOH A O     1 
HETATM 539 O  O     . HOH K 4 .  ? -5.021  1.483   -12.469 1.00 21.66 ? 1224 HOH A O     1 
HETATM 540 O  O     . HOH K 4 .  ? -6.668  -10.782 4.125   1.00 23.62 ? 1225 HOH A O     1 
HETATM 541 O  O     . HOH K 4 .  ? 9.193   -6.363  -9.203  1.00 21.35 ? 1226 HOH A O     1 
HETATM 542 O  O     . HOH K 4 .  ? 1.256   -1.460  -13.698 1.00 24.69 ? 1227 HOH A O     1 
HETATM 543 O  O     . HOH K 4 .  ? 1.564   -8.787  7.014   1.00 19.70 ? 1228 HOH A O     1 
HETATM 544 O  O     . HOH K 4 .  ? 5.910   -0.242  -15.219 1.00 22.12 ? 1229 HOH A O     1 
HETATM 545 O  O     . HOH K 4 .  ? 3.078   -3.697  10.555  1.00 21.52 ? 1230 HOH A O     1 
HETATM 546 O  O     . HOH K 4 .  ? 2.082   -10.474 -7.505  1.00 18.95 ? 1231 HOH A O     1 
HETATM 547 O  O     . HOH K 4 .  ? 0.613   -11.465 5.691   1.00 21.38 ? 1232 HOH A O     1 
HETATM 548 O  O     . HOH K 4 .  ? 3.206   2.131   -14.907 1.00 20.08 ? 1233 HOH A O     1 
HETATM 549 O  O     . HOH K 4 .  ? -6.693  -0.689  -11.104 1.00 44.82 ? 1234 HOH A O     1 
HETATM 550 O  O     . HOH K 4 .  ? -7.213  -9.160  7.133   1.00 16.32 ? 1235 HOH A O     1 
HETATM 551 O  O     . HOH K 4 .  ? 2.789   -8.760  -1.723  1.00 11.98 ? 1236 HOH A O     1 
HETATM 552 O  O     . HOH K 4 .  ? 0.217   -8.393  -6.495  1.00 17.82 ? 1237 HOH A O     1 
HETATM 553 O  O     . HOH K 4 .  ? 13.410  -7.759  0.563   1.00 21.14 ? 1238 HOH A O     1 
HETATM 554 O  O     . HOH K 4 .  ? 8.648   -14.777 6.504   1.00 39.53 ? 1239 HOH A O     1 
HETATM 555 O  O     . HOH K 4 .  ? -11.223 -0.333  -6.783  1.00 23.62 ? 1240 HOH A O     1 
HETATM 556 O  O     . HOH K 4 .  ? 11.050  -7.894  -8.707  1.00 28.92 ? 1241 HOH A O     1 
HETATM 557 O  O     . HOH K 4 .  ? 8.677   -0.080  -5.365  1.00 21.36 ? 1242 HOH A O     1 
HETATM 558 O  O     A HOH K 4 .  ? -2.868  -6.074  -10.210 0.50 7.54  ? 1243 HOH A O     1 
HETATM 559 O  O     B HOH K 4 .  ? -2.034  -5.034  -8.720  0.50 22.22 ? 1243 HOH A O     1 
HETATM 560 O  O     . HOH K 4 .  ? -0.696  -13.412 -2.704  1.00 25.46 ? 1244 HOH A O     1 
HETATM 561 O  O     . HOH K 4 .  ? -1.339  1.003   13.745  1.00 26.04 ? 1245 HOH A O     1 
HETATM 562 O  O     . HOH K 4 .  ? -5.781  4.151   -12.350 1.00 42.49 ? 1246 HOH A O     1 
HETATM 563 O  O     . HOH K 4 .  ? 0.607   -14.207 4.931   1.00 41.56 ? 1247 HOH A O     1 
HETATM 564 O  O     . HOH K 4 .  ? -6.589  -7.561  4.523   1.00 20.69 ? 1248 HOH A O     1 
HETATM 565 O  O     . HOH K 4 .  ? 4.792   -3.681  -13.966 1.00 27.99 ? 1249 HOH A O     1 
HETATM 566 O  O     . HOH K 4 .  ? -4.685  -2.336  -10.361 1.00 23.98 ? 1250 HOH A O     1 
HETATM 567 O  O     . HOH K 4 .  ? 4.585   -2.044  -16.114 1.00 38.29 ? 1251 HOH A O     1 
HETATM 568 O  O     . HOH K 4 .  ? 15.752  -5.155  -4.884  1.00 38.23 ? 1252 HOH A O     1 
HETATM 569 O  O     . HOH K 4 .  ? -1.584  -4.884  -12.231 1.00 33.05 ? 1253 HOH A O     1 
HETATM 570 O  O     . HOH K 4 .  ? -2.294  -5.315  13.036  1.00 38.55 ? 1254 HOH A O     1 
HETATM 571 O  O     . HOH K 4 .  ? -3.766  -3.193  13.895  1.00 40.47 ? 1255 HOH A O     1 
HETATM 572 O  O     . HOH K 4 .  ? -6.558  -1.205  -6.160  1.00 5.02  ? 1256 HOH A O     1 
HETATM 573 O  O     A HOH K 4 .  ? -0.644  -13.048 -5.597  0.50 10.06 ? 1257 HOH A O     1 
HETATM 574 O  O     B HOH K 4 .  ? 0.204   -12.690 -7.088  0.50 13.14 ? 1257 HOH A O     1 
HETATM 575 O  O     . HOH K 4 .  ? -11.843 -0.198  -4.219  1.00 29.12 ? 1258 HOH A O     1 
HETATM 576 O  O     . HOH K 4 .  ? -0.473  -2.590  -11.895 1.00 25.94 ? 1259 HOH A O     1 
HETATM 577 O  O     . HOH K 4 .  ? -0.951  -10.032 -1.941  1.00 25.65 ? 1260 HOH A O     1 
HETATM 578 O  O     . HOH K 4 .  ? -7.738  6.333   -7.990  1.00 26.38 ? 1261 HOH A O     1 
HETATM 579 O  O     . HOH K 4 .  ? -3.210  0.499   11.961  1.00 20.23 ? 1262 HOH A O     1 
HETATM 580 O  O     . HOH K 4 .  ? -10.297 -0.022  1.925   1.00 32.45 ? 1263 HOH A O     1 
HETATM 581 O  O     . HOH K 4 .  ? 2.568   -6.563  8.071   1.00 26.22 ? 1264 HOH A O     1 
HETATM 582 O  O     . HOH K 4 .  ? 10.136  -13.356 1.904   1.00 24.75 ? 1265 HOH A O     1 
HETATM 583 O  O     . HOH K 4 .  ? 13.594  -4.228  -8.318  1.00 34.87 ? 1266 HOH A O     1 
HETATM 584 O  O     . HOH K 4 .  ? 8.399   -14.800 2.896   1.00 32.60 ? 1267 HOH A O     1 
HETATM 585 O  O     . HOH K 4 .  ? 0.165   4.882   14.274  1.00 32.44 ? 1268 HOH A O     1 
HETATM 586 O  O     . HOH K 4 .  ? -1.149  -10.005 -4.703  1.00 33.26 ? 1269 HOH A O     1 
HETATM 587 O  O     . HOH K 4 .  ? 5.635   -13.707 6.711   1.00 52.40 ? 1270 HOH A O     1 
HETATM 588 O  O     . HOH K 4 .  ? 6.798   0.633   6.463   1.00 10.60 ? 1271 HOH A O     1 
HETATM 589 O  O     . HOH K 4 .  ? -8.468  -1.244  -0.120  1.00 11.72 ? 1272 HOH A O     1 
HETATM 590 O  O     . HOH K 4 .  ? 6.234   3.376   6.516   1.00 17.58 ? 1273 HOH A O     1 
HETATM 591 O  O     . HOH K 4 .  ? 6.008   1.363   9.293   1.00 23.16 ? 1274 HOH A O     1 
HETATM 592 O  O     . HOH L 4 .  ? -13.594 9.036   -1.852  1.00 9.00  ? 2201 HOH B O     1 
HETATM 593 O  O     . HOH L 4 .  ? -7.323  -1.587  -3.313  1.00 6.92  ? 2202 HOH B O     1 
HETATM 594 O  O     . HOH L 4 .  ? -3.394  2.294   9.629   1.00 15.90 ? 2203 HOH B O     1 
HETATM 595 O  O     . HOH L 4 .  ? 6.078   5.488   4.371   1.00 7.02  ? 2204 HOH B O     1 
HETATM 596 O  O     . HOH L 4 .  ? -2.953  9.301   5.375   1.00 11.85 ? 2205 HOH B O     1 
HETATM 597 O  O     . HOH L 4 .  ? 14.078  -1.168  5.799   1.00 12.61 ? 2206 HOH B O     1 
HETATM 598 O  O     . HOH L 4 .  ? -11.618 7.342   6.087   1.00 12.67 ? 2207 HOH B O     1 
HETATM 599 O  O     . HOH L 4 .  ? 5.063   10.749  0.883   1.00 11.99 ? 2208 HOH B O     1 
HETATM 600 O  O     . HOH L 4 .  ? 5.910   -3.460  7.828   1.00 15.92 ? 2209 HOH B O     1 
HETATM 601 O  O     . HOH L 4 .  ? -13.068 7.236   2.387   1.00 14.20 ? 2210 HOH B O     1 
HETATM 602 O  O     . HOH L 4 .  ? 0.839   13.796  -1.239  1.00 21.20 ? 2211 HOH B O     1 
HETATM 603 O  O     . HOH L 4 .  ? -12.917 3.027   2.114   1.00 21.38 ? 2212 HOH B O     1 
HETATM 604 O  O     . HOH L 4 .  ? 8.707   1.787   -1.036  1.00 16.86 ? 2213 HOH B O     1 
HETATM 605 O  O     . HOH L 4 .  ? 10.951  4.022   6.953   1.00 9.40  ? 2214 HOH B O     1 
HETATM 606 O  O     . HOH L 4 .  ? 7.201   3.317   -3.743  1.00 12.65 ? 2215 HOH B O     1 
HETATM 607 O  O     . HOH L 4 .  ? 12.954  4.321   4.349   1.00 24.04 ? 2216 HOH B O     1 
HETATM 608 O  O     . HOH L 4 .  ? 0.679   -3.837  -9.737  1.00 23.93 ? 2217 HOH B O     1 
HETATM 609 O  O     . HOH L 4 .  ? -4.955  -7.221  1.935   1.00 13.25 ? 2218 HOH B O     1 
HETATM 610 O  O     . HOH L 4 .  ? 0.331   14.135  3.974   1.00 14.21 ? 2219 HOH B O     1 
HETATM 611 O  O     . HOH L 4 .  ? 9.624   -1.474  9.822   1.00 15.50 ? 2220 HOH B O     1 
HETATM 612 O  O     . HOH L 4 .  ? 1.754   7.405   -5.494  1.00 20.87 ? 2221 HOH B O     1 
HETATM 613 O  O     . HOH L 4 .  ? -4.476  6.875   3.996   1.00 10.79 ? 2222 HOH B O     1 
HETATM 614 O  O     . HOH L 4 .  ? 8.728   12.618  -4.451  1.00 12.62 ? 2223 HOH B O     1 
HETATM 615 O  O     . HOH L 4 .  ? 7.614   8.574   3.324   1.00 16.28 ? 2224 HOH B O     1 
HETATM 616 O  O     . HOH L 4 .  ? 9.022   10.093  1.841   1.00 12.29 ? 2225 HOH B O     1 
HETATM 617 O  O     A HOH L 4 .  ? -3.641  6.177   -7.284  0.50 5.13  ? 2226 HOH B O     1 
HETATM 618 O  O     B HOH L 4 .  ? -4.955  6.312   -7.244  0.50 8.13  ? 2226 HOH B O     1 
HETATM 619 O  O     . HOH L 4 .  ? 13.423  2.220   6.166   1.00 11.76 ? 2227 HOH B O     1 
HETATM 620 O  O     . HOH L 4 .  ? 6.346   13.371  -5.675  1.00 18.13 ? 2228 HOH B O     1 
HETATM 621 O  O     . HOH L 4 .  ? -11.127 -6.666  4.270   1.00 26.56 ? 2229 HOH B O     1 
HETATM 622 O  O     . HOH L 4 .  ? -4.699  -9.666  -2.518  1.00 15.72 ? 2230 HOH B O     1 
HETATM 623 O  O     . HOH L 4 .  ? -3.336  8.252   -5.716  1.00 16.82 ? 2231 HOH B O     1 
HETATM 624 O  O     . HOH L 4 .  ? -4.886  -4.833  6.366   1.00 18.25 ? 2232 HOH B O     1 
HETATM 625 O  O     . HOH L 4 .  ? -10.307 0.529   4.543   1.00 18.84 ? 2233 HOH B O     1 
HETATM 626 O  O     . HOH L 4 .  ? 9.304   6.113   6.375   1.00 15.16 ? 2234 HOH B O     1 
HETATM 627 O  O     . HOH L 4 .  ? 3.532   10.378  4.686   1.00 17.27 ? 2235 HOH B O     1 
HETATM 628 O  O     . HOH L 4 .  ? -14.750 4.983   3.526   1.00 28.93 ? 2236 HOH B O     1 
HETATM 629 O  O     . HOH L 4 .  ? 13.801  2.809   2.556   1.00 17.62 ? 2237 HOH B O     1 
HETATM 630 O  O     . HOH L 4 .  ? 5.008   -6.494  6.185   1.00 22.20 ? 2238 HOH B O     1 
HETATM 631 O  O     . HOH L 4 .  ? -12.343 9.985   1.520   1.00 25.49 ? 2239 HOH B O     1 
HETATM 632 O  O     . HOH L 4 .  ? -7.343  -4.310  -8.085  1.00 26.28 ? 2240 HOH B O     1 
HETATM 633 O  O     . HOH L 4 .  ? 8.764   13.171  -0.554  1.00 31.16 ? 2241 HOH B O     1 
HETATM 634 O  O     . HOH L 4 .  ? -1.594  7.611   4.042   1.00 10.03 ? 2242 HOH B O     1 
HETATM 635 O  O     . HOH L 4 .  ? -16.013 7.929   2.790   1.00 14.60 ? 2243 HOH B O     1 
HETATM 636 O  O     . HOH L 4 .  ? 8.384   -3.971  9.706   1.00 15.34 ? 2244 HOH B O     1 
HETATM 637 O  O     . HOH L 4 .  ? 0.620   8.803   5.827   1.00 21.38 ? 2245 HOH B O     1 
HETATM 638 O  O     . HOH L 4 .  ? 10.735  3.485   -1.270  1.00 15.72 ? 2246 HOH B O     1 
HETATM 639 O  O     . HOH L 4 .  ? 5.134   14.959  -3.792  1.00 26.87 ? 2247 HOH B O     1 
HETATM 640 O  O     . HOH L 4 .  ? -14.252 5.620   6.387   1.00 25.67 ? 2248 HOH B O     1 
HETATM 641 O  O     . HOH L 4 .  ? 5.720   11.842  -7.559  1.00 24.94 ? 2249 HOH B O     1 
HETATM 642 O  O     . HOH L 4 .  ? 13.394  6.297   1.196   1.00 31.63 ? 2250 HOH B O     1 
HETATM 643 O  O     . HOH L 4 .  ? -0.952  14.038  -7.223  1.00 34.20 ? 2251 HOH B O     1 
HETATM 644 O  O     . HOH L 4 .  ? -10.141 -6.617  8.350   1.00 19.33 ? 2252 HOH B O     1 
HETATM 645 O  O     . HOH L 4 .  ? 5.041   13.491  2.165   1.00 43.09 ? 2253 HOH B O     1 
HETATM 646 O  O     . HOH L 4 .  ? -10.524 -6.067  -5.495  1.00 34.16 ? 2254 HOH B O     1 
HETATM 647 O  O     . HOH L 4 .  ? -12.951 3.189   5.862   1.00 34.36 ? 2255 HOH B O     1 
HETATM 648 O  O     . HOH L 4 .  ? -10.335 -3.004  -4.362  1.00 26.67 ? 2256 HOH B O     1 
HETATM 649 O  O     . HOH L 4 .  ? -4.353  10.557  -6.794  1.00 24.75 ? 2257 HOH B O     1 
HETATM 650 O  O     . HOH L 4 .  ? -11.911 -0.563  6.400   1.00 30.62 ? 2258 HOH B O     1 
HETATM 651 O  O     . HOH L 4 .  ? -12.764 -3.874  4.051   1.00 23.50 ? 2259 HOH B O     1 
HETATM 652 O  O     . HOH L 4 .  ? -2.357  -11.194 -9.207  1.00 21.37 ? 2260 HOH B O     1 
HETATM 653 O  O     . HOH L 4 .  ? -9.329  -9.688  -8.236  1.00 24.03 ? 2261 HOH B O     1 
HETATM 654 O  O     . HOH L 4 .  ? -4.336  14.921  -1.153  1.00 20.11 ? 2262 HOH B O     1 
HETATM 655 O  O     . HOH L 4 .  ? -6.920  -6.324  9.342   1.00 29.24 ? 2263 HOH B O     1 
HETATM 656 O  O     . HOH L 4 .  ? -8.573  -3.995  -5.626  1.00 28.03 ? 2264 HOH B O     1 
HETATM 657 O  O     . HOH L 4 .  ? -9.638  11.896  -4.267  1.00 32.88 ? 2265 HOH B O     1 
HETATM 658 O  O     . HOH L 4 .  ? -8.970  14.218  -3.195  1.00 36.20 ? 2266 HOH B O     1 
HETATM 659 O  O     . HOH L 4 .  ? 12.140  2.474   -3.985  1.00 29.94 ? 2267 HOH B O     1 
HETATM 660 O  O     . HOH L 4 .  ? -7.935  9.882   -6.917  1.00 26.35 ? 2268 HOH B O     1 
HETATM 661 O  O     . HOH L 4 .  ? -11.569 6.729   8.496   1.00 22.15 ? 2269 HOH B O     1 
HETATM 662 O  O     . HOH L 4 .  ? -13.597 8.545   8.848   1.00 38.46 ? 2270 HOH B O     1 
HETATM 663 O  O     . HOH L 4 .  ? -5.991  -1.362  12.142  1.00 39.48 ? 2271 HOH B O     1 
HETATM 664 O  O     . HOH L 4 .  ? 11.969  -2.108  2.145   1.00 23.56 ? 2272 HOH B O     1 
HETATM 665 O  O     . HOH L 4 .  ? 10.038  8.522   -4.247  1.00 32.98 ? 2273 HOH B O     1 
HETATM 666 O  O     . HOH L 4 .  ? -1.299  15.704  -4.875  1.00 33.49 ? 2274 HOH B O     1 
HETATM 667 O  O     . HOH L 4 .  ? 13.903  -0.169  3.152   1.00 29.01 ? 2275 HOH B O     1 
HETATM 668 O  O     . HOH L 4 .  ? -12.541 9.774   5.602   1.00 25.85 ? 2276 HOH B O     1 
HETATM 669 O  O     . HOH L 4 .  ? -5.428  -3.613  10.138  1.00 27.68 ? 2277 HOH B O     1 
# 
loop_
_pdbx_poly_seq_scheme.asym_id 
_pdbx_poly_seq_scheme.entity_id 
_pdbx_poly_seq_scheme.seq_id 
_pdbx_poly_seq_scheme.mon_id 
_pdbx_poly_seq_scheme.ndb_seq_num 
_pdbx_poly_seq_scheme.pdb_seq_num 
_pdbx_poly_seq_scheme.auth_seq_num 
_pdbx_poly_seq_scheme.pdb_mon_id 
_pdbx_poly_seq_scheme.auth_mon_id 
_pdbx_poly_seq_scheme.pdb_strand_id 
_pdbx_poly_seq_scheme.pdb_ins_code 
_pdbx_poly_seq_scheme.hetero 
A 1 1  DG 1  1001 1001 DG DG A . n 
A 1 2  DG 2  1002 1002 DG DG A . n 
A 1 3  DG 3  1003 1003 DG DG A . n 
A 1 4  DG 4  1004 1004 DG DG A . n 
A 1 5  DT 5  1005 1005 DT DT A . n 
A 1 6  DT 6  1006 1006 DT DT A . n 
A 1 7  DT 7  1007 1007 DT DT A . n 
A 1 8  DT 8  1008 1008 DT DT A . n 
A 1 9  DG 9  1009 1009 DG DG A . n 
A 1 10 DG 10 1010 1010 DG DG A . n 
A 1 11 DG 11 1011 1011 DG DG A . n 
A 1 12 DG 12 1012 1012 DG DG A . n 
B 1 1  DG 1  2001 2001 DG DG B . n 
B 1 2  DG 2  2002 2002 DG DG B . n 
B 1 3  DG 3  2003 2003 DG DG B . n 
B 1 4  DG 4  2004 2004 DG DG B . n 
B 1 5  DT 5  2005 2005 DT DT B . n 
B 1 6  DT 6  2006 2006 DT DT B . n 
B 1 7  DT 7  2007 2007 DT DT B . n 
B 1 8  DT 8  2008 2008 DT DT B . n 
B 1 9  DG 9  2009 2009 DG DG B . n 
B 1 10 DG 10 2010 2010 DG DG B . n 
B 1 11 DG 11 2011 2011 DG DG B . n 
B 1 12 DG 12 2012 2012 DG DG B . n 
# 
loop_
_pdbx_nonpoly_scheme.asym_id 
_pdbx_nonpoly_scheme.entity_id 
_pdbx_nonpoly_scheme.mon_id 
_pdbx_nonpoly_scheme.ndb_seq_num 
_pdbx_nonpoly_scheme.pdb_seq_num 
_pdbx_nonpoly_scheme.auth_seq_num 
_pdbx_nonpoly_scheme.pdb_mon_id 
_pdbx_nonpoly_scheme.auth_mon_id 
_pdbx_nonpoly_scheme.pdb_strand_id 
_pdbx_nonpoly_scheme.pdb_ins_code 
C 2 K   1  1101 1   K   K   A . 
D 2 K   1  1102 2   K   K   A . 
E 2 K   1  1103 3   K   K   A . 
F 2 K   1  1104 4   K   K   A . 
G 3 MG  1  1105 1   MG  MG  A . 
H 3 MG  1  1106 2   MG  MG  A . 
I 2 K   1  2101 5   K   K   B . 
J 3 MG  1  2102 3   MG  MG  B . 
K 4 HOH 1  1201 1   HOH HOH A . 
K 4 HOH 2  1202 3   HOH HOH A . 
K 4 HOH 3  1203 6   HOH HOH A . 
K 4 HOH 4  1204 8   HOH HOH A . 
K 4 HOH 5  1205 16  HOH HOH A . 
K 4 HOH 6  1206 17  HOH HOH A . 
K 4 HOH 7  1207 19  HOH HOH A . 
K 4 HOH 8  1208 20  HOH HOH A . 
K 4 HOH 9  1209 24  HOH HOH A . 
K 4 HOH 10 1210 25  HOH HOH A . 
K 4 HOH 11 1211 28  HOH HOH A . 
K 4 HOH 12 1212 30  HOH HOH A . 
K 4 HOH 13 1213 34  HOH HOH A . 
K 4 HOH 14 1214 36  HOH HOH A . 
K 4 HOH 15 1215 40  HOH HOH A . 
K 4 HOH 16 1216 44  HOH HOH A . 
K 4 HOH 17 1217 45  HOH HOH A . 
K 4 HOH 18 1218 46  HOH HOH A . 
K 4 HOH 19 1219 47  HOH HOH A . 
K 4 HOH 20 1220 48  HOH HOH A . 
K 4 HOH 21 1221 49  HOH HOH A . 
K 4 HOH 22 1222 53  HOH HOH A . 
K 4 HOH 23 1223 56  HOH HOH A . 
K 4 HOH 24 1224 57  HOH HOH A . 
K 4 HOH 25 1225 61  HOH HOH A . 
K 4 HOH 26 1226 62  HOH HOH A . 
K 4 HOH 27 1227 63  HOH HOH A . 
K 4 HOH 28 1228 68  HOH HOH A . 
K 4 HOH 29 1229 70  HOH HOH A . 
K 4 HOH 30 1230 72  HOH HOH A . 
K 4 HOH 31 1231 75  HOH HOH A . 
K 4 HOH 32 1232 79  HOH HOH A . 
K 4 HOH 33 1233 80  HOH HOH A . 
K 4 HOH 34 1234 81  HOH HOH A . 
K 4 HOH 35 1235 82  HOH HOH A . 
K 4 HOH 36 1236 83  HOH HOH A . 
K 4 HOH 37 1237 87  HOH HOH A . 
K 4 HOH 38 1238 89  HOH HOH A . 
K 4 HOH 39 1239 93  HOH HOH A . 
K 4 HOH 40 1240 105 HOH HOH A . 
K 4 HOH 41 1241 107 HOH HOH A . 
K 4 HOH 42 1242 113 HOH HOH A . 
K 4 HOH 43 1243 118 HOH HOH A . 
K 4 HOH 44 1244 119 HOH HOH A . 
K 4 HOH 45 1245 122 HOH HOH A . 
K 4 HOH 46 1246 123 HOH HOH A . 
K 4 HOH 47 1247 124 HOH HOH A . 
K 4 HOH 48 1248 125 HOH HOH A . 
K 4 HOH 49 1249 127 HOH HOH A . 
K 4 HOH 50 1250 129 HOH HOH A . 
K 4 HOH 51 1251 130 HOH HOH A . 
K 4 HOH 52 1252 131 HOH HOH A . 
K 4 HOH 53 1253 132 HOH HOH A . 
K 4 HOH 54 1254 133 HOH HOH A . 
K 4 HOH 55 1255 135 HOH HOH A . 
K 4 HOH 56 1256 136 HOH HOH A . 
K 4 HOH 57 1257 137 HOH HOH A . 
K 4 HOH 58 1258 169 HOH HOH A . 
K 4 HOH 59 1259 144 HOH HOH A . 
K 4 HOH 60 1260 145 HOH HOH A . 
K 4 HOH 61 1261 146 HOH HOH A . 
K 4 HOH 62 1262 148 HOH HOH A . 
K 4 HOH 63 1263 149 HOH HOH A . 
K 4 HOH 64 1264 155 HOH HOH A . 
K 4 HOH 65 1265 156 HOH HOH A . 
K 4 HOH 66 1266 158 HOH HOH A . 
K 4 HOH 67 1267 162 HOH HOH A . 
K 4 HOH 68 1268 163 HOH HOH A . 
K 4 HOH 69 1269 167 HOH HOH A . 
K 4 HOH 70 1270 170 HOH HOH A . 
K 4 HOH 71 1271 4   HOH HOH A . 
K 4 HOH 72 1272 15  HOH HOH A . 
K 4 HOH 73 1273 69  HOH HOH A . 
K 4 HOH 74 1274 102 HOH HOH A . 
L 4 HOH 1  2201 2   HOH HOH B . 
L 4 HOH 2  2202 5   HOH HOH B . 
L 4 HOH 3  2203 7   HOH HOH B . 
L 4 HOH 4  2204 10  HOH HOH B . 
L 4 HOH 5  2205 11  HOH HOH B . 
L 4 HOH 6  2206 12  HOH HOH B . 
L 4 HOH 7  2207 13  HOH HOH B . 
L 4 HOH 8  2208 14  HOH HOH B . 
L 4 HOH 9  2209 18  HOH HOH B . 
L 4 HOH 10 2210 21  HOH HOH B . 
L 4 HOH 11 2211 22  HOH HOH B . 
L 4 HOH 12 2212 23  HOH HOH B . 
L 4 HOH 13 2213 26  HOH HOH B . 
L 4 HOH 14 2214 27  HOH HOH B . 
L 4 HOH 15 2215 29  HOH HOH B . 
L 4 HOH 16 2216 31  HOH HOH B . 
L 4 HOH 17 2217 32  HOH HOH B . 
L 4 HOH 18 2218 33  HOH HOH B . 
L 4 HOH 19 2219 35  HOH HOH B . 
L 4 HOH 20 2220 38  HOH HOH B . 
L 4 HOH 21 2221 39  HOH HOH B . 
L 4 HOH 22 2222 41  HOH HOH B . 
L 4 HOH 23 2223 42  HOH HOH B . 
L 4 HOH 24 2224 43  HOH HOH B . 
L 4 HOH 25 2225 50  HOH HOH B . 
L 4 HOH 26 2226 51  HOH HOH B . 
L 4 HOH 27 2227 52  HOH HOH B . 
L 4 HOH 28 2228 54  HOH HOH B . 
L 4 HOH 29 2229 55  HOH HOH B . 
L 4 HOH 30 2230 58  HOH HOH B . 
L 4 HOH 31 2231 59  HOH HOH B . 
L 4 HOH 32 2232 60  HOH HOH B . 
L 4 HOH 33 2233 64  HOH HOH B . 
L 4 HOH 34 2234 65  HOH HOH B . 
L 4 HOH 35 2235 66  HOH HOH B . 
L 4 HOH 36 2236 67  HOH HOH B . 
L 4 HOH 37 2237 71  HOH HOH B . 
L 4 HOH 38 2238 74  HOH HOH B . 
L 4 HOH 39 2239 76  HOH HOH B . 
L 4 HOH 40 2240 77  HOH HOH B . 
L 4 HOH 41 2241 78  HOH HOH B . 
L 4 HOH 42 2242 84  HOH HOH B . 
L 4 HOH 43 2243 85  HOH HOH B . 
L 4 HOH 44 2244 88  HOH HOH B . 
L 4 HOH 45 2245 90  HOH HOH B . 
L 4 HOH 46 2246 91  HOH HOH B . 
L 4 HOH 47 2247 92  HOH HOH B . 
L 4 HOH 48 2248 94  HOH HOH B . 
L 4 HOH 49 2249 95  HOH HOH B . 
L 4 HOH 50 2250 96  HOH HOH B . 
L 4 HOH 51 2251 97  HOH HOH B . 
L 4 HOH 52 2252 99  HOH HOH B . 
L 4 HOH 53 2253 100 HOH HOH B . 
L 4 HOH 54 2254 101 HOH HOH B . 
L 4 HOH 55 2255 103 HOH HOH B . 
L 4 HOH 56 2256 104 HOH HOH B . 
L 4 HOH 57 2257 106 HOH HOH B . 
L 4 HOH 58 2258 109 HOH HOH B . 
L 4 HOH 59 2259 110 HOH HOH B . 
L 4 HOH 60 2260 111 HOH HOH B . 
L 4 HOH 61 2261 115 HOH HOH B . 
L 4 HOH 62 2262 116 HOH HOH B . 
L 4 HOH 63 2263 117 HOH HOH B . 
L 4 HOH 64 2264 120 HOH HOH B . 
L 4 HOH 65 2265 121 HOH HOH B . 
L 4 HOH 66 2266 141 HOH HOH B . 
L 4 HOH 67 2267 142 HOH HOH B . 
L 4 HOH 68 2268 143 HOH HOH B . 
L 4 HOH 69 2269 151 HOH HOH B . 
L 4 HOH 70 2270 152 HOH HOH B . 
L 4 HOH 71 2271 153 HOH HOH B . 
L 4 HOH 72 2272 159 HOH HOH B . 
L 4 HOH 73 2273 160 HOH HOH B . 
L 4 HOH 74 2274 161 HOH HOH B . 
L 4 HOH 75 2275 164 HOH HOH B . 
L 4 HOH 76 2276 165 HOH HOH B . 
L 4 HOH 77 2277 168 HOH HOH B . 
# 
_pdbx_struct_assembly.id                   1 
_pdbx_struct_assembly.details              author_defined_assembly 
_pdbx_struct_assembly.method_details       ? 
_pdbx_struct_assembly.oligomeric_details   dimeric 
_pdbx_struct_assembly.oligomeric_count     2 
# 
_pdbx_struct_assembly_gen.assembly_id       1 
_pdbx_struct_assembly_gen.oper_expression   1 
_pdbx_struct_assembly_gen.asym_id_list      A,B,C,D,E,F,G,H,I,J,K,L 
# 
_pdbx_struct_oper_list.id                   1 
_pdbx_struct_oper_list.type                 'identity operation' 
_pdbx_struct_oper_list.name                 1_555 
_pdbx_struct_oper_list.symmetry_operation   x,y,z 
_pdbx_struct_oper_list.matrix[1][1]         1.0000000000 
_pdbx_struct_oper_list.matrix[1][2]         0.0000000000 
_pdbx_struct_oper_list.matrix[1][3]         0.0000000000 
_pdbx_struct_oper_list.vector[1]            0.0000000000 
_pdbx_struct_oper_list.matrix[2][1]         0.0000000000 
_pdbx_struct_oper_list.matrix[2][2]         1.0000000000 
_pdbx_struct_oper_list.matrix[2][3]         0.0000000000 
_pdbx_struct_oper_list.vector[2]            0.0000000000 
_pdbx_struct_oper_list.matrix[3][1]         0.0000000000 
_pdbx_struct_oper_list.matrix[3][2]         0.0000000000 
_pdbx_struct_oper_list.matrix[3][3]         1.0000000000 
_pdbx_struct_oper_list.vector[3]            0.0000000000 
# 
_pdbx_struct_special_symmetry.id              1 
_pdbx_struct_special_symmetry.PDB_model_num   1 
_pdbx_struct_special_symmetry.auth_asym_id    A 
_pdbx_struct_special_symmetry.auth_comp_id    MG 
_pdbx_struct_special_symmetry.auth_seq_id     1105 
_pdbx_struct_special_symmetry.PDB_ins_code    ? 
_pdbx_struct_special_symmetry.label_asym_id   G 
_pdbx_struct_special_symmetry.label_comp_id   MG 
_pdbx_struct_special_symmetry.label_seq_id    . 
# 
loop_
_pdbx_struct_conn_angle.id 
_pdbx_struct_conn_angle.ptnr1_label_atom_id 
_pdbx_struct_conn_angle.ptnr1_label_alt_id 
_pdbx_struct_conn_angle.ptnr1_label_asym_id 
_pdbx_struct_conn_angle.ptnr1_label_comp_id 
_pdbx_struct_conn_angle.ptnr1_label_seq_id 
_pdbx_struct_conn_angle.ptnr1_auth_atom_id 
_pdbx_struct_conn_angle.ptnr1_auth_asym_id 
_pdbx_struct_conn_angle.ptnr1_auth_comp_id 
_pdbx_struct_conn_angle.ptnr1_auth_seq_id 
_pdbx_struct_conn_angle.ptnr1_PDB_ins_code 
_pdbx_struct_conn_angle.ptnr1_symmetry 
_pdbx_struct_conn_angle.ptnr2_label_atom_id 
_pdbx_struct_conn_angle.ptnr2_label_alt_id 
_pdbx_struct_conn_angle.ptnr2_label_asym_id 
_pdbx_struct_conn_angle.ptnr2_label_comp_id 
_pdbx_struct_conn_angle.ptnr2_label_seq_id 
_pdbx_struct_conn_angle.ptnr2_auth_atom_id 
_pdbx_struct_conn_angle.ptnr2_auth_asym_id 
_pdbx_struct_conn_angle.ptnr2_auth_comp_id 
_pdbx_struct_conn_angle.ptnr2_auth_seq_id 
_pdbx_struct_conn_angle.ptnr2_PDB_ins_code 
_pdbx_struct_conn_angle.ptnr2_symmetry 
_pdbx_struct_conn_angle.ptnr3_label_atom_id 
_pdbx_struct_conn_angle.ptnr3_label_alt_id 
_pdbx_struct_conn_angle.ptnr3_label_asym_id 
_pdbx_struct_conn_angle.ptnr3_label_comp_id 
_pdbx_struct_conn_angle.ptnr3_label_seq_id 
_pdbx_struct_conn_angle.ptnr3_auth_atom_id 
_pdbx_struct_conn_angle.ptnr3_auth_asym_id 
_pdbx_struct_conn_angle.ptnr3_auth_comp_id 
_pdbx_struct_conn_angle.ptnr3_auth_seq_id 
_pdbx_struct_conn_angle.ptnr3_PDB_ins_code 
_pdbx_struct_conn_angle.ptnr3_symmetry 
_pdbx_struct_conn_angle.value 
_pdbx_struct_conn_angle.value_esd 
1   O6 ? A DG  1  ? A DG  1001 ? 1_555 K  ? C K  . ? A K  1101 ? 1_555 O6 ? A DG  2  ? A DG  1002 ? 1_555 69.6  ? 
2   O6 ? A DG  1  ? A DG  1001 ? 1_555 K  ? C K  . ? A K  1101 ? 1_555 O6 ? A DG  11 ? A DG  1011 ? 1_555 170.9 ? 
3   O6 ? A DG  2  ? A DG  1002 ? 1_555 K  ? C K  . ? A K  1101 ? 1_555 O6 ? A DG  11 ? A DG  1011 ? 1_555 104.8 ? 
4   O6 ? A DG  1  ? A DG  1001 ? 1_555 K  ? C K  . ? A K  1101 ? 1_555 O6 ? A DG  12 ? A DG  1012 ? 1_555 109.8 ? 
5   O6 ? A DG  2  ? A DG  1002 ? 1_555 K  ? C K  . ? A K  1101 ? 1_555 O6 ? A DG  12 ? A DG  1012 ? 1_555 173.6 ? 
6   O6 ? A DG  11 ? A DG  1011 ? 1_555 K  ? C K  . ? A K  1101 ? 1_555 O6 ? A DG  12 ? A DG  1012 ? 1_555 76.6  ? 
7   O6 ? A DG  1  ? A DG  1001 ? 1_555 K  ? C K  . ? A K  1101 ? 1_555 O6 ? B DG  3  ? B DG  2003 ? 1_555 103.2 ? 
8   O6 ? A DG  2  ? A DG  1002 ? 1_555 K  ? C K  . ? A K  1101 ? 1_555 O6 ? B DG  3  ? B DG  2003 ? 1_555 68.4  ? 
9   O6 ? A DG  11 ? A DG  1011 ? 1_555 K  ? C K  . ? A K  1101 ? 1_555 O6 ? B DG  3  ? B DG  2003 ? 1_555 67.7  ? 
10  O6 ? A DG  12 ? A DG  1012 ? 1_555 K  ? C K  . ? A K  1101 ? 1_555 O6 ? B DG  3  ? B DG  2003 ? 1_555 117.7 ? 
11  O6 ? A DG  1  ? A DG  1001 ? 1_555 K  ? C K  . ? A K  1101 ? 1_555 O6 ? B DG  4  ? B DG  2004 ? 1_555 70.0  ? 
12  O6 ? A DG  2  ? A DG  1002 ? 1_555 K  ? C K  . ? A K  1101 ? 1_555 O6 ? B DG  4  ? B DG  2004 ? 1_555 114.7 ? 
13  O6 ? A DG  11 ? A DG  1011 ? 1_555 K  ? C K  . ? A K  1101 ? 1_555 O6 ? B DG  4  ? B DG  2004 ? 1_555 107.3 ? 
14  O6 ? A DG  12 ? A DG  1012 ? 1_555 K  ? C K  . ? A K  1101 ? 1_555 O6 ? B DG  4  ? B DG  2004 ? 1_555 70.4  ? 
15  O6 ? B DG  3  ? B DG  2003 ? 1_555 K  ? C K  . ? A K  1101 ? 1_555 O6 ? B DG  4  ? B DG  2004 ? 1_555 73.7  ? 
16  O6 ? A DG  1  ? A DG  1001 ? 1_555 K  ? C K  . ? A K  1101 ? 1_555 O6 ? B DG  9  ? B DG  2009 ? 1_555 70.1  ? 
17  O6 ? A DG  2  ? A DG  1002 ? 1_555 K  ? C K  . ? A K  1101 ? 1_555 O6 ? B DG  9  ? B DG  2009 ? 1_555 106.2 ? 
18  O6 ? A DG  11 ? A DG  1011 ? 1_555 K  ? C K  . ? A K  1101 ? 1_555 O6 ? B DG  9  ? B DG  2009 ? 1_555 118.8 ? 
19  O6 ? A DG  12 ? A DG  1012 ? 1_555 K  ? C K  . ? A K  1101 ? 1_555 O6 ? B DG  9  ? B DG  2009 ? 1_555 67.9  ? 
20  O6 ? B DG  3  ? B DG  2003 ? 1_555 K  ? C K  . ? A K  1101 ? 1_555 O6 ? B DG  9  ? B DG  2009 ? 1_555 172.9 ? 
21  O6 ? B DG  4  ? B DG  2004 ? 1_555 K  ? C K  . ? A K  1101 ? 1_555 O6 ? B DG  9  ? B DG  2009 ? 1_555 105.5 ? 
22  O6 ? A DG  1  ? A DG  1001 ? 1_555 K  ? C K  . ? A K  1101 ? 1_555 O6 ? B DG  10 ? B DG  2010 ? 1_555 112.1 ? 
23  O6 ? A DG  2  ? A DG  1002 ? 1_555 K  ? C K  . ? A K  1101 ? 1_555 O6 ? B DG  10 ? B DG  2010 ? 1_555 67.4  ? 
24  O6 ? A DG  11 ? A DG  1011 ? 1_555 K  ? C K  . ? A K  1101 ? 1_555 O6 ? B DG  10 ? B DG  2010 ? 1_555 70.7  ? 
25  O6 ? A DG  12 ? A DG  1012 ? 1_555 K  ? C K  . ? A K  1101 ? 1_555 O6 ? B DG  10 ? B DG  2010 ? 1_555 107.6 ? 
26  O6 ? B DG  3  ? B DG  2003 ? 1_555 K  ? C K  . ? A K  1101 ? 1_555 O6 ? B DG  10 ? B DG  2010 ? 1_555 106.4 ? 
27  O6 ? B DG  4  ? B DG  2004 ? 1_555 K  ? C K  . ? A K  1101 ? 1_555 O6 ? B DG  10 ? B DG  2010 ? 1_555 177.6 ? 
28  O6 ? B DG  9  ? B DG  2009 ? 1_555 K  ? C K  . ? A K  1101 ? 1_555 O6 ? B DG  10 ? B DG  2010 ? 1_555 74.7  ? 
29  O6 ? A DG  1  ? A DG  1001 ? 1_555 K  ? I K  . ? B K  2101 ? 1_555 O6 ? A DG  12 ? A DG  1012 ? 1_555 98.7  ? 
30  O6 ? A DG  1  ? A DG  1001 ? 1_555 K  ? I K  . ? B K  2101 ? 1_555 O6 ? B DG  4  ? B DG  2004 ? 1_555 64.4  ? 
31  O6 ? A DG  12 ? A DG  1012 ? 1_555 K  ? I K  . ? B K  2101 ? 1_555 O6 ? B DG  4  ? B DG  2004 ? 1_555 67.3  ? 
32  O6 ? A DG  1  ? A DG  1001 ? 1_555 K  ? I K  . ? B K  2101 ? 1_555 O2 ? B DT  5  ? B DT  2005 ? 1_555 87.5  ? 
33  O6 ? A DG  12 ? A DG  1012 ? 1_555 K  ? I K  . ? B K  2101 ? 1_555 O2 ? B DT  5  ? B DT  2005 ? 1_555 128.4 ? 
34  O6 ? B DG  4  ? B DG  2004 ? 1_555 K  ? I K  . ? B K  2101 ? 1_555 O2 ? B DT  5  ? B DT  2005 ? 1_555 70.0  ? 
35  O6 ? A DG  1  ? A DG  1001 ? 1_555 K  ? I K  . ? B K  2101 ? 1_555 O2 ? B DT  7  ? B DT  2007 ? 1_555 73.6  ? 
36  O6 ? A DG  12 ? A DG  1012 ? 1_555 K  ? I K  . ? B K  2101 ? 1_555 O2 ? B DT  7  ? B DT  2007 ? 1_555 153.5 ? 
37  O6 ? B DG  4  ? B DG  2004 ? 1_555 K  ? I K  . ? B K  2101 ? 1_555 O2 ? B DT  7  ? B DT  2007 ? 1_555 126.8 ? 
38  O2 ? B DT  5  ? B DT  2005 ? 1_555 K  ? I K  . ? B K  2101 ? 1_555 O2 ? B DT  7  ? B DT  2007 ? 1_555 77.4  ? 
39  O6 ? A DG  1  ? A DG  1001 ? 1_555 K  ? I K  . ? B K  2101 ? 1_555 O6 ? B DG  9  ? B DG  2009 ? 1_555 66.6  ? 
40  O6 ? A DG  12 ? A DG  1012 ? 1_555 K  ? I K  . ? B K  2101 ? 1_555 O6 ? B DG  9  ? B DG  2009 ? 1_555 67.3  ? 
41  O6 ? B DG  4  ? B DG  2004 ? 1_555 K  ? I K  . ? B K  2101 ? 1_555 O6 ? B DG  9  ? B DG  2009 ? 1_555 104.0 ? 
42  O2 ? B DT  5  ? B DT  2005 ? 1_555 K  ? I K  . ? B K  2101 ? 1_555 O6 ? B DG  9  ? B DG  2009 ? 1_555 152.7 ? 
43  O2 ? B DT  7  ? B DT  2007 ? 1_555 K  ? I K  . ? B K  2101 ? 1_555 O6 ? B DG  9  ? B DG  2009 ? 1_555 86.6  ? 
44  O6 ? A DG  1  ? A DG  1001 ? 1_555 K  ? I K  . ? B K  2101 ? 1_555 O  ? L HOH .  ? B HOH 2222 ? 1_555 139.9 ? 
45  O6 ? A DG  12 ? A DG  1012 ? 1_555 K  ? I K  . ? B K  2101 ? 1_555 O  ? L HOH .  ? B HOH 2222 ? 1_555 105.4 ? 
46  O6 ? B DG  4  ? B DG  2004 ? 1_555 K  ? I K  . ? B K  2101 ? 1_555 O  ? L HOH .  ? B HOH 2222 ? 1_555 155.2 ? 
47  O2 ? B DT  5  ? B DT  2005 ? 1_555 K  ? I K  . ? B K  2101 ? 1_555 O  ? L HOH .  ? B HOH 2222 ? 1_555 101.3 ? 
48  O2 ? B DT  7  ? B DT  2007 ? 1_555 K  ? I K  . ? B K  2101 ? 1_555 O  ? L HOH .  ? B HOH 2222 ? 1_555 70.5  ? 
49  O6 ? B DG  9  ? B DG  2009 ? 1_555 K  ? I K  . ? B K  2101 ? 1_555 O  ? L HOH .  ? B HOH 2222 ? 1_555 93.8  ? 
50  O6 ? A DG  1  ? A DG  1001 ? 1_555 K  ? I K  . ? B K  2101 ? 1_555 O  ? L HOH .  ? B HOH 2242 ? 1_555 156.6 ? 
51  O6 ? A DG  12 ? A DG  1012 ? 1_555 K  ? I K  . ? B K  2101 ? 1_555 O  ? L HOH .  ? B HOH 2242 ? 1_555 76.7  ? 
52  O6 ? B DG  4  ? B DG  2004 ? 1_555 K  ? I K  . ? B K  2101 ? 1_555 O  ? L HOH .  ? B HOH 2242 ? 1_555 93.1  ? 
53  O2 ? B DT  5  ? B DT  2005 ? 1_555 K  ? I K  . ? B K  2101 ? 1_555 O  ? L HOH .  ? B HOH 2242 ? 1_555 78.1  ? 
54  O2 ? B DT  7  ? B DT  2007 ? 1_555 K  ? I K  . ? B K  2101 ? 1_555 O  ? L HOH .  ? B HOH 2242 ? 1_555 120.1 ? 
55  O6 ? B DG  9  ? B DG  2009 ? 1_555 K  ? I K  . ? B K  2101 ? 1_555 O  ? L HOH .  ? B HOH 2242 ? 1_555 129.2 ? 
56  O  ? L HOH .  ? B HOH 2222 ? 1_555 K  ? I K  . ? B K  2101 ? 1_555 O  ? L HOH .  ? B HOH 2242 ? 1_555 62.2  ? 
57  O6 ? A DG  2  ? A DG  1002 ? 1_555 K  ? E K  . ? A K  1103 ? 1_555 O6 ? A DG  3  ? A DG  1003 ? 1_555 89.7  ? 
58  O6 ? A DG  2  ? A DG  1002 ? 1_555 K  ? E K  . ? A K  1103 ? 1_555 O6 ? A DG  10 ? A DG  1010 ? 1_555 130.0 ? 
59  O6 ? A DG  3  ? A DG  1003 ? 1_555 K  ? E K  . ? A K  1103 ? 1_555 O6 ? A DG  10 ? A DG  1010 ? 1_555 107.1 ? 
60  O6 ? A DG  2  ? A DG  1002 ? 1_555 K  ? E K  . ? A K  1103 ? 1_555 O6 ? A DG  11 ? A DG  1011 ? 1_555 110.5 ? 
61  O6 ? A DG  3  ? A DG  1003 ? 1_555 K  ? E K  . ? A K  1103 ? 1_555 O6 ? A DG  11 ? A DG  1011 ? 1_555 131.1 ? 
62  O6 ? A DG  10 ? A DG  1010 ? 1_555 K  ? E K  . ? A K  1103 ? 1_555 O6 ? A DG  11 ? A DG  1011 ? 1_555 93.3  ? 
63  O6 ? A DG  2  ? A DG  1002 ? 1_555 K  ? E K  . ? A K  1103 ? 1_555 O6 ? B DG  2  ? B DG  2002 ? 1_555 156.3 ? 
64  O6 ? A DG  3  ? A DG  1003 ? 1_555 K  ? E K  . ? A K  1103 ? 1_555 O6 ? B DG  2  ? B DG  2002 ? 1_555 70.6  ? 
65  O6 ? A DG  10 ? A DG  1010 ? 1_555 K  ? E K  . ? A K  1103 ? 1_555 O6 ? B DG  2  ? B DG  2002 ? 1_555 70.4  ? 
66  O6 ? A DG  11 ? A DG  1011 ? 1_555 K  ? E K  . ? A K  1103 ? 1_555 O6 ? B DG  2  ? B DG  2002 ? 1_555 75.7  ? 
67  O6 ? A DG  2  ? A DG  1002 ? 1_555 K  ? E K  . ? A K  1103 ? 1_555 O6 ? B DG  3  ? B DG  2003 ? 1_555 72.5  ? 
68  O6 ? A DG  3  ? A DG  1003 ? 1_555 K  ? E K  . ? A K  1103 ? 1_555 O6 ? B DG  3  ? B DG  2003 ? 1_555 78.9  ? 
69  O6 ? A DG  10 ? A DG  1010 ? 1_555 K  ? E K  . ? A K  1103 ? 1_555 O6 ? B DG  3  ? B DG  2003 ? 1_555 155.7 ? 
70  O6 ? A DG  11 ? A DG  1011 ? 1_555 K  ? E K  . ? A K  1103 ? 1_555 O6 ? B DG  3  ? B DG  2003 ? 1_555 66.8  ? 
71  O6 ? B DG  2  ? B DG  2002 ? 1_555 K  ? E K  . ? A K  1103 ? 1_555 O6 ? B DG  3  ? B DG  2003 ? 1_555 90.3  ? 
72  O6 ? A DG  2  ? A DG  1002 ? 1_555 K  ? E K  . ? A K  1103 ? 1_555 O6 ? B DG  10 ? B DG  2010 ? 1_555 71.7  ? 
73  O6 ? A DG  3  ? A DG  1003 ? 1_555 K  ? E K  . ? A K  1103 ? 1_555 O6 ? B DG  10 ? B DG  2010 ? 1_555 157.1 ? 
74  O6 ? A DG  10 ? A DG  1010 ? 1_555 K  ? E K  . ? A K  1103 ? 1_555 O6 ? B DG  10 ? B DG  2010 ? 1_555 77.0  ? 
75  O6 ? A DG  11 ? A DG  1011 ? 1_555 K  ? E K  . ? A K  1103 ? 1_555 O6 ? B DG  10 ? B DG  2010 ? 1_555 69.8  ? 
76  O6 ? B DG  2  ? B DG  2002 ? 1_555 K  ? E K  . ? A K  1103 ? 1_555 O6 ? B DG  10 ? B DG  2010 ? 1_555 130.3 ? 
77  O6 ? B DG  3  ? B DG  2003 ? 1_555 K  ? E K  . ? A K  1103 ? 1_555 O6 ? B DG  10 ? B DG  2010 ? 1_555 107.0 ? 
78  O6 ? A DG  2  ? A DG  1002 ? 1_555 K  ? E K  . ? A K  1103 ? 1_555 O6 ? B DG  11 ? B DG  2011 ? 1_555 77.5  ? 
79  O6 ? A DG  3  ? A DG  1003 ? 1_555 K  ? E K  . ? A K  1103 ? 1_555 O6 ? B DG  11 ? B DG  2011 ? 1_555 67.2  ? 
80  O6 ? A DG  10 ? A DG  1010 ? 1_555 K  ? E K  . ? A K  1103 ? 1_555 O6 ? B DG  11 ? B DG  2011 ? 1_555 67.4  ? 
81  O6 ? A DG  11 ? A DG  1011 ? 1_555 K  ? E K  . ? A K  1103 ? 1_555 O6 ? B DG  11 ? B DG  2011 ? 1_555 158.2 ? 
82  O6 ? B DG  2  ? B DG  2002 ? 1_555 K  ? E K  . ? A K  1103 ? 1_555 O6 ? B DG  11 ? B DG  2011 ? 1_555 105.4 ? 
83  O6 ? B DG  3  ? B DG  2003 ? 1_555 K  ? E K  . ? A K  1103 ? 1_555 O6 ? B DG  11 ? B DG  2011 ? 1_555 134.3 ? 
84  O6 ? B DG  10 ? B DG  2010 ? 1_555 K  ? E K  . ? A K  1103 ? 1_555 O6 ? B DG  11 ? B DG  2011 ? 1_555 95.0  ? 
85  O6 ? A DG  3  ? A DG  1003 ? 1_555 K  ? D K  . ? A K  1102 ? 1_555 O6 ? A DG  4  ? A DG  1004 ? 1_555 72.7  ? 
86  O6 ? A DG  3  ? A DG  1003 ? 1_555 K  ? D K  . ? A K  1102 ? 1_555 O6 ? A DG  9  ? A DG  1009 ? 1_555 171.4 ? 
87  O6 ? A DG  4  ? A DG  1004 ? 1_555 K  ? D K  . ? A K  1102 ? 1_555 O6 ? A DG  9  ? A DG  1009 ? 1_555 109.4 ? 
88  O6 ? A DG  3  ? A DG  1003 ? 1_555 K  ? D K  . ? A K  1102 ? 1_555 O6 ? A DG  10 ? A DG  1010 ? 1_555 104.8 ? 
89  O6 ? A DG  4  ? A DG  1004 ? 1_555 K  ? D K  . ? A K  1102 ? 1_555 O6 ? A DG  10 ? A DG  1010 ? 1_555 173.8 ? 
90  O6 ? A DG  9  ? A DG  1009 ? 1_555 K  ? D K  . ? A K  1102 ? 1_555 O6 ? A DG  10 ? A DG  1010 ? 1_555 73.9  ? 
91  O6 ? A DG  3  ? A DG  1003 ? 1_555 K  ? D K  . ? A K  1102 ? 1_555 O6 ? B DG  1  ? B DG  2001 ? 1_555 103.3 ? 
92  O6 ? A DG  4  ? A DG  1004 ? 1_555 K  ? D K  . ? A K  1102 ? 1_555 O6 ? B DG  1  ? B DG  2001 ? 1_555 71.2  ? 
93  O6 ? A DG  9  ? A DG  1009 ? 1_555 K  ? D K  . ? A K  1102 ? 1_555 O6 ? B DG  1  ? B DG  2001 ? 1_555 70.3  ? 
94  O6 ? A DG  10 ? A DG  1010 ? 1_555 K  ? D K  . ? A K  1102 ? 1_555 O6 ? B DG  1  ? B DG  2001 ? 1_555 115.0 ? 
95  O6 ? A DG  3  ? A DG  1003 ? 1_555 K  ? D K  . ? A K  1102 ? 1_555 O6 ? B DG  2  ? B DG  2002 ? 1_555 68.2  ? 
96  O6 ? A DG  4  ? A DG  1004 ? 1_555 K  ? D K  . ? A K  1102 ? 1_555 O6 ? B DG  2  ? B DG  2002 ? 1_555 114.1 ? 
97  O6 ? A DG  9  ? A DG  1009 ? 1_555 K  ? D K  . ? A K  1102 ? 1_555 O6 ? B DG  2  ? B DG  2002 ? 1_555 103.8 ? 
98  O6 ? A DG  10 ? A DG  1010 ? 1_555 K  ? D K  . ? A K  1102 ? 1_555 O6 ? B DG  2  ? B DG  2002 ? 1_555 69.4  ? 
99  O6 ? B DG  1  ? B DG  2001 ? 1_555 K  ? D K  . ? A K  1102 ? 1_555 O6 ? B DG  2  ? B DG  2002 ? 1_555 69.0  ? 
100 O6 ? A DG  3  ? A DG  1003 ? 1_555 K  ? D K  . ? A K  1102 ? 1_555 O6 ? B DG  11 ? B DG  2011 ? 1_555 68.1  ? 
101 O6 ? A DG  4  ? A DG  1004 ? 1_555 K  ? D K  . ? A K  1102 ? 1_555 O6 ? B DG  11 ? B DG  2011 ? 1_555 104.0 ? 
102 O6 ? A DG  9  ? A DG  1009 ? 1_555 K  ? D K  . ? A K  1102 ? 1_555 O6 ? B DG  11 ? B DG  2011 ? 1_555 118.4 ? 
103 O6 ? A DG  10 ? A DG  1010 ? 1_555 K  ? D K  . ? A K  1102 ? 1_555 O6 ? B DG  11 ? B DG  2011 ? 1_555 69.8  ? 
104 O6 ? B DG  1  ? B DG  2001 ? 1_555 K  ? D K  . ? A K  1102 ? 1_555 O6 ? B DG  11 ? B DG  2011 ? 1_555 171.3 ? 
105 O6 ? B DG  2  ? B DG  2002 ? 1_555 K  ? D K  . ? A K  1102 ? 1_555 O6 ? B DG  11 ? B DG  2011 ? 1_555 107.6 ? 
106 O6 ? A DG  3  ? A DG  1003 ? 1_555 K  ? D K  . ? A K  1102 ? 1_555 O6 ? B DG  12 ? B DG  2012 ? 1_555 117.1 ? 
107 O6 ? A DG  4  ? A DG  1004 ? 1_555 K  ? D K  . ? A K  1102 ? 1_555 O6 ? B DG  12 ? B DG  2012 ? 1_555 68.6  ? 
108 O6 ? A DG  9  ? A DG  1009 ? 1_555 K  ? D K  . ? A K  1102 ? 1_555 O6 ? B DG  12 ? B DG  2012 ? 1_555 70.9  ? 
109 O6 ? A DG  10 ? A DG  1010 ? 1_555 K  ? D K  . ? A K  1102 ? 1_555 O6 ? B DG  12 ? B DG  2012 ? 1_555 108.4 ? 
110 O6 ? B DG  1  ? B DG  2001 ? 1_555 K  ? D K  . ? A K  1102 ? 1_555 O6 ? B DG  12 ? B DG  2012 ? 1_555 108.5 ? 
111 O6 ? B DG  2  ? B DG  2002 ? 1_555 K  ? D K  . ? A K  1102 ? 1_555 O6 ? B DG  12 ? B DG  2012 ? 1_555 174.7 ? 
112 O6 ? B DG  11 ? B DG  2011 ? 1_555 K  ? D K  . ? A K  1102 ? 1_555 O6 ? B DG  12 ? B DG  2012 ? 1_555 75.6  ? 
113 O6 ? A DG  4  ? A DG  1004 ? 1_555 K  ? F K  . ? A K  1104 ? 1_555 O2 ? A DT  5  ? A DT  1005 ? 1_555 69.6  ? 
114 O6 ? A DG  4  ? A DG  1004 ? 1_555 K  ? F K  . ? A K  1104 ? 1_555 O2 ? A DT  7  ? A DT  1007 ? 1_555 124.7 ? 
115 O2 ? A DT  5  ? A DT  1005 ? 1_555 K  ? F K  . ? A K  1104 ? 1_555 O2 ? A DT  7  ? A DT  1007 ? 1_555 81.9  ? 
116 O6 ? A DG  4  ? A DG  1004 ? 1_555 K  ? F K  . ? A K  1104 ? 1_555 O6 ? A DG  9  ? A DG  1009 ? 1_555 96.1  ? 
117 O2 ? A DT  5  ? A DT  1005 ? 1_555 K  ? F K  . ? A K  1104 ? 1_555 O6 ? A DG  9  ? A DG  1009 ? 1_555 146.5 ? 
118 O2 ? A DT  7  ? A DT  1007 ? 1_555 K  ? F K  . ? A K  1104 ? 1_555 O6 ? A DG  9  ? A DG  1009 ? 1_555 82.4  ? 
119 O6 ? A DG  4  ? A DG  1004 ? 1_555 K  ? F K  . ? A K  1104 ? 1_555 O  ? K HOH .  ? A HOH 1208 ? 1_555 87.9  ? 
120 O2 ? A DT  5  ? A DT  1005 ? 1_555 K  ? F K  . ? A K  1104 ? 1_555 O  ? K HOH .  ? A HOH 1208 ? 1_555 81.9  ? 
121 O2 ? A DT  7  ? A DT  1007 ? 1_555 K  ? F K  . ? A K  1104 ? 1_555 O  ? K HOH .  ? A HOH 1208 ? 1_555 134.6 ? 
122 O6 ? A DG  9  ? A DG  1009 ? 1_555 K  ? F K  . ? A K  1104 ? 1_555 O  ? K HOH .  ? A HOH 1208 ? 1_555 129.1 ? 
123 O6 ? A DG  4  ? A DG  1004 ? 1_555 K  ? F K  . ? A K  1104 ? 1_555 O  ? K HOH .  ? A HOH 1236 ? 1_555 155.4 ? 
124 O2 ? A DT  5  ? A DT  1005 ? 1_555 K  ? F K  . ? A K  1104 ? 1_555 O  ? K HOH .  ? A HOH 1236 ? 1_555 106.5 ? 
125 O2 ? A DT  7  ? A DT  1007 ? 1_555 K  ? F K  . ? A K  1104 ? 1_555 O  ? K HOH .  ? A HOH 1236 ? 1_555 77.1  ? 
126 O6 ? A DG  9  ? A DG  1009 ? 1_555 K  ? F K  . ? A K  1104 ? 1_555 O  ? K HOH .  ? A HOH 1236 ? 1_555 98.4  ? 
127 O  ? K HOH .  ? A HOH 1208 ? 1_555 K  ? F K  . ? A K  1104 ? 1_555 O  ? K HOH .  ? A HOH 1236 ? 1_555 67.5  ? 
128 O6 ? A DG  4  ? A DG  1004 ? 1_555 K  ? F K  . ? A K  1104 ? 1_555 O6 ? B DG  1  ? B DG  2001 ? 1_555 61.5  ? 
129 O2 ? A DT  5  ? A DT  1005 ? 1_555 K  ? F K  . ? A K  1104 ? 1_555 O6 ? B DG  1  ? B DG  2001 ? 1_555 85.5  ? 
130 O2 ? A DT  7  ? A DT  1007 ? 1_555 K  ? F K  . ? A K  1104 ? 1_555 O6 ? B DG  1  ? B DG  2001 ? 1_555 70.1  ? 
131 O6 ? A DG  9  ? A DG  1009 ? 1_555 K  ? F K  . ? A K  1104 ? 1_555 O6 ? B DG  1  ? B DG  2001 ? 1_555 61.4  ? 
132 O  ? K HOH .  ? A HOH 1208 ? 1_555 K  ? F K  . ? A K  1104 ? 1_555 O6 ? B DG  1  ? B DG  2001 ? 1_555 149.4 ? 
133 O  ? K HOH .  ? A HOH 1236 ? 1_555 K  ? F K  . ? A K  1104 ? 1_555 O6 ? B DG  1  ? B DG  2001 ? 1_555 143.1 ? 
134 O6 ? A DG  4  ? A DG  1004 ? 1_555 K  ? F K  . ? A K  1104 ? 1_555 O6 ? B DG  12 ? B DG  2012 ? 1_555 63.4  ? 
135 O2 ? A DT  5  ? A DT  1005 ? 1_555 K  ? F K  . ? A K  1104 ? 1_555 O6 ? B DG  12 ? B DG  2012 ? 1_555 125.5 ? 
136 O2 ? A DT  7  ? A DT  1007 ? 1_555 K  ? F K  . ? A K  1104 ? 1_555 O6 ? B DG  12 ? B DG  2012 ? 1_555 148.7 ? 
137 O6 ? A DG  9  ? A DG  1009 ? 1_555 K  ? F K  . ? A K  1104 ? 1_555 O6 ? B DG  12 ? B DG  2012 ? 1_555 66.4  ? 
138 O  ? K HOH .  ? A HOH 1208 ? 1_555 K  ? F K  . ? A K  1104 ? 1_555 O6 ? B DG  12 ? B DG  2012 ? 1_555 70.6  ? 
139 O  ? K HOH .  ? A HOH 1236 ? 1_555 K  ? F K  . ? A K  1104 ? 1_555 O6 ? B DG  12 ? B DG  2012 ? 1_555 104.8 ? 
140 O6 ? B DG  1  ? B DG  2001 ? 1_555 K  ? F K  . ? A K  1104 ? 1_555 O6 ? B DG  12 ? B DG  2012 ? 1_555 95.0  ? 
141 O  ? K HOH .  ? A HOH 1225 ? 1_555 MG ? G MG . ? A MG 1105 ? 1_555 O  ? K HOH .  ? A HOH 1235 ? 1_555 99.4  ? 
142 O  ? K HOH .  ? A HOH 1225 ? 1_555 MG ? G MG . ? A MG 1105 ? 1_555 O  ? K HOH .  ? A HOH 1248 ? 1_555 90.2  ? 
143 O  ? K HOH .  ? A HOH 1235 ? 1_555 MG ? G MG . ? A MG 1105 ? 1_555 O  ? K HOH .  ? A HOH 1248 ? 1_555 84.0  ? 
144 O  ? K HOH .  ? A HOH 1206 ? 1_555 MG ? H MG . ? A MG 1106 ? 1_555 O  ? K HOH .  ? A HOH 1224 ? 1_555 85.7  ? 
145 O  ? K HOH .  ? A HOH 1206 ? 1_555 MG ? H MG . ? A MG 1106 ? 1_555 O  ? K HOH .  ? A HOH 1234 ? 1_555 76.9  ? 
146 O  ? K HOH .  ? A HOH 1224 ? 1_555 MG ? H MG . ? A MG 1106 ? 1_555 O  ? K HOH .  ? A HOH 1234 ? 1_555 78.0  ? 
147 O  ? L HOH .  ? B HOH 2210 ? 1_555 MG ? J MG . ? B MG 2102 ? 1_555 O  ? L HOH .  ? B HOH 2236 ? 1_555 78.7  ? 
148 O  ? L HOH .  ? B HOH 2210 ? 1_555 MG ? J MG . ? B MG 2102 ? 1_555 O  ? L HOH .  ? B HOH 2243 ? 1_555 83.8  ? 
149 O  ? L HOH .  ? B HOH 2236 ? 1_555 MG ? J MG . ? B MG 2102 ? 1_555 O  ? L HOH .  ? B HOH 2243 ? 1_555 86.3  ? 
# 
loop_
_pdbx_audit_revision_history.ordinal 
_pdbx_audit_revision_history.data_content_type 
_pdbx_audit_revision_history.major_revision 
_pdbx_audit_revision_history.minor_revision 
_pdbx_audit_revision_history.revision_date 
1 'Structure model' 1 0 2014-11-12 
2 'Structure model' 1 1 2015-01-14 
3 'Structure model' 1 2 2023-09-20 
# 
_pdbx_audit_revision_details.ordinal             1 
_pdbx_audit_revision_details.revision_ordinal    1 
_pdbx_audit_revision_details.data_content_type   'Structure model' 
_pdbx_audit_revision_details.provider            repository 
_pdbx_audit_revision_details.type                'Initial release' 
_pdbx_audit_revision_details.description         ? 
_pdbx_audit_revision_details.details             ? 
# 
loop_
_pdbx_audit_revision_group.ordinal 
_pdbx_audit_revision_group.revision_ordinal 
_pdbx_audit_revision_group.data_content_type 
_pdbx_audit_revision_group.group 
1 2 'Structure model' 'Database references'    
2 3 'Structure model' 'Data collection'        
3 3 'Structure model' 'Database references'    
4 3 'Structure model' 'Derived calculations'   
5 3 'Structure model' 'Refinement description' 
# 
loop_
_pdbx_audit_revision_category.ordinal 
_pdbx_audit_revision_category.revision_ordinal 
_pdbx_audit_revision_category.data_content_type 
_pdbx_audit_revision_category.category 
1 3 'Structure model' chem_comp_atom                
2 3 'Structure model' chem_comp_bond                
3 3 'Structure model' database_2                    
4 3 'Structure model' pdbx_initial_refinement_model 
5 3 'Structure model' pdbx_struct_conn_angle        
6 3 'Structure model' struct_conn                   
# 
loop_
_pdbx_audit_revision_item.ordinal 
_pdbx_audit_revision_item.revision_ordinal 
_pdbx_audit_revision_item.data_content_type 
_pdbx_audit_revision_item.item 
1  3 'Structure model' '_database_2.pdbx_DOI'                        
2  3 'Structure model' '_database_2.pdbx_database_accession'         
3  3 'Structure model' '_pdbx_struct_conn_angle.ptnr1_auth_asym_id'  
4  3 'Structure model' '_pdbx_struct_conn_angle.ptnr1_auth_comp_id'  
5  3 'Structure model' '_pdbx_struct_conn_angle.ptnr1_auth_seq_id'   
6  3 'Structure model' '_pdbx_struct_conn_angle.ptnr1_label_asym_id' 
7  3 'Structure model' '_pdbx_struct_conn_angle.ptnr1_label_atom_id' 
8  3 'Structure model' '_pdbx_struct_conn_angle.ptnr1_label_comp_id' 
9  3 'Structure model' '_pdbx_struct_conn_angle.ptnr1_label_seq_id'  
10 3 'Structure model' '_pdbx_struct_conn_angle.ptnr2_auth_seq_id'   
11 3 'Structure model' '_pdbx_struct_conn_angle.ptnr2_label_asym_id' 
12 3 'Structure model' '_pdbx_struct_conn_angle.ptnr3_auth_asym_id'  
13 3 'Structure model' '_pdbx_struct_conn_angle.ptnr3_auth_comp_id'  
14 3 'Structure model' '_pdbx_struct_conn_angle.ptnr3_auth_seq_id'   
15 3 'Structure model' '_pdbx_struct_conn_angle.ptnr3_label_asym_id' 
16 3 'Structure model' '_pdbx_struct_conn_angle.ptnr3_label_atom_id' 
17 3 'Structure model' '_pdbx_struct_conn_angle.ptnr3_label_comp_id' 
18 3 'Structure model' '_pdbx_struct_conn_angle.ptnr3_label_seq_id'  
19 3 'Structure model' '_pdbx_struct_conn_angle.value'               
20 3 'Structure model' '_struct_conn.pdbx_dist_value'                
21 3 'Structure model' '_struct_conn.ptnr1_auth_asym_id'             
22 3 'Structure model' '_struct_conn.ptnr1_auth_comp_id'             
23 3 'Structure model' '_struct_conn.ptnr1_auth_seq_id'              
24 3 'Structure model' '_struct_conn.ptnr1_label_asym_id'            
25 3 'Structure model' '_struct_conn.ptnr1_label_atom_id'            
26 3 'Structure model' '_struct_conn.ptnr1_label_comp_id'            
27 3 'Structure model' '_struct_conn.ptnr1_label_seq_id'             
28 3 'Structure model' '_struct_conn.ptnr2_auth_asym_id'             
29 3 'Structure model' '_struct_conn.ptnr2_auth_comp_id'             
30 3 'Structure model' '_struct_conn.ptnr2_auth_seq_id'              
31 3 'Structure model' '_struct_conn.ptnr2_label_asym_id'            
32 3 'Structure model' '_struct_conn.ptnr2_label_atom_id'            
33 3 'Structure model' '_struct_conn.ptnr2_label_comp_id'            
34 3 'Structure model' '_struct_conn.ptnr2_label_seq_id'             
# 
loop_
_software.name 
_software.classification 
_software.version 
_software.citation_id 
_software.pdbx_ordinal 
CrystalClear 'data collection' .        ? 1 
PHASER       phasing           .        ? 2 
REFMAC       refinement        5.8.0049 ? 3 
CrystalClear 'data reduction'  .        ? 4 
CrystalClear 'data scaling'    .        ? 5 
# 
_pdbx_validate_symm_contact.id                1 
_pdbx_validate_symm_contact.PDB_model_num     1 
_pdbx_validate_symm_contact.auth_atom_id_1    O 
_pdbx_validate_symm_contact.auth_asym_id_1    A 
_pdbx_validate_symm_contact.auth_comp_id_1    HOH 
_pdbx_validate_symm_contact.auth_seq_id_1     1261 
_pdbx_validate_symm_contact.PDB_ins_code_1    ? 
_pdbx_validate_symm_contact.label_alt_id_1    ? 
_pdbx_validate_symm_contact.site_symmetry_1   1_555 
_pdbx_validate_symm_contact.auth_atom_id_2    O 
_pdbx_validate_symm_contact.auth_asym_id_2    B 
_pdbx_validate_symm_contact.auth_comp_id_2    HOH 
_pdbx_validate_symm_contact.auth_seq_id_2     2244 
_pdbx_validate_symm_contact.PDB_ins_code_2    ? 
_pdbx_validate_symm_contact.label_alt_id_2    ? 
_pdbx_validate_symm_contact.site_symmetry_2   4_545 
_pdbx_validate_symm_contact.dist              2.18 
# 
loop_
_pdbx_validate_rmsd_angle.id 
_pdbx_validate_rmsd_angle.PDB_model_num 
_pdbx_validate_rmsd_angle.auth_atom_id_1 
_pdbx_validate_rmsd_angle.auth_asym_id_1 
_pdbx_validate_rmsd_angle.auth_comp_id_1 
_pdbx_validate_rmsd_angle.auth_seq_id_1 
_pdbx_validate_rmsd_angle.PDB_ins_code_1 
_pdbx_validate_rmsd_angle.label_alt_id_1 
_pdbx_validate_rmsd_angle.auth_atom_id_2 
_pdbx_validate_rmsd_angle.auth_asym_id_2 
_pdbx_validate_rmsd_angle.auth_comp_id_2 
_pdbx_validate_rmsd_angle.auth_seq_id_2 
_pdbx_validate_rmsd_angle.PDB_ins_code_2 
_pdbx_validate_rmsd_angle.label_alt_id_2 
_pdbx_validate_rmsd_angle.auth_atom_id_3 
_pdbx_validate_rmsd_angle.auth_asym_id_3 
_pdbx_validate_rmsd_angle.auth_comp_id_3 
_pdbx_validate_rmsd_angle.auth_seq_id_3 
_pdbx_validate_rmsd_angle.PDB_ins_code_3 
_pdbx_validate_rmsd_angle.label_alt_id_3 
_pdbx_validate_rmsd_angle.angle_value 
_pdbx_validate_rmsd_angle.angle_target_value 
_pdbx_validate_rmsd_angle.angle_deviation 
_pdbx_validate_rmsd_angle.angle_standard_deviation 
_pdbx_validate_rmsd_angle.linker_flag 
1 1 "O5'" A DG 1009 ? ? P     A DG 1009 ? ? OP1   A DG 1009 ? ? 99.66  105.70 -6.04 0.90 N 
2 1 "O5'" A DG 1011 ? ? "C5'" A DG 1011 ? ? "C4'" A DG 1011 ? ? 104.56 109.40 -4.84 0.80 N 
# 
loop_
_chem_comp_atom.comp_id 
_chem_comp_atom.atom_id 
_chem_comp_atom.type_symbol 
_chem_comp_atom.pdbx_aromatic_flag 
_chem_comp_atom.pdbx_stereo_config 
_chem_comp_atom.pdbx_ordinal 
DG  OP3    O  N N 1  
DG  P      P  N N 2  
DG  OP1    O  N N 3  
DG  OP2    O  N N 4  
DG  "O5'"  O  N N 5  
DG  "C5'"  C  N N 6  
DG  "C4'"  C  N R 7  
DG  "O4'"  O  N N 8  
DG  "C3'"  C  N S 9  
DG  "O3'"  O  N N 10 
DG  "C2'"  C  N N 11 
DG  "C1'"  C  N R 12 
DG  N9     N  Y N 13 
DG  C8     C  Y N 14 
DG  N7     N  Y N 15 
DG  C5     C  Y N 16 
DG  C6     C  N N 17 
DG  O6     O  N N 18 
DG  N1     N  N N 19 
DG  C2     C  N N 20 
DG  N2     N  N N 21 
DG  N3     N  N N 22 
DG  C4     C  Y N 23 
DG  HOP3   H  N N 24 
DG  HOP2   H  N N 25 
DG  "H5'"  H  N N 26 
DG  "H5''" H  N N 27 
DG  "H4'"  H  N N 28 
DG  "H3'"  H  N N 29 
DG  "HO3'" H  N N 30 
DG  "H2'"  H  N N 31 
DG  "H2''" H  N N 32 
DG  "H1'"  H  N N 33 
DG  H8     H  N N 34 
DG  H1     H  N N 35 
DG  H21    H  N N 36 
DG  H22    H  N N 37 
DT  OP3    O  N N 38 
DT  P      P  N N 39 
DT  OP1    O  N N 40 
DT  OP2    O  N N 41 
DT  "O5'"  O  N N 42 
DT  "C5'"  C  N N 43 
DT  "C4'"  C  N R 44 
DT  "O4'"  O  N N 45 
DT  "C3'"  C  N S 46 
DT  "O3'"  O  N N 47 
DT  "C2'"  C  N N 48 
DT  "C1'"  C  N R 49 
DT  N1     N  N N 50 
DT  C2     C  N N 51 
DT  O2     O  N N 52 
DT  N3     N  N N 53 
DT  C4     C  N N 54 
DT  O4     O  N N 55 
DT  C5     C  N N 56 
DT  C7     C  N N 57 
DT  C6     C  N N 58 
DT  HOP3   H  N N 59 
DT  HOP2   H  N N 60 
DT  "H5'"  H  N N 61 
DT  "H5''" H  N N 62 
DT  "H4'"  H  N N 63 
DT  "H3'"  H  N N 64 
DT  "HO3'" H  N N 65 
DT  "H2'"  H  N N 66 
DT  "H2''" H  N N 67 
DT  "H1'"  H  N N 68 
DT  H3     H  N N 69 
DT  H71    H  N N 70 
DT  H72    H  N N 71 
DT  H73    H  N N 72 
DT  H6     H  N N 73 
HOH O      O  N N 74 
HOH H1     H  N N 75 
HOH H2     H  N N 76 
K   K      K  N N 77 
MG  MG     MG N N 78 
# 
loop_
_chem_comp_bond.comp_id 
_chem_comp_bond.atom_id_1 
_chem_comp_bond.atom_id_2 
_chem_comp_bond.value_order 
_chem_comp_bond.pdbx_aromatic_flag 
_chem_comp_bond.pdbx_stereo_config 
_chem_comp_bond.pdbx_ordinal 
DG  OP3   P      sing N N 1  
DG  OP3   HOP3   sing N N 2  
DG  P     OP1    doub N N 3  
DG  P     OP2    sing N N 4  
DG  P     "O5'"  sing N N 5  
DG  OP2   HOP2   sing N N 6  
DG  "O5'" "C5'"  sing N N 7  
DG  "C5'" "C4'"  sing N N 8  
DG  "C5'" "H5'"  sing N N 9  
DG  "C5'" "H5''" sing N N 10 
DG  "C4'" "O4'"  sing N N 11 
DG  "C4'" "C3'"  sing N N 12 
DG  "C4'" "H4'"  sing N N 13 
DG  "O4'" "C1'"  sing N N 14 
DG  "C3'" "O3'"  sing N N 15 
DG  "C3'" "C2'"  sing N N 16 
DG  "C3'" "H3'"  sing N N 17 
DG  "O3'" "HO3'" sing N N 18 
DG  "C2'" "C1'"  sing N N 19 
DG  "C2'" "H2'"  sing N N 20 
DG  "C2'" "H2''" sing N N 21 
DG  "C1'" N9     sing N N 22 
DG  "C1'" "H1'"  sing N N 23 
DG  N9    C8     sing Y N 24 
DG  N9    C4     sing Y N 25 
DG  C8    N7     doub Y N 26 
DG  C8    H8     sing N N 27 
DG  N7    C5     sing Y N 28 
DG  C5    C6     sing N N 29 
DG  C5    C4     doub Y N 30 
DG  C6    O6     doub N N 31 
DG  C6    N1     sing N N 32 
DG  N1    C2     sing N N 33 
DG  N1    H1     sing N N 34 
DG  C2    N2     sing N N 35 
DG  C2    N3     doub N N 36 
DG  N2    H21    sing N N 37 
DG  N2    H22    sing N N 38 
DG  N3    C4     sing N N 39 
DT  OP3   P      sing N N 40 
DT  OP3   HOP3   sing N N 41 
DT  P     OP1    doub N N 42 
DT  P     OP2    sing N N 43 
DT  P     "O5'"  sing N N 44 
DT  OP2   HOP2   sing N N 45 
DT  "O5'" "C5'"  sing N N 46 
DT  "C5'" "C4'"  sing N N 47 
DT  "C5'" "H5'"  sing N N 48 
DT  "C5'" "H5''" sing N N 49 
DT  "C4'" "O4'"  sing N N 50 
DT  "C4'" "C3'"  sing N N 51 
DT  "C4'" "H4'"  sing N N 52 
DT  "O4'" "C1'"  sing N N 53 
DT  "C3'" "O3'"  sing N N 54 
DT  "C3'" "C2'"  sing N N 55 
DT  "C3'" "H3'"  sing N N 56 
DT  "O3'" "HO3'" sing N N 57 
DT  "C2'" "C1'"  sing N N 58 
DT  "C2'" "H2'"  sing N N 59 
DT  "C2'" "H2''" sing N N 60 
DT  "C1'" N1     sing N N 61 
DT  "C1'" "H1'"  sing N N 62 
DT  N1    C2     sing N N 63 
DT  N1    C6     sing N N 64 
DT  C2    O2     doub N N 65 
DT  C2    N3     sing N N 66 
DT  N3    C4     sing N N 67 
DT  N3    H3     sing N N 68 
DT  C4    O4     doub N N 69 
DT  C4    C5     sing N N 70 
DT  C5    C7     sing N N 71 
DT  C5    C6     doub N N 72 
DT  C7    H71    sing N N 73 
DT  C7    H72    sing N N 74 
DT  C7    H73    sing N N 75 
DT  C6    H6     sing N N 76 
HOH O     H1     sing N N 77 
HOH O     H2     sing N N 78 
# 
_ndb_struct_conf_na.entry_id   4R47 
_ndb_struct_conf_na.feature    'quadruple helix' 
# 
loop_
_pdbx_entity_nonpoly.entity_id 
_pdbx_entity_nonpoly.name 
_pdbx_entity_nonpoly.comp_id 
2 'POTASSIUM ION' K   
3 'MAGNESIUM ION' MG  
4 water           HOH 
# 
_pdbx_initial_refinement_model.id               1 
_pdbx_initial_refinement_model.entity_id_list   ? 
_pdbx_initial_refinement_model.type             'experimental model' 
_pdbx_initial_refinement_model.source_name      PDB 
_pdbx_initial_refinement_model.accession_code   1JRN 
_pdbx_initial_refinement_model.details          'PDB ENTRY 1JRN' 
# 
